data_6KJO
#
_entry.id   6KJO
#
_entity_poly.entity_id   1
_entity_poly.type   'polypeptide(L)'
_entity_poly.pdbx_seq_one_letter_code
;GSHMKCIQDIEPTILEAQRGVKNIKKQQLTEIRSMVNPPSGVKIVMEAVCAILGYQFSNWRDIQQFIRKDDFIHNIVHYD
TTLHMKPQIRKYMEEEFLSDPNFTYETINRASKACGPLYQWVNAQINFSKCLENVDPLRQE
;
_entity_poly.pdbx_strand_id   A
#
# COMPACT_ATOMS: atom_id res chain seq x y z
N GLY A 1 -14.41 -12.93 -13.93
CA GLY A 1 -13.98 -11.56 -14.37
C GLY A 1 -15.19 -10.63 -14.36
N SER A 2 -15.41 -9.96 -13.24
CA SER A 2 -16.53 -9.03 -13.12
C SER A 2 -16.39 -7.88 -14.11
N HIS A 3 -15.16 -7.42 -14.30
CA HIS A 3 -14.91 -6.32 -15.22
C HIS A 3 -13.92 -6.75 -16.30
N MET A 4 -13.97 -6.08 -17.46
CA MET A 4 -13.06 -6.39 -18.55
C MET A 4 -11.75 -5.62 -18.39
N LYS A 5 -11.46 -5.19 -17.17
CA LYS A 5 -10.24 -4.45 -16.90
C LYS A 5 -9.19 -5.35 -16.25
N CYS A 6 -7.94 -5.18 -16.66
CA CYS A 6 -6.85 -5.98 -16.12
C CYS A 6 -5.62 -5.13 -15.90
N ILE A 7 -4.51 -5.76 -15.54
CA ILE A 7 -3.26 -5.03 -15.29
C ILE A 7 -2.96 -4.06 -16.42
N GLN A 8 -3.49 -4.34 -17.60
CA GLN A 8 -3.25 -3.47 -18.75
C GLN A 8 -3.72 -2.05 -18.48
N ASP A 9 -5.04 -1.88 -18.39
CA ASP A 9 -5.61 -0.56 -18.14
C ASP A 9 -6.28 -0.51 -16.77
N ILE A 10 -5.90 -1.43 -15.89
CA ILE A 10 -6.50 -1.51 -14.58
C ILE A 10 -6.60 -0.13 -13.95
N GLU A 11 -7.67 0.08 -13.17
CA GLU A 11 -7.92 1.36 -12.51
C GLU A 11 -6.59 2.10 -12.33
N PRO A 12 -6.51 3.33 -12.76
CA PRO A 12 -5.27 4.14 -12.69
C PRO A 12 -4.78 4.35 -11.27
N THR A 13 -5.57 3.89 -10.30
CA THR A 13 -5.20 4.04 -8.90
C THR A 13 -3.81 3.47 -8.66
N ILE A 14 -3.38 2.52 -9.49
CA ILE A 14 -2.07 1.93 -9.34
C ILE A 14 -0.97 2.94 -9.65
N LEU A 15 -0.96 3.43 -10.88
CA LEU A 15 0.04 4.41 -11.29
C LEU A 15 -0.15 5.72 -10.53
N GLU A 16 -1.40 6.07 -10.31
CA GLU A 16 -1.73 7.29 -9.57
C GLU A 16 -1.22 7.20 -8.14
N ALA A 17 -1.25 5.99 -7.58
CA ALA A 17 -0.79 5.79 -6.21
C ALA A 17 0.71 5.93 -6.10
N GLN A 18 1.43 5.37 -7.07
CA GLN A 18 2.88 5.45 -7.07
C GLN A 18 3.35 6.89 -7.31
N ARG A 19 2.68 7.57 -8.22
CA ARG A 19 3.03 8.95 -8.54
C ARG A 19 2.91 9.82 -7.29
N GLY A 20 1.79 9.68 -6.58
CA GLY A 20 1.59 10.45 -5.37
C GLY A 20 2.58 10.05 -4.28
N VAL A 21 2.84 8.74 -4.18
CA VAL A 21 3.76 8.24 -3.17
C VAL A 21 5.12 8.91 -3.28
N LYS A 22 5.64 8.98 -4.50
CA LYS A 22 6.93 9.61 -4.73
C LYS A 22 6.82 11.13 -4.61
N ASN A 23 5.62 11.65 -4.80
CA ASN A 23 5.39 13.08 -4.72
C ASN A 23 5.41 13.54 -3.26
N ILE A 24 5.55 12.59 -2.34
CA ILE A 24 5.59 12.92 -0.93
C ILE A 24 6.95 13.48 -0.54
N LYS A 25 6.96 14.67 0.07
CA LYS A 25 8.20 15.30 0.47
C LYS A 25 8.67 14.75 1.83
N LYS A 26 9.96 14.90 2.09
CA LYS A 26 10.53 14.41 3.33
C LYS A 26 9.82 15.04 4.52
N GLN A 27 9.42 16.30 4.38
CA GLN A 27 8.71 17.00 5.45
C GLN A 27 7.39 16.30 5.77
N GLN A 28 6.70 15.85 4.72
CA GLN A 28 5.42 15.17 4.90
C GLN A 28 5.61 13.87 5.67
N LEU A 29 6.76 13.24 5.46
CA LEU A 29 7.05 11.98 6.15
C LEU A 29 7.68 12.26 7.52
N THR A 30 8.38 13.38 7.63
CA THR A 30 9.02 13.75 8.88
C THR A 30 7.98 13.99 9.98
N GLU A 31 6.90 14.66 9.61
CA GLU A 31 5.84 14.93 10.57
C GLU A 31 5.13 13.64 10.98
N ILE A 32 5.02 12.71 10.04
CA ILE A 32 4.38 11.43 10.31
C ILE A 32 5.22 10.61 11.27
N ARG A 33 6.53 10.63 11.07
CA ARG A 33 7.44 9.88 11.92
C ARG A 33 7.61 10.57 13.27
N SER A 34 7.24 11.86 13.31
CA SER A 34 7.35 12.62 14.55
C SER A 34 6.10 12.44 15.40
N MET A 35 4.99 12.08 14.74
CA MET A 35 3.74 11.88 15.45
C MET A 35 3.89 10.79 16.51
N VAL A 36 3.89 11.20 17.78
CA VAL A 36 4.03 10.24 18.87
C VAL A 36 2.88 9.26 18.87
N ASN A 37 1.65 9.77 18.70
CA ASN A 37 0.48 8.92 18.68
C ASN A 37 -0.29 9.09 17.36
N PRO A 38 -0.05 8.23 16.41
CA PRO A 38 -0.72 8.31 15.08
C PRO A 38 -2.22 7.99 15.17
N PRO A 39 -3.03 8.71 14.42
CA PRO A 39 -4.50 8.47 14.39
C PRO A 39 -4.85 7.22 13.58
N SER A 40 -5.94 6.55 13.97
CA SER A 40 -6.37 5.34 13.27
C SER A 40 -6.42 5.59 11.77
N GLY A 41 -5.36 5.19 11.08
CA GLY A 41 -5.29 5.38 9.64
C GLY A 41 -3.83 5.40 9.17
N VAL A 42 -2.99 6.11 9.89
CA VAL A 42 -1.57 6.19 9.53
C VAL A 42 -0.84 4.89 9.86
N LYS A 43 -1.08 4.39 11.05
CA LYS A 43 -0.44 3.15 11.49
C LYS A 43 -0.93 1.95 10.69
N ILE A 44 -2.23 1.87 10.47
CA ILE A 44 -2.81 0.76 9.73
C ILE A 44 -2.24 0.70 8.31
N VAL A 45 -2.14 1.86 7.68
CA VAL A 45 -1.61 1.93 6.32
C VAL A 45 -0.16 1.48 6.30
N MET A 46 0.60 1.91 7.29
CA MET A 46 2.01 1.56 7.36
C MET A 46 2.20 0.06 7.51
N GLU A 47 1.34 -0.57 8.30
CA GLU A 47 1.44 -2.00 8.54
C GLU A 47 1.18 -2.79 7.25
N ALA A 48 0.13 -2.43 6.54
CA ALA A 48 -0.22 -3.11 5.30
C ALA A 48 0.89 -2.97 4.27
N VAL A 49 1.48 -1.79 4.22
CA VAL A 49 2.55 -1.52 3.28
C VAL A 49 3.73 -2.45 3.52
N CYS A 50 4.10 -2.63 4.79
CA CYS A 50 5.22 -3.48 5.13
C CYS A 50 4.95 -4.90 4.67
N ALA A 51 3.71 -5.39 4.84
CA ALA A 51 3.38 -6.74 4.44
C ALA A 51 3.55 -6.94 2.94
N ILE A 52 3.15 -5.94 2.16
CA ILE A 52 3.27 -6.02 0.71
C ILE A 52 4.73 -6.07 0.29
N LEU A 53 5.55 -5.25 0.94
CA LEU A 53 6.97 -5.18 0.64
C LEU A 53 7.68 -6.42 1.13
N GLY A 54 6.93 -7.30 1.76
CA GLY A 54 7.50 -8.55 2.28
C GLY A 54 8.19 -8.32 3.62
N TYR A 55 7.93 -7.17 4.23
CA TYR A 55 8.55 -6.83 5.51
C TYR A 55 7.55 -7.02 6.64
N GLN A 56 8.05 -7.41 7.80
CA GLN A 56 7.19 -7.62 8.96
C GLN A 56 7.42 -6.53 9.97
N PHE A 57 6.34 -5.84 10.36
CA PHE A 57 6.41 -4.76 11.35
C PHE A 57 5.04 -4.39 11.87
N SER A 58 4.96 -4.22 13.20
CA SER A 58 3.70 -3.87 13.82
C SER A 58 3.90 -2.97 15.02
N ASN A 59 4.97 -2.15 14.98
CA ASN A 59 5.24 -1.24 16.07
C ASN A 59 5.38 0.17 15.52
N TRP A 60 4.59 1.10 16.04
CA TRP A 60 4.63 2.48 15.57
C TRP A 60 6.07 2.97 15.53
N ARG A 61 6.81 2.73 16.59
CA ARG A 61 8.20 3.15 16.64
C ARG A 61 9.03 2.40 15.61
N ASP A 62 8.75 1.11 15.46
CA ASP A 62 9.47 0.27 14.51
C ASP A 62 9.29 0.79 13.09
N ILE A 63 8.05 1.08 12.74
CA ILE A 63 7.76 1.60 11.40
C ILE A 63 8.33 3.00 11.25
N GLN A 64 8.19 3.83 12.27
CA GLN A 64 8.67 5.20 12.20
C GLN A 64 10.10 5.26 11.71
N GLN A 65 10.93 4.36 12.21
CA GLN A 65 12.34 4.32 11.81
C GLN A 65 12.47 3.97 10.33
N PHE A 66 11.42 3.39 9.76
CA PHE A 66 11.43 3.02 8.36
C PHE A 66 11.06 4.20 7.47
N ILE A 67 9.95 4.84 7.79
CA ILE A 67 9.47 5.99 7.01
C ILE A 67 10.43 7.16 7.13
N ARG A 68 11.25 7.15 8.16
CA ARG A 68 12.21 8.22 8.38
C ARG A 68 13.11 8.37 7.17
N LYS A 69 13.44 7.24 6.54
CA LYS A 69 14.31 7.27 5.37
C LYS A 69 13.68 8.07 4.24
N ASP A 70 14.48 8.89 3.58
CA ASP A 70 13.99 9.70 2.47
C ASP A 70 13.69 8.85 1.26
N ASP A 71 14.06 7.57 1.31
CA ASP A 71 13.83 6.66 0.20
C ASP A 71 12.78 5.62 0.59
N PHE A 72 11.95 5.95 1.59
CA PHE A 72 10.91 5.04 2.05
C PHE A 72 9.80 4.93 1.02
N ILE A 73 9.63 5.97 0.22
CA ILE A 73 8.59 5.99 -0.80
C ILE A 73 9.13 5.47 -2.14
N HIS A 74 10.44 5.62 -2.33
CA HIS A 74 11.07 5.17 -3.56
C HIS A 74 10.93 3.65 -3.70
N ASN A 75 11.09 2.95 -2.58
CA ASN A 75 10.97 1.49 -2.59
C ASN A 75 9.52 1.05 -2.74
N ILE A 76 8.60 1.96 -2.43
CA ILE A 76 7.18 1.66 -2.53
C ILE A 76 6.69 1.82 -3.98
N VAL A 77 7.41 2.63 -4.75
CA VAL A 77 7.02 2.86 -6.14
C VAL A 77 7.79 1.91 -7.06
N HIS A 78 8.92 1.39 -6.59
CA HIS A 78 9.73 0.47 -7.37
C HIS A 78 9.26 -0.97 -7.16
N TYR A 79 8.28 -1.15 -6.26
CA TYR A 79 7.77 -2.48 -5.97
C TYR A 79 7.51 -3.24 -7.26
N ASP A 80 8.04 -4.46 -7.35
CA ASP A 80 7.87 -5.28 -8.54
C ASP A 80 6.58 -6.10 -8.44
N THR A 81 5.69 -5.89 -9.40
CA THR A 81 4.42 -6.61 -9.42
C THR A 81 4.66 -8.11 -9.29
N THR A 82 5.80 -8.57 -9.79
CA THR A 82 6.14 -9.98 -9.73
C THR A 82 7.20 -10.24 -8.67
N LEU A 83 7.03 -11.34 -7.93
CA LEU A 83 7.99 -11.69 -6.88
C LEU A 83 7.72 -13.10 -6.37
N HIS A 84 8.62 -13.59 -5.52
CA HIS A 84 8.47 -14.93 -4.95
C HIS A 84 7.83 -14.86 -3.57
N MET A 85 7.57 -13.64 -3.10
CA MET A 85 6.96 -13.46 -1.79
C MET A 85 5.64 -14.21 -1.69
N LYS A 86 4.90 -13.98 -0.62
CA LYS A 86 3.62 -14.64 -0.42
C LYS A 86 2.47 -13.66 -0.64
N PRO A 87 2.04 -13.51 -1.86
CA PRO A 87 0.92 -12.61 -2.22
C PRO A 87 -0.42 -13.05 -1.61
N GLN A 88 -0.43 -14.27 -1.06
CA GLN A 88 -1.64 -14.79 -0.44
C GLN A 88 -1.90 -14.10 0.90
N ILE A 89 -1.02 -13.16 1.27
CA ILE A 89 -1.18 -12.43 2.51
C ILE A 89 -2.34 -11.45 2.43
N ARG A 90 -2.81 -11.19 1.21
CA ARG A 90 -3.93 -10.25 1.02
C ARG A 90 -5.14 -10.68 1.83
N LYS A 91 -5.47 -11.97 1.77
CA LYS A 91 -6.61 -12.48 2.52
C LYS A 91 -6.38 -12.32 4.02
N TYR A 92 -5.15 -12.59 4.45
CA TYR A 92 -4.78 -12.46 5.86
C TYR A 92 -5.00 -11.03 6.33
N MET A 93 -4.76 -10.07 5.44
CA MET A 93 -4.95 -8.67 5.75
C MET A 93 -6.44 -8.34 5.89
N GLU A 94 -7.25 -8.93 5.03
CA GLU A 94 -8.69 -8.67 5.07
C GLU A 94 -9.23 -8.98 6.44
N GLU A 95 -8.97 -10.19 6.94
CA GLU A 95 -9.44 -10.62 8.26
C GLU A 95 -10.11 -9.48 9.02
N GLU A 96 -9.32 -8.72 9.77
CA GLU A 96 -9.85 -7.60 10.53
C GLU A 96 -9.05 -6.32 10.27
N PHE A 97 -7.81 -6.49 9.80
CA PHE A 97 -6.95 -5.34 9.52
C PHE A 97 -7.61 -4.43 8.49
N LEU A 98 -8.25 -5.02 7.50
CA LEU A 98 -8.93 -4.24 6.47
C LEU A 98 -10.36 -3.93 6.89
N SER A 99 -10.91 -4.75 7.78
CA SER A 99 -12.29 -4.55 8.24
C SER A 99 -12.43 -3.18 8.87
N ASP A 100 -11.44 -2.79 9.67
CA ASP A 100 -11.48 -1.50 10.35
C ASP A 100 -11.96 -0.41 9.39
N PRO A 101 -12.96 0.34 9.79
CA PRO A 101 -13.53 1.43 8.94
C PRO A 101 -12.57 2.60 8.77
N ASN A 102 -11.50 2.59 9.56
CA ASN A 102 -10.50 3.65 9.49
C ASN A 102 -9.60 3.46 8.27
N PHE A 103 -9.73 2.30 7.62
CA PHE A 103 -8.92 2.02 6.45
C PHE A 103 -9.65 2.40 5.17
N THR A 104 -9.96 3.69 5.04
CA THR A 104 -10.66 4.18 3.87
C THR A 104 -9.93 5.38 3.28
N TYR A 105 -10.38 5.83 2.12
CA TYR A 105 -9.77 6.96 1.46
C TYR A 105 -10.04 8.26 2.21
N GLU A 106 -11.04 8.24 3.08
CA GLU A 106 -11.40 9.43 3.85
C GLU A 106 -10.57 9.55 5.12
N THR A 107 -10.71 8.55 6.00
CA THR A 107 -9.99 8.57 7.26
C THR A 107 -8.49 8.61 7.03
N ILE A 108 -8.01 7.79 6.10
CA ILE A 108 -6.60 7.76 5.80
C ILE A 108 -6.11 9.12 5.31
N ASN A 109 -6.85 9.71 4.38
CA ASN A 109 -6.48 11.00 3.84
C ASN A 109 -6.42 12.04 4.96
N ARG A 110 -7.46 12.09 5.78
CA ARG A 110 -7.51 13.04 6.89
C ARG A 110 -6.39 12.75 7.89
N ALA A 111 -5.85 11.54 7.84
CA ALA A 111 -4.76 11.16 8.72
C ALA A 111 -3.47 11.88 8.34
N SER A 112 -3.23 11.95 7.04
CA SER A 112 -2.01 12.62 6.54
C SER A 112 -2.06 12.74 5.02
N LYS A 113 -1.72 13.92 4.53
CA LYS A 113 -1.72 14.16 3.09
C LYS A 113 -0.76 13.22 2.38
N ALA A 114 0.24 12.74 3.12
CA ALA A 114 1.22 11.82 2.57
C ALA A 114 0.75 10.38 2.72
N CYS A 115 -0.18 10.15 3.64
CA CYS A 115 -0.70 8.81 3.87
C CYS A 115 -1.87 8.52 2.94
N GLY A 116 -2.47 9.57 2.41
CA GLY A 116 -3.59 9.40 1.49
C GLY A 116 -3.21 8.51 0.30
N PRO A 117 -2.14 8.86 -0.37
CA PRO A 117 -1.63 8.07 -1.53
C PRO A 117 -1.23 6.66 -1.13
N LEU A 118 -0.91 6.48 0.16
CA LEU A 118 -0.52 5.18 0.66
C LEU A 118 -1.68 4.19 0.63
N TYR A 119 -2.77 4.57 1.29
CA TYR A 119 -3.97 3.73 1.33
C TYR A 119 -4.34 3.33 -0.09
N GLN A 120 -4.24 4.27 -1.02
CA GLN A 120 -4.56 3.96 -2.41
C GLN A 120 -3.56 2.97 -2.98
N TRP A 121 -2.26 3.15 -2.65
CA TRP A 121 -1.24 2.25 -3.17
C TRP A 121 -1.48 0.83 -2.72
N VAL A 122 -1.69 0.64 -1.41
CA VAL A 122 -1.94 -0.69 -0.88
C VAL A 122 -3.21 -1.27 -1.50
N ASN A 123 -4.20 -0.42 -1.72
CA ASN A 123 -5.44 -0.83 -2.34
C ASN A 123 -5.25 -1.06 -3.84
N ALA A 124 -4.16 -0.50 -4.38
CA ALA A 124 -3.85 -0.66 -5.79
C ALA A 124 -3.28 -2.04 -6.08
N GLN A 125 -2.38 -2.49 -5.19
CA GLN A 125 -1.75 -3.79 -5.37
C GLN A 125 -2.80 -4.88 -5.27
N ILE A 126 -3.76 -4.70 -4.36
CA ILE A 126 -4.83 -5.67 -4.17
C ILE A 126 -5.64 -5.78 -5.46
N ASN A 127 -5.89 -4.64 -6.09
CA ASN A 127 -6.64 -4.64 -7.35
C ASN A 127 -5.90 -5.41 -8.44
N PHE A 128 -4.59 -5.20 -8.51
CA PHE A 128 -3.78 -5.89 -9.51
C PHE A 128 -3.87 -7.39 -9.33
N SER A 129 -3.61 -7.84 -8.10
CA SER A 129 -3.64 -9.27 -7.80
C SER A 129 -4.92 -9.90 -8.35
N LYS A 130 -5.98 -9.10 -8.46
CA LYS A 130 -7.24 -9.60 -8.99
C LYS A 130 -7.05 -10.17 -10.39
N CYS A 131 -6.44 -9.38 -11.27
CA CYS A 131 -6.18 -9.82 -12.64
C CYS A 131 -5.10 -10.90 -12.65
N LEU A 132 -4.08 -10.72 -11.82
CA LEU A 132 -2.97 -11.67 -11.77
C LEU A 132 -3.47 -13.05 -11.37
N GLU A 133 -4.41 -13.08 -10.44
CA GLU A 133 -4.97 -14.34 -9.97
C GLU A 133 -5.80 -14.98 -11.09
N ASN A 134 -6.54 -14.15 -11.82
CA ASN A 134 -7.38 -14.64 -12.92
C ASN A 134 -6.53 -15.28 -14.00
N VAL A 135 -5.42 -14.62 -14.35
CA VAL A 135 -4.52 -15.13 -15.38
C VAL A 135 -3.69 -16.28 -14.84
N ASP A 136 -3.51 -16.31 -13.52
CA ASP A 136 -2.72 -17.34 -12.89
C ASP A 136 -3.34 -18.73 -13.14
N PRO A 137 -2.53 -19.71 -13.43
CA PRO A 137 -3.00 -21.11 -13.69
C PRO A 137 -3.81 -21.64 -12.51
N LEU A 138 -4.47 -22.79 -12.71
CA LEU A 138 -5.27 -23.40 -11.66
C LEU A 138 -6.51 -22.57 -11.40
N ARG A 139 -7.65 -23.24 -11.26
CA ARG A 139 -8.91 -22.56 -10.99
C ARG A 139 -9.27 -21.62 -12.15
N GLN A 140 -9.42 -22.20 -13.33
CA GLN A 140 -9.75 -21.41 -14.51
C GLN A 140 -11.08 -21.87 -15.10
N GLU A 141 -11.89 -20.92 -15.53
CA GLU A 141 -13.18 -21.24 -16.13
C GLU A 141 -13.02 -21.56 -17.61
N GLY A 1 -16.04 -11.10 -13.45
CA GLY A 1 -15.36 -11.32 -14.76
C GLY A 1 -15.45 -10.05 -15.60
N SER A 2 -14.47 -9.85 -16.47
CA SER A 2 -14.45 -8.67 -17.33
C SER A 2 -14.00 -9.04 -18.74
N HIS A 3 -14.46 -8.26 -19.72
CA HIS A 3 -14.09 -8.52 -21.11
C HIS A 3 -12.61 -8.20 -21.35
N MET A 4 -12.14 -7.12 -20.73
CA MET A 4 -10.74 -6.72 -20.89
C MET A 4 -10.32 -5.82 -19.74
N LYS A 5 -9.76 -6.42 -18.69
CA LYS A 5 -9.30 -5.66 -17.54
C LYS A 5 -8.18 -6.40 -16.82
N CYS A 6 -7.01 -5.79 -16.76
CA CYS A 6 -5.87 -6.41 -16.10
C CYS A 6 -4.77 -5.39 -15.86
N ILE A 7 -3.61 -5.85 -15.37
CA ILE A 7 -2.50 -4.95 -15.09
C ILE A 7 -2.27 -3.98 -16.24
N GLN A 8 -2.67 -4.38 -17.44
CA GLN A 8 -2.48 -3.54 -18.61
C GLN A 8 -3.20 -2.20 -18.45
N ASP A 9 -4.52 -2.24 -18.41
CA ASP A 9 -5.31 -1.02 -18.26
C ASP A 9 -6.02 -1.00 -16.90
N ILE A 10 -5.53 -1.80 -15.97
CA ILE A 10 -6.12 -1.89 -14.65
C ILE A 10 -6.33 -0.51 -14.08
N GLU A 11 -7.42 -0.35 -13.30
CA GLU A 11 -7.76 0.91 -12.69
C GLU A 11 -6.50 1.77 -12.51
N PRO A 12 -6.53 3.00 -12.92
CA PRO A 12 -5.34 3.91 -12.84
C PRO A 12 -4.89 4.16 -11.41
N THR A 13 -5.65 3.65 -10.45
CA THR A 13 -5.31 3.83 -9.05
C THR A 13 -3.88 3.35 -8.78
N ILE A 14 -3.41 2.41 -9.60
CA ILE A 14 -2.06 1.87 -9.40
C ILE A 14 -1.01 2.97 -9.58
N LEU A 15 -0.97 3.53 -10.78
CA LEU A 15 -0.01 4.60 -11.07
C LEU A 15 -0.31 5.85 -10.25
N GLU A 16 -1.60 6.11 -10.06
CA GLU A 16 -2.02 7.28 -9.30
C GLU A 16 -1.45 7.23 -7.88
N ALA A 17 -1.39 6.02 -7.31
CA ALA A 17 -0.87 5.86 -5.97
C ALA A 17 0.65 6.06 -5.92
N GLN A 18 1.34 5.51 -6.92
CA GLN A 18 2.80 5.63 -6.97
C GLN A 18 3.21 7.07 -7.23
N ARG A 19 2.55 7.71 -8.18
CA ARG A 19 2.85 9.09 -8.52
C ARG A 19 2.67 9.98 -7.29
N GLY A 20 1.91 9.49 -6.32
CA GLY A 20 1.68 10.26 -5.10
C GLY A 20 2.80 10.09 -4.10
N VAL A 21 3.03 8.84 -3.68
CA VAL A 21 4.08 8.56 -2.71
C VAL A 21 5.37 9.27 -3.10
N LYS A 22 5.62 9.38 -4.40
CA LYS A 22 6.81 10.06 -4.89
C LYS A 22 6.61 11.57 -4.91
N ASN A 23 5.37 11.99 -5.15
CA ASN A 23 5.04 13.41 -5.18
C ASN A 23 5.05 13.99 -3.77
N ILE A 24 5.22 13.13 -2.77
CA ILE A 24 5.25 13.56 -1.39
C ILE A 24 6.65 14.06 -1.01
N LYS A 25 6.70 15.22 -0.36
CA LYS A 25 7.97 15.79 0.06
C LYS A 25 8.61 14.96 1.17
N LYS A 26 9.66 15.48 1.78
CA LYS A 26 10.35 14.77 2.85
C LYS A 26 9.82 15.19 4.20
N GLN A 27 9.24 16.40 4.27
CA GLN A 27 8.68 16.91 5.51
C GLN A 27 7.46 16.10 5.93
N GLN A 28 6.84 15.44 4.96
CA GLN A 28 5.67 14.62 5.23
C GLN A 28 6.04 13.38 6.03
N LEU A 29 7.18 12.79 5.71
CA LEU A 29 7.63 11.59 6.41
C LEU A 29 8.14 11.94 7.81
N THR A 30 8.88 13.03 7.91
CA THR A 30 9.44 13.46 9.18
C THR A 30 8.32 13.80 10.16
N GLU A 31 7.28 14.45 9.66
CA GLU A 31 6.14 14.83 10.49
C GLU A 31 5.37 13.60 10.96
N ILE A 32 5.21 12.64 10.06
CA ILE A 32 4.50 11.41 10.39
C ILE A 32 5.25 10.60 11.42
N ARG A 33 6.58 10.54 11.27
CA ARG A 33 7.40 9.78 12.19
C ARG A 33 7.54 10.52 13.52
N SER A 34 7.37 11.83 13.48
CA SER A 34 7.47 12.64 14.68
C SER A 34 6.31 12.32 15.62
N MET A 35 5.11 12.15 15.04
CA MET A 35 3.94 11.84 15.85
C MET A 35 4.19 10.62 16.72
N VAL A 36 4.19 10.82 18.03
CA VAL A 36 4.42 9.72 18.96
C VAL A 36 3.27 8.72 18.90
N ASN A 37 2.07 9.22 18.59
CA ASN A 37 0.91 8.35 18.50
C ASN A 37 0.20 8.53 17.16
N PRO A 38 0.29 7.57 16.28
CA PRO A 38 -0.35 7.65 14.95
C PRO A 38 -1.88 7.55 15.03
N PRO A 39 -2.57 8.40 14.30
CA PRO A 39 -4.07 8.39 14.27
C PRO A 39 -4.61 7.19 13.51
N SER A 40 -5.88 6.88 13.75
CA SER A 40 -6.52 5.75 13.07
C SER A 40 -6.46 5.93 11.57
N GLY A 41 -5.44 5.36 10.94
CA GLY A 41 -5.28 5.47 9.49
C GLY A 41 -3.81 5.44 9.10
N VAL A 42 -2.97 6.06 9.92
CA VAL A 42 -1.53 6.09 9.64
C VAL A 42 -0.89 4.75 9.95
N LYS A 43 -1.27 4.18 11.08
CA LYS A 43 -0.74 2.88 11.51
C LYS A 43 -1.17 1.76 10.56
N ILE A 44 -2.45 1.73 10.23
CA ILE A 44 -2.98 0.71 9.34
C ILE A 44 -2.30 0.79 7.98
N VAL A 45 -2.13 2.01 7.48
CA VAL A 45 -1.50 2.20 6.19
C VAL A 45 -0.05 1.77 6.25
N MET A 46 0.64 2.18 7.29
CA MET A 46 2.04 1.83 7.46
C MET A 46 2.21 0.33 7.55
N GLU A 47 1.28 -0.34 8.23
CA GLU A 47 1.36 -1.78 8.38
C GLU A 47 1.09 -2.50 7.07
N ALA A 48 -0.04 -2.16 6.44
CA ALA A 48 -0.41 -2.80 5.18
C ALA A 48 0.64 -2.55 4.10
N VAL A 49 1.11 -1.31 4.04
CA VAL A 49 2.12 -0.93 3.05
C VAL A 49 3.39 -1.74 3.25
N CYS A 50 3.82 -1.87 4.51
CA CYS A 50 5.02 -2.63 4.81
C CYS A 50 4.83 -4.11 4.46
N ALA A 51 3.64 -4.64 4.69
CA ALA A 51 3.38 -6.05 4.40
C ALA A 51 3.59 -6.37 2.93
N ILE A 52 3.15 -5.47 2.06
CA ILE A 52 3.30 -5.67 0.63
C ILE A 52 4.76 -5.59 0.22
N LEU A 53 5.49 -4.68 0.84
CA LEU A 53 6.91 -4.49 0.52
C LEU A 53 7.74 -5.66 1.02
N GLY A 54 7.07 -6.60 1.66
CA GLY A 54 7.75 -7.79 2.17
C GLY A 54 8.16 -7.60 3.63
N TYR A 55 7.63 -6.56 4.27
CA TYR A 55 7.97 -6.27 5.66
C TYR A 55 6.89 -6.82 6.59
N GLN A 56 7.31 -7.48 7.65
CA GLN A 56 6.38 -8.04 8.61
C GLN A 56 5.71 -6.94 9.41
N PHE A 57 5.06 -7.31 10.50
CA PHE A 57 4.38 -6.35 11.35
C PHE A 57 5.32 -5.80 12.41
N SER A 58 5.45 -4.48 12.45
CA SER A 58 6.34 -3.83 13.40
C SER A 58 5.59 -2.81 14.25
N ASN A 59 6.25 -2.31 15.29
CA ASN A 59 5.63 -1.32 16.17
C ASN A 59 5.70 0.06 15.53
N TRP A 60 4.99 1.02 16.14
CA TRP A 60 4.97 2.38 15.62
C TRP A 60 6.38 2.93 15.54
N ARG A 61 7.13 2.78 16.62
CA ARG A 61 8.51 3.28 16.67
C ARG A 61 9.37 2.53 15.63
N ASP A 62 9.14 1.24 15.51
CA ASP A 62 9.91 0.42 14.57
C ASP A 62 9.68 0.91 13.15
N ILE A 63 8.43 1.18 12.82
CA ILE A 63 8.10 1.70 11.49
C ILE A 63 8.73 3.07 11.28
N GLN A 64 8.67 3.91 12.30
CA GLN A 64 9.22 5.26 12.19
C GLN A 64 10.63 5.20 11.61
N GLN A 65 11.42 4.24 12.08
CA GLN A 65 12.79 4.07 11.58
C GLN A 65 12.79 3.65 10.12
N PHE A 66 11.73 2.98 9.70
CA PHE A 66 11.62 2.52 8.31
C PHE A 66 11.27 3.66 7.38
N ILE A 67 10.22 4.39 7.73
CA ILE A 67 9.79 5.52 6.91
C ILE A 67 10.83 6.63 6.93
N ARG A 68 11.63 6.67 7.98
CA ARG A 68 12.65 7.69 8.11
C ARG A 68 13.47 7.77 6.83
N LYS A 69 13.64 6.63 6.17
CA LYS A 69 14.41 6.60 4.93
C LYS A 69 13.60 7.23 3.79
N ASP A 70 14.27 8.06 3.00
CA ASP A 70 13.61 8.72 1.87
C ASP A 70 13.12 7.69 0.88
N ASP A 71 13.91 6.64 0.69
CA ASP A 71 13.55 5.59 -0.26
C ASP A 71 12.15 5.05 0.04
N PHE A 72 11.71 5.22 1.28
CA PHE A 72 10.39 4.73 1.69
C PHE A 72 9.38 4.87 0.56
N ILE A 73 9.41 6.01 -0.12
CA ILE A 73 8.50 6.24 -1.24
C ILE A 73 9.06 5.69 -2.55
N HIS A 74 10.36 5.86 -2.76
CA HIS A 74 11.00 5.39 -3.98
C HIS A 74 10.83 3.87 -4.12
N ASN A 75 10.91 3.16 -3.01
CA ASN A 75 10.77 1.72 -3.03
C ASN A 75 9.31 1.34 -3.26
N ILE A 76 8.40 2.13 -2.71
CA ILE A 76 6.98 1.87 -2.85
C ILE A 76 6.55 1.95 -4.32
N VAL A 77 7.27 2.78 -5.08
CA VAL A 77 6.97 2.93 -6.50
C VAL A 77 7.80 1.96 -7.34
N HIS A 78 8.90 1.49 -6.77
CA HIS A 78 9.77 0.54 -7.47
C HIS A 78 9.34 -0.89 -7.18
N TYR A 79 8.36 -1.05 -6.30
CA TYR A 79 7.89 -2.38 -5.93
C TYR A 79 7.62 -3.21 -7.19
N ASP A 80 8.09 -4.46 -7.17
CA ASP A 80 7.92 -5.35 -8.31
C ASP A 80 6.83 -6.38 -8.01
N THR A 81 5.78 -6.36 -8.82
CA THR A 81 4.68 -7.30 -8.63
C THR A 81 5.15 -8.74 -8.75
N THR A 82 6.15 -8.96 -9.62
CA THR A 82 6.70 -10.29 -9.84
C THR A 82 6.72 -11.08 -8.53
N LEU A 83 7.09 -10.41 -7.44
CA LEU A 83 7.14 -11.06 -6.13
C LEU A 83 5.91 -11.94 -5.93
N HIS A 84 6.15 -13.17 -5.48
CA HIS A 84 5.06 -14.10 -5.25
C HIS A 84 4.44 -13.89 -3.87
N MET A 85 4.82 -12.79 -3.21
CA MET A 85 4.30 -12.49 -1.89
C MET A 85 3.13 -11.53 -2.00
N LYS A 86 1.94 -12.02 -1.69
CA LYS A 86 0.73 -11.21 -1.76
C LYS A 86 -0.51 -12.05 -1.46
N PRO A 87 -0.68 -13.17 -2.15
CA PRO A 87 -1.85 -14.07 -1.94
C PRO A 87 -2.03 -14.46 -0.47
N GLN A 88 -0.93 -14.86 0.16
CA GLN A 88 -0.97 -15.25 1.57
C GLN A 88 -1.21 -14.05 2.46
N ILE A 89 -0.73 -12.89 2.00
CA ILE A 89 -0.90 -11.66 2.76
C ILE A 89 -2.32 -11.13 2.64
N ARG A 90 -2.94 -11.35 1.48
CA ARG A 90 -4.29 -10.86 1.25
C ARG A 90 -5.26 -11.48 2.24
N LYS A 91 -5.32 -12.81 2.28
CA LYS A 91 -6.22 -13.49 3.20
C LYS A 91 -6.09 -12.91 4.60
N TYR A 92 -4.87 -12.57 4.98
CA TYR A 92 -4.61 -11.99 6.30
C TYR A 92 -5.08 -10.53 6.36
N MET A 93 -4.92 -9.82 5.24
CA MET A 93 -5.33 -8.43 5.15
C MET A 93 -6.85 -8.30 5.12
N GLU A 94 -7.51 -9.33 4.62
CA GLU A 94 -8.97 -9.33 4.52
C GLU A 94 -9.62 -9.77 5.82
N GLU A 95 -8.79 -10.09 6.82
CA GLU A 95 -9.31 -10.53 8.10
C GLU A 95 -10.07 -9.41 8.82
N GLU A 96 -9.33 -8.42 9.31
CA GLU A 96 -9.94 -7.30 10.01
C GLU A 96 -9.39 -5.96 9.50
N PHE A 97 -8.30 -6.03 8.73
CA PHE A 97 -7.69 -4.84 8.20
C PHE A 97 -8.60 -4.19 7.16
N LEU A 98 -9.21 -5.01 6.31
CA LEU A 98 -10.12 -4.50 5.30
C LEU A 98 -11.42 -4.04 5.93
N SER A 99 -11.84 -4.72 6.99
CA SER A 99 -13.07 -4.37 7.68
C SER A 99 -12.91 -3.06 8.44
N ASP A 100 -11.72 -2.88 9.05
CA ASP A 100 -11.44 -1.69 9.84
C ASP A 100 -12.07 -0.47 9.17
N PRO A 101 -13.00 0.18 9.82
CA PRO A 101 -13.70 1.38 9.27
C PRO A 101 -12.77 2.57 9.10
N ASN A 102 -11.67 2.56 9.84
CA ASN A 102 -10.71 3.65 9.75
C ASN A 102 -9.86 3.50 8.50
N PHE A 103 -9.95 2.35 7.85
CA PHE A 103 -9.18 2.12 6.66
C PHE A 103 -9.91 2.64 5.42
N THR A 104 -10.16 3.94 5.40
CA THR A 104 -10.85 4.55 4.28
C THR A 104 -10.10 5.77 3.79
N TYR A 105 -10.41 6.22 2.57
CA TYR A 105 -9.72 7.36 1.99
C TYR A 105 -9.82 8.60 2.89
N GLU A 106 -11.03 8.93 3.30
CA GLU A 106 -11.24 10.11 4.12
C GLU A 106 -10.50 10.03 5.45
N THR A 107 -10.68 8.91 6.14
CA THR A 107 -10.04 8.73 7.44
C THR A 107 -8.52 8.81 7.31
N ILE A 108 -7.96 7.93 6.50
CA ILE A 108 -6.51 7.92 6.30
C ILE A 108 -6.03 9.29 5.85
N ASN A 109 -6.69 9.87 4.86
CA ASN A 109 -6.30 11.16 4.35
C ASN A 109 -6.32 12.20 5.46
N ARG A 110 -7.43 12.24 6.20
CA ARG A 110 -7.57 13.17 7.31
C ARG A 110 -6.49 12.92 8.35
N ALA A 111 -5.96 11.70 8.36
CA ALA A 111 -4.91 11.36 9.30
C ALA A 111 -3.59 12.07 8.95
N SER A 112 -3.27 12.07 7.68
CA SER A 112 -2.04 12.71 7.20
C SER A 112 -2.15 13.04 5.73
N LYS A 113 -1.49 14.13 5.32
CA LYS A 113 -1.52 14.56 3.93
C LYS A 113 -0.78 13.58 3.03
N ALA A 114 0.20 12.89 3.60
CA ALA A 114 0.98 11.92 2.85
C ALA A 114 0.47 10.49 3.07
N CYS A 115 -0.57 10.36 3.88
CA CYS A 115 -1.13 9.05 4.16
C CYS A 115 -2.28 8.74 3.20
N GLY A 116 -2.82 9.78 2.58
CA GLY A 116 -3.92 9.60 1.64
C GLY A 116 -3.54 8.64 0.51
N PRO A 117 -2.58 9.03 -0.29
CA PRO A 117 -2.12 8.21 -1.45
C PRO A 117 -1.64 6.83 -1.00
N LEU A 118 -1.35 6.70 0.28
CA LEU A 118 -0.87 5.42 0.82
C LEU A 118 -2.01 4.42 0.89
N TYR A 119 -3.15 4.87 1.39
CA TYR A 119 -4.32 4.01 1.49
C TYR A 119 -4.72 3.51 0.10
N GLN A 120 -4.66 4.39 -0.88
CA GLN A 120 -5.01 3.99 -2.24
C GLN A 120 -3.96 3.01 -2.80
N TRP A 121 -2.69 3.24 -2.47
CA TRP A 121 -1.62 2.39 -2.97
C TRP A 121 -1.85 0.94 -2.56
N VAL A 122 -2.07 0.72 -1.28
CA VAL A 122 -2.30 -0.64 -0.79
C VAL A 122 -3.54 -1.24 -1.46
N ASN A 123 -4.58 -0.43 -1.60
CA ASN A 123 -5.80 -0.88 -2.25
C ASN A 123 -5.55 -1.11 -3.75
N ALA A 124 -4.50 -0.49 -4.27
CA ALA A 124 -4.15 -0.64 -5.67
C ALA A 124 -3.50 -1.99 -5.92
N GLN A 125 -2.60 -2.38 -5.03
CA GLN A 125 -1.90 -3.65 -5.16
C GLN A 125 -2.91 -4.79 -5.09
N ILE A 126 -3.90 -4.65 -4.22
CA ILE A 126 -4.93 -5.68 -4.07
C ILE A 126 -5.64 -5.87 -5.41
N ASN A 127 -5.94 -4.77 -6.08
CA ASN A 127 -6.59 -4.85 -7.39
C ASN A 127 -5.73 -5.63 -8.38
N PHE A 128 -4.44 -5.37 -8.37
CA PHE A 128 -3.53 -6.07 -9.27
C PHE A 128 -3.65 -7.57 -9.10
N SER A 129 -3.45 -8.03 -7.87
CA SER A 129 -3.53 -9.46 -7.59
C SER A 129 -4.84 -10.03 -8.11
N LYS A 130 -5.89 -9.20 -8.07
CA LYS A 130 -7.21 -9.63 -8.53
C LYS A 130 -7.13 -10.20 -9.94
N CYS A 131 -6.19 -9.69 -10.74
CA CYS A 131 -6.02 -10.15 -12.11
C CYS A 131 -4.85 -11.11 -12.22
N LEU A 132 -3.81 -10.87 -11.43
CA LEU A 132 -2.62 -11.71 -11.46
C LEU A 132 -2.98 -13.16 -11.15
N GLU A 133 -4.05 -13.34 -10.39
CA GLU A 133 -4.49 -14.69 -10.04
C GLU A 133 -4.94 -15.45 -11.29
N ASN A 134 -5.31 -14.71 -12.33
CA ASN A 134 -5.77 -15.33 -13.57
C ASN A 134 -5.43 -14.47 -14.78
N VAL A 135 -4.17 -14.09 -14.86
CA VAL A 135 -3.70 -13.27 -15.98
C VAL A 135 -3.71 -14.06 -17.27
N ASP A 136 -3.39 -15.36 -17.17
CA ASP A 136 -3.35 -16.23 -18.33
C ASP A 136 -4.63 -16.05 -19.17
N PRO A 137 -4.52 -15.39 -20.30
CA PRO A 137 -5.69 -15.14 -21.20
C PRO A 137 -6.33 -16.44 -21.68
N LEU A 138 -7.65 -16.44 -21.80
CA LEU A 138 -8.37 -17.61 -22.26
C LEU A 138 -8.91 -17.41 -23.67
N ARG A 139 -9.56 -16.28 -23.88
CA ARG A 139 -10.12 -15.96 -25.19
C ARG A 139 -11.00 -17.11 -25.68
N GLN A 140 -12.23 -17.18 -25.16
CA GLN A 140 -13.16 -18.23 -25.56
C GLN A 140 -13.55 -18.06 -27.02
N GLU A 141 -13.35 -19.12 -27.80
CA GLU A 141 -13.69 -19.08 -29.22
C GLU A 141 -15.05 -19.73 -29.46
N GLY A 1 -22.30 -9.78 -17.33
CA GLY A 1 -21.14 -8.97 -17.82
C GLY A 1 -19.84 -9.69 -17.50
N SER A 2 -18.85 -9.54 -18.38
CA SER A 2 -17.56 -10.18 -18.18
C SER A 2 -16.73 -9.42 -17.16
N HIS A 3 -16.59 -8.11 -17.35
CA HIS A 3 -15.84 -7.27 -16.43
C HIS A 3 -14.50 -7.91 -16.10
N MET A 4 -13.57 -7.86 -17.05
CA MET A 4 -12.25 -8.44 -16.85
C MET A 4 -11.16 -7.41 -17.13
N LYS A 5 -10.45 -7.01 -16.08
CA LYS A 5 -9.39 -6.02 -16.22
C LYS A 5 -8.08 -6.57 -15.64
N CYS A 6 -6.98 -6.33 -16.36
CA CYS A 6 -5.68 -6.79 -15.92
C CYS A 6 -4.68 -5.64 -15.86
N ILE A 7 -3.44 -5.96 -15.52
CA ILE A 7 -2.40 -4.93 -15.43
C ILE A 7 -2.36 -4.09 -16.70
N GLN A 8 -2.88 -4.64 -17.79
CA GLN A 8 -2.88 -3.93 -19.06
C GLN A 8 -3.51 -2.55 -18.92
N ASP A 9 -4.82 -2.53 -18.70
CA ASP A 9 -5.54 -1.27 -18.54
C ASP A 9 -6.15 -1.16 -17.15
N ILE A 10 -5.64 -1.95 -16.23
CA ILE A 10 -6.18 -1.97 -14.87
C ILE A 10 -6.35 -0.55 -14.35
N GLU A 11 -7.50 -0.29 -13.70
CA GLU A 11 -7.79 1.02 -13.16
C GLU A 11 -6.48 1.78 -12.87
N PRO A 12 -6.37 2.99 -13.35
CA PRO A 12 -5.15 3.82 -13.19
C PRO A 12 -4.80 4.07 -11.74
N THR A 13 -5.68 3.65 -10.84
CA THR A 13 -5.45 3.83 -9.41
C THR A 13 -4.04 3.36 -9.03
N ILE A 14 -3.50 2.45 -9.82
CA ILE A 14 -2.15 1.94 -9.56
C ILE A 14 -1.11 3.03 -9.82
N LEU A 15 -1.19 3.64 -11.00
CA LEU A 15 -0.24 4.69 -11.36
C LEU A 15 -0.50 5.95 -10.53
N GLU A 16 -1.77 6.23 -10.28
CA GLU A 16 -2.14 7.41 -9.51
C GLU A 16 -1.60 7.29 -8.08
N ALA A 17 -1.56 6.07 -7.56
CA ALA A 17 -1.07 5.84 -6.21
C ALA A 17 0.43 6.05 -6.13
N GLN A 18 1.16 5.53 -7.10
CA GLN A 18 2.60 5.67 -7.11
C GLN A 18 3.01 7.12 -7.27
N ARG A 19 2.31 7.83 -8.16
CA ARG A 19 2.61 9.23 -8.41
C ARG A 19 2.48 10.03 -7.10
N GLY A 20 1.39 9.79 -6.37
CA GLY A 20 1.18 10.48 -5.10
C GLY A 20 2.21 10.06 -4.07
N VAL A 21 2.50 8.75 -4.04
CA VAL A 21 3.46 8.23 -3.07
C VAL A 21 4.80 8.92 -3.21
N LYS A 22 5.29 9.04 -4.44
CA LYS A 22 6.56 9.71 -4.69
C LYS A 22 6.41 11.22 -4.51
N ASN A 23 5.20 11.71 -4.65
CA ASN A 23 4.93 13.13 -4.50
C ASN A 23 5.00 13.55 -3.04
N ILE A 24 5.24 12.57 -2.15
CA ILE A 24 5.34 12.85 -0.72
C ILE A 24 6.67 13.50 -0.39
N LYS A 25 6.61 14.65 0.26
CA LYS A 25 7.83 15.38 0.63
C LYS A 25 8.44 14.81 1.91
N LYS A 26 9.69 15.15 2.16
CA LYS A 26 10.38 14.67 3.34
C LYS A 26 9.69 15.15 4.60
N GLN A 27 9.24 16.40 4.59
CA GLN A 27 8.55 16.98 5.74
C GLN A 27 7.32 16.15 6.10
N GLN A 28 6.65 15.63 5.08
CA GLN A 28 5.46 14.82 5.31
C GLN A 28 5.81 13.52 6.01
N LEU A 29 6.93 12.92 5.60
CA LEU A 29 7.39 11.67 6.22
C LEU A 29 7.94 11.93 7.62
N THR A 30 8.62 13.06 7.78
CA THR A 30 9.20 13.43 9.07
C THR A 30 8.10 13.64 10.10
N GLU A 31 7.01 14.26 9.67
CA GLU A 31 5.88 14.51 10.55
C GLU A 31 5.18 13.22 10.95
N ILE A 32 5.05 12.30 9.99
CA ILE A 32 4.40 11.03 10.24
C ILE A 32 5.17 10.23 11.29
N ARG A 33 6.50 10.27 11.21
CA ARG A 33 7.35 9.55 12.15
C ARG A 33 7.40 10.31 13.49
N SER A 34 7.13 11.61 13.43
CA SER A 34 7.15 12.43 14.63
C SER A 34 5.99 12.06 15.55
N MET A 35 4.85 11.73 14.95
CA MET A 35 3.66 11.38 15.72
C MET A 35 3.94 10.18 16.61
N VAL A 36 3.98 10.42 17.92
CA VAL A 36 4.24 9.36 18.88
C VAL A 36 3.10 8.34 18.86
N ASN A 37 1.87 8.84 18.75
CA ASN A 37 0.69 7.97 18.70
C ASN A 37 -0.14 8.28 17.47
N PRO A 38 0.21 7.70 16.35
CA PRO A 38 -0.50 7.94 15.07
C PRO A 38 -2.00 7.61 15.14
N PRO A 39 -2.81 8.35 14.43
CA PRO A 39 -4.28 8.12 14.40
C PRO A 39 -4.66 6.93 13.52
N SER A 40 -5.82 6.36 13.79
CA SER A 40 -6.29 5.21 13.01
C SER A 40 -6.36 5.56 11.53
N GLY A 41 -5.28 5.28 10.81
CA GLY A 41 -5.23 5.57 9.38
C GLY A 41 -3.79 5.66 8.89
N VAL A 42 -2.94 6.32 9.68
CA VAL A 42 -1.53 6.46 9.32
C VAL A 42 -0.79 5.16 9.59
N LYS A 43 -1.00 4.59 10.75
CA LYS A 43 -0.32 3.36 11.15
C LYS A 43 -0.81 2.18 10.31
N ILE A 44 -2.12 2.08 10.12
CA ILE A 44 -2.69 0.98 9.39
C ILE A 44 -2.08 0.85 8.00
N VAL A 45 -1.99 1.97 7.30
CA VAL A 45 -1.43 1.98 5.96
C VAL A 45 0.04 1.61 6.00
N MET A 46 0.74 2.11 7.00
CA MET A 46 2.16 1.82 7.13
C MET A 46 2.38 0.33 7.29
N GLU A 47 1.49 -0.32 8.01
CA GLU A 47 1.62 -1.76 8.24
C GLU A 47 1.33 -2.54 6.97
N ALA A 48 0.20 -2.24 6.34
CA ALA A 48 -0.20 -2.93 5.12
C ALA A 48 0.81 -2.66 4.00
N VAL A 49 1.23 -1.40 3.88
CA VAL A 49 2.18 -1.02 2.85
C VAL A 49 3.50 -1.77 3.02
N CYS A 50 3.99 -1.81 4.25
CA CYS A 50 5.25 -2.49 4.53
C CYS A 50 5.12 -3.97 4.25
N ALA A 51 3.99 -4.55 4.63
CA ALA A 51 3.78 -5.99 4.47
C ALA A 51 3.95 -6.40 3.01
N ILE A 52 3.50 -5.53 2.10
CA ILE A 52 3.63 -5.80 0.68
C ILE A 52 5.10 -5.79 0.27
N LEU A 53 5.87 -4.92 0.91
CA LEU A 53 7.30 -4.80 0.61
C LEU A 53 8.06 -5.99 1.17
N GLY A 54 7.34 -6.87 1.86
CA GLY A 54 7.96 -8.06 2.44
C GLY A 54 8.47 -7.79 3.85
N TYR A 55 7.97 -6.72 4.45
CA TYR A 55 8.38 -6.36 5.80
C TYR A 55 7.22 -5.76 6.58
N GLN A 56 7.16 -6.02 7.87
CA GLN A 56 6.10 -5.49 8.71
C GLN A 56 6.29 -5.88 10.17
N PHE A 57 6.64 -4.90 10.99
CA PHE A 57 6.81 -5.14 12.42
C PHE A 57 5.50 -4.82 13.16
N SER A 58 5.57 -4.83 14.49
CA SER A 58 4.39 -4.56 15.30
C SER A 58 4.67 -3.44 16.29
N ASN A 59 5.74 -2.68 16.06
CA ASN A 59 6.09 -1.58 16.93
C ASN A 59 6.04 -0.27 16.16
N TRP A 60 5.12 0.61 16.56
CA TRP A 60 4.98 1.90 15.90
C TRP A 60 6.35 2.55 15.71
N ARG A 61 7.21 2.41 16.72
CA ARG A 61 8.55 2.98 16.66
C ARG A 61 9.40 2.23 15.63
N ASP A 62 9.18 0.93 15.53
CA ASP A 62 9.93 0.11 14.58
C ASP A 62 9.73 0.58 13.15
N ILE A 63 8.46 0.80 12.79
CA ILE A 63 8.15 1.30 11.46
C ILE A 63 8.70 2.71 11.27
N GLN A 64 8.61 3.52 12.30
CA GLN A 64 9.08 4.90 12.22
C GLN A 64 10.47 4.95 11.63
N GLN A 65 11.34 4.06 12.08
CA GLN A 65 12.72 4.04 11.60
C GLN A 65 12.78 3.68 10.11
N PHE A 66 11.74 3.04 9.63
CA PHE A 66 11.68 2.64 8.22
C PHE A 66 11.27 3.82 7.34
N ILE A 67 10.19 4.48 7.73
CA ILE A 67 9.70 5.64 6.98
C ILE A 67 10.69 6.79 7.04
N ARG A 68 11.53 6.78 8.08
CA ARG A 68 12.53 7.83 8.25
C ARG A 68 13.38 7.95 6.99
N LYS A 69 13.63 6.82 6.35
CA LYS A 69 14.43 6.81 5.13
C LYS A 69 13.75 7.59 4.01
N ASP A 70 14.47 8.51 3.40
CA ASP A 70 13.92 9.31 2.31
C ASP A 70 13.54 8.42 1.13
N ASP A 71 14.12 7.22 1.08
CA ASP A 71 13.85 6.28 0.01
C ASP A 71 12.77 5.29 0.45
N PHE A 72 11.89 5.71 1.33
CA PHE A 72 10.82 4.86 1.83
C PHE A 72 9.68 4.76 0.82
N ILE A 73 9.50 5.83 0.04
CA ILE A 73 8.44 5.86 -0.96
C ILE A 73 8.95 5.37 -2.31
N HIS A 74 10.25 5.56 -2.54
CA HIS A 74 10.87 5.11 -3.78
C HIS A 74 10.73 3.60 -3.94
N ASN A 75 10.87 2.88 -2.83
CA ASN A 75 10.76 1.43 -2.85
C ASN A 75 9.31 0.99 -3.02
N ILE A 76 8.39 1.93 -2.81
CA ILE A 76 6.97 1.64 -2.93
C ILE A 76 6.50 1.83 -4.37
N VAL A 77 7.20 2.69 -5.10
CA VAL A 77 6.83 2.96 -6.49
C VAL A 77 7.62 2.07 -7.43
N HIS A 78 8.78 1.59 -6.96
CA HIS A 78 9.61 0.71 -7.78
C HIS A 78 9.23 -0.75 -7.56
N TYR A 79 8.31 -0.97 -6.62
CA TYR A 79 7.87 -2.33 -6.30
C TYR A 79 7.67 -3.14 -7.58
N ASP A 80 8.40 -4.24 -7.71
CA ASP A 80 8.31 -5.09 -8.88
C ASP A 80 7.14 -6.05 -8.75
N THR A 81 6.18 -5.94 -9.65
CA THR A 81 4.99 -6.80 -9.63
C THR A 81 5.41 -8.26 -9.71
N THR A 82 6.44 -8.54 -10.50
CA THR A 82 6.94 -9.91 -10.65
C THR A 82 6.86 -10.66 -9.34
N LEU A 83 7.17 -9.97 -8.24
CA LEU A 83 7.11 -10.58 -6.91
C LEU A 83 5.88 -11.46 -6.78
N HIS A 84 6.03 -12.58 -6.09
CA HIS A 84 4.93 -13.51 -5.91
C HIS A 84 3.71 -12.80 -5.37
N MET A 85 3.94 -11.79 -4.53
CA MET A 85 2.85 -11.01 -3.95
C MET A 85 2.18 -11.78 -2.81
N LYS A 86 1.94 -13.07 -3.04
CA LYS A 86 1.33 -13.91 -2.03
C LYS A 86 -0.06 -13.37 -1.65
N PRO A 87 -1.11 -13.99 -2.12
CA PRO A 87 -2.50 -13.56 -1.84
C PRO A 87 -2.86 -13.71 -0.36
N GLN A 88 -2.16 -14.60 0.32
CA GLN A 88 -2.42 -14.82 1.74
C GLN A 88 -2.30 -13.52 2.52
N ILE A 89 -1.59 -12.56 1.95
CA ILE A 89 -1.42 -11.26 2.60
C ILE A 89 -2.71 -10.45 2.52
N ARG A 90 -3.28 -10.37 1.33
CA ARG A 90 -4.51 -9.61 1.14
C ARG A 90 -5.62 -10.18 2.01
N LYS A 91 -5.85 -11.48 1.89
CA LYS A 91 -6.87 -12.14 2.70
C LYS A 91 -6.59 -11.96 4.18
N TYR A 92 -5.33 -12.12 4.56
CA TYR A 92 -4.92 -11.93 5.94
C TYR A 92 -5.33 -10.55 6.44
N MET A 93 -5.30 -9.57 5.55
CA MET A 93 -5.66 -8.21 5.91
C MET A 93 -7.17 -8.05 5.98
N GLU A 94 -7.89 -8.92 5.27
CA GLU A 94 -9.35 -8.87 5.25
C GLU A 94 -9.92 -9.45 6.54
N GLU A 95 -9.05 -9.89 7.44
CA GLU A 95 -9.48 -10.47 8.69
C GLU A 95 -10.10 -9.40 9.60
N GLU A 96 -9.52 -8.22 9.61
CA GLU A 96 -10.02 -7.12 10.43
C GLU A 96 -9.42 -5.79 9.98
N PHE A 97 -8.33 -5.85 9.23
CA PHE A 97 -7.69 -4.64 8.74
C PHE A 97 -8.58 -3.91 7.75
N LEU A 98 -9.25 -4.67 6.90
CA LEU A 98 -10.15 -4.08 5.91
C LEU A 98 -11.44 -3.62 6.57
N SER A 99 -11.84 -4.32 7.63
CA SER A 99 -13.06 -3.97 8.34
C SER A 99 -12.91 -2.62 9.03
N ASP A 100 -11.74 -2.40 9.62
CA ASP A 100 -11.46 -1.15 10.33
C ASP A 100 -12.05 0.03 9.55
N PRO A 101 -13.10 0.61 10.05
CA PRO A 101 -13.78 1.76 9.39
C PRO A 101 -12.83 2.93 9.16
N ASN A 102 -11.75 2.97 9.94
CA ASN A 102 -10.77 4.04 9.81
C ASN A 102 -9.91 3.83 8.56
N PHE A 103 -9.96 2.63 8.00
CA PHE A 103 -9.19 2.33 6.81
C PHE A 103 -9.94 2.76 5.56
N THR A 104 -10.26 4.05 5.50
CA THR A 104 -10.98 4.61 4.35
C THR A 104 -10.20 5.76 3.73
N TYR A 105 -10.57 6.11 2.52
CA TYR A 105 -9.89 7.19 1.81
C TYR A 105 -10.06 8.52 2.53
N GLU A 106 -11.12 8.63 3.31
CA GLU A 106 -11.41 9.87 4.01
C GLU A 106 -10.60 9.97 5.31
N THR A 107 -10.77 8.98 6.18
CA THR A 107 -10.07 8.98 7.45
C THR A 107 -8.56 9.04 7.26
N ILE A 108 -8.04 8.19 6.38
CA ILE A 108 -6.61 8.17 6.11
C ILE A 108 -6.15 9.49 5.52
N ASN A 109 -6.89 10.00 4.54
CA ASN A 109 -6.56 11.26 3.91
C ASN A 109 -6.53 12.38 4.95
N ARG A 110 -7.50 12.36 5.85
CA ARG A 110 -7.57 13.37 6.91
C ARG A 110 -6.52 13.09 7.98
N ALA A 111 -5.98 11.87 7.99
CA ALA A 111 -4.97 11.51 8.98
C ALA A 111 -3.65 12.21 8.68
N SER A 112 -3.27 12.24 7.40
CA SER A 112 -2.04 12.89 6.99
C SER A 112 -2.03 13.12 5.49
N LYS A 113 -1.21 14.07 5.04
CA LYS A 113 -1.13 14.39 3.62
C LYS A 113 -0.38 13.29 2.86
N ALA A 114 0.52 12.60 3.55
CA ALA A 114 1.29 11.53 2.93
C ALA A 114 0.68 10.16 3.23
N CYS A 115 -0.47 10.16 3.89
CA CYS A 115 -1.14 8.91 4.23
C CYS A 115 -2.25 8.62 3.24
N GLY A 116 -2.68 9.64 2.51
CA GLY A 116 -3.74 9.47 1.53
C GLY A 116 -3.36 8.50 0.43
N PRO A 117 -2.42 8.89 -0.38
CA PRO A 117 -1.93 8.04 -1.52
C PRO A 117 -1.48 6.66 -1.05
N LEU A 118 -1.20 6.54 0.24
CA LEU A 118 -0.76 5.27 0.80
C LEU A 118 -1.91 4.27 0.83
N TYR A 119 -3.05 4.72 1.32
CA TYR A 119 -4.24 3.85 1.39
C TYR A 119 -4.62 3.39 -0.02
N GLN A 120 -4.59 4.31 -0.97
CA GLN A 120 -4.93 3.96 -2.35
C GLN A 120 -3.90 3.00 -2.91
N TRP A 121 -2.62 3.22 -2.61
CA TRP A 121 -1.56 2.38 -3.14
C TRP A 121 -1.80 0.92 -2.79
N VAL A 122 -1.99 0.65 -1.50
CA VAL A 122 -2.24 -0.72 -1.05
C VAL A 122 -3.47 -1.29 -1.75
N ASN A 123 -4.48 -0.45 -1.94
CA ASN A 123 -5.70 -0.87 -2.63
C ASN A 123 -5.42 -1.06 -4.12
N ALA A 124 -4.33 -0.47 -4.60
CA ALA A 124 -3.94 -0.60 -6.00
C ALA A 124 -3.30 -1.95 -6.26
N GLN A 125 -2.41 -2.36 -5.35
CA GLN A 125 -1.74 -3.66 -5.48
C GLN A 125 -2.76 -4.78 -5.42
N ILE A 126 -3.76 -4.62 -4.55
CA ILE A 126 -4.82 -5.63 -4.42
C ILE A 126 -5.52 -5.82 -5.75
N ASN A 127 -5.82 -4.70 -6.43
CA ASN A 127 -6.48 -4.77 -7.74
C ASN A 127 -5.63 -5.57 -8.72
N PHE A 128 -4.32 -5.35 -8.68
CA PHE A 128 -3.42 -6.08 -9.55
C PHE A 128 -3.51 -7.58 -9.30
N SER A 129 -3.32 -7.99 -8.04
CA SER A 129 -3.37 -9.40 -7.69
C SER A 129 -4.69 -10.01 -8.17
N LYS A 130 -5.72 -9.18 -8.28
CA LYS A 130 -7.02 -9.65 -8.73
C LYS A 130 -6.92 -10.33 -10.09
N CYS A 131 -6.01 -9.81 -10.93
CA CYS A 131 -5.83 -10.37 -12.26
C CYS A 131 -4.60 -11.29 -12.30
N LEU A 132 -3.62 -10.98 -11.46
CA LEU A 132 -2.41 -11.79 -11.41
C LEU A 132 -2.68 -13.15 -10.79
N GLU A 133 -3.85 -13.29 -10.16
CA GLU A 133 -4.23 -14.55 -9.55
C GLU A 133 -4.23 -15.68 -10.57
N ASN A 134 -4.45 -15.32 -11.83
CA ASN A 134 -4.48 -16.30 -12.91
C ASN A 134 -3.43 -15.98 -13.97
N VAL A 135 -3.18 -14.69 -14.16
CA VAL A 135 -2.18 -14.25 -15.14
C VAL A 135 -0.80 -14.76 -14.76
N ASP A 136 -0.58 -14.94 -13.46
CA ASP A 136 0.71 -15.41 -12.98
C ASP A 136 1.03 -16.79 -13.58
N PRO A 137 2.23 -16.94 -14.11
CA PRO A 137 2.65 -18.22 -14.74
C PRO A 137 2.82 -19.35 -13.72
N LEU A 138 2.40 -20.55 -14.11
CA LEU A 138 2.51 -21.70 -13.22
C LEU A 138 3.60 -22.65 -13.71
N ARG A 139 4.82 -22.43 -13.26
CA ARG A 139 5.95 -23.27 -13.67
C ARG A 139 5.70 -24.73 -13.26
N GLN A 140 5.19 -24.92 -12.05
CA GLN A 140 4.91 -26.27 -11.56
C GLN A 140 3.70 -26.86 -12.28
N GLU A 141 3.75 -28.17 -12.51
CA GLU A 141 2.66 -28.85 -13.20
C GLU A 141 1.39 -28.81 -12.36
N GLY A 1 -11.17 -13.82 -14.05
CA GLY A 1 -12.37 -13.47 -14.86
C GLY A 1 -12.79 -12.04 -14.54
N SER A 2 -11.96 -11.08 -14.94
CA SER A 2 -12.26 -9.67 -14.69
C SER A 2 -12.40 -8.92 -16.01
N HIS A 3 -12.88 -9.61 -17.03
CA HIS A 3 -13.06 -8.98 -18.35
C HIS A 3 -11.73 -8.44 -18.86
N MET A 4 -11.79 -7.37 -19.67
CA MET A 4 -10.59 -6.77 -20.20
C MET A 4 -9.85 -5.99 -19.12
N LYS A 5 -10.47 -5.87 -17.94
CA LYS A 5 -9.85 -5.14 -16.85
C LYS A 5 -8.76 -5.99 -16.20
N CYS A 6 -7.52 -5.54 -16.33
CA CYS A 6 -6.40 -6.27 -15.75
C CYS A 6 -5.21 -5.35 -15.55
N ILE A 7 -4.08 -5.92 -15.13
CA ILE A 7 -2.88 -5.12 -14.91
C ILE A 7 -2.59 -4.20 -16.08
N GLN A 8 -3.05 -4.61 -17.26
CA GLN A 8 -2.81 -3.81 -18.46
C GLN A 8 -3.34 -2.39 -18.30
N ASP A 9 -4.65 -2.26 -18.24
CA ASP A 9 -5.28 -0.94 -18.10
C ASP A 9 -5.97 -0.82 -16.74
N ILE A 10 -5.58 -1.67 -15.80
CA ILE A 10 -6.20 -1.70 -14.49
C ILE A 10 -6.38 -0.28 -13.97
N GLU A 11 -7.54 -0.04 -13.36
CA GLU A 11 -7.87 1.27 -12.81
C GLU A 11 -6.58 2.06 -12.53
N PRO A 12 -6.50 3.27 -12.96
CA PRO A 12 -5.27 4.11 -12.81
C PRO A 12 -4.88 4.30 -11.36
N THR A 13 -5.72 3.84 -10.45
CA THR A 13 -5.43 3.97 -9.03
C THR A 13 -4.04 3.43 -8.71
N ILE A 14 -3.55 2.52 -9.56
CA ILE A 14 -2.22 1.96 -9.35
C ILE A 14 -1.14 3.01 -9.62
N LEU A 15 -1.15 3.56 -10.83
CA LEU A 15 -0.18 4.57 -11.22
C LEU A 15 -0.37 5.84 -10.40
N GLU A 16 -1.63 6.16 -10.13
CA GLU A 16 -1.96 7.34 -9.36
C GLU A 16 -1.43 7.21 -7.93
N ALA A 17 -1.41 5.99 -7.42
CA ALA A 17 -0.91 5.74 -6.08
C ALA A 17 0.60 5.95 -6.00
N GLN A 18 1.32 5.47 -7.02
CA GLN A 18 2.77 5.59 -7.05
C GLN A 18 3.16 7.06 -7.27
N ARG A 19 2.43 7.73 -8.15
CA ARG A 19 2.70 9.13 -8.44
C ARG A 19 2.37 10.01 -7.23
N GLY A 20 1.45 9.54 -6.39
CA GLY A 20 1.05 10.28 -5.22
C GLY A 20 2.01 10.05 -4.05
N VAL A 21 2.37 8.79 -3.83
CA VAL A 21 3.28 8.46 -2.74
C VAL A 21 4.65 9.07 -2.99
N LYS A 22 5.03 9.18 -4.26
CA LYS A 22 6.32 9.76 -4.62
C LYS A 22 6.26 11.28 -4.54
N ASN A 23 5.07 11.83 -4.80
CA ASN A 23 4.89 13.27 -4.74
C ASN A 23 5.00 13.77 -3.30
N ILE A 24 5.22 12.85 -2.36
CA ILE A 24 5.35 13.20 -0.97
C ILE A 24 6.73 13.76 -0.67
N LYS A 25 6.76 14.87 0.05
CA LYS A 25 8.03 15.51 0.41
C LYS A 25 8.61 14.87 1.67
N LYS A 26 9.91 15.06 1.86
CA LYS A 26 10.59 14.52 3.04
C LYS A 26 9.96 15.08 4.31
N GLN A 27 9.53 16.33 4.26
CA GLN A 27 8.92 16.98 5.41
C GLN A 27 7.65 16.23 5.83
N GLN A 28 6.94 15.71 4.85
CA GLN A 28 5.71 14.96 5.11
C GLN A 28 6.02 13.64 5.81
N LEU A 29 7.14 13.04 5.43
CA LEU A 29 7.56 11.77 6.02
C LEU A 29 8.06 11.99 7.46
N THR A 30 8.78 13.09 7.65
CA THR A 30 9.33 13.41 8.96
C THR A 30 8.20 13.72 9.95
N GLU A 31 7.17 14.41 9.47
CA GLU A 31 6.04 14.75 10.33
C GLU A 31 5.26 13.51 10.73
N ILE A 32 5.06 12.60 9.79
CA ILE A 32 4.34 11.37 10.06
C ILE A 32 5.07 10.52 11.08
N ARG A 33 6.40 10.51 11.00
CA ARG A 33 7.21 9.73 11.92
C ARG A 33 7.32 10.44 13.26
N SER A 34 7.11 11.76 13.25
CA SER A 34 7.17 12.55 14.48
C SER A 34 6.01 12.19 15.39
N MET A 35 4.83 12.01 14.78
CA MET A 35 3.64 11.68 15.56
C MET A 35 3.86 10.42 16.38
N VAL A 36 3.90 10.57 17.70
CA VAL A 36 4.11 9.43 18.59
C VAL A 36 2.83 8.62 18.73
N ASN A 37 1.70 9.26 18.50
CA ASN A 37 0.40 8.59 18.61
C ASN A 37 -0.37 8.72 17.30
N PRO A 38 -0.07 7.88 16.33
CA PRO A 38 -0.74 7.92 15.01
C PRO A 38 -2.23 7.57 15.09
N PRO A 39 -3.07 8.33 14.44
CA PRO A 39 -4.53 8.10 14.42
C PRO A 39 -4.91 6.91 13.52
N SER A 40 -6.08 6.34 13.77
CA SER A 40 -6.54 5.21 12.97
C SER A 40 -6.51 5.57 11.49
N GLY A 41 -5.43 5.20 10.81
CA GLY A 41 -5.28 5.48 9.41
C GLY A 41 -3.81 5.46 9.00
N VAL A 42 -2.96 6.08 9.81
CA VAL A 42 -1.52 6.10 9.51
C VAL A 42 -0.88 4.74 9.81
N LYS A 43 -1.23 4.19 10.95
CA LYS A 43 -0.69 2.90 11.38
C LYS A 43 -1.15 1.78 10.45
N ILE A 44 -2.44 1.76 10.13
CA ILE A 44 -2.98 0.74 9.25
C ILE A 44 -2.30 0.80 7.89
N VAL A 45 -2.11 2.02 7.38
CA VAL A 45 -1.46 2.19 6.09
C VAL A 45 -0.01 1.73 6.14
N MET A 46 0.69 2.16 7.17
CA MET A 46 2.09 1.80 7.32
C MET A 46 2.26 0.29 7.47
N GLU A 47 1.34 -0.33 8.20
CA GLU A 47 1.42 -1.77 8.41
C GLU A 47 1.13 -2.54 7.12
N ALA A 48 0.03 -2.20 6.47
CA ALA A 48 -0.35 -2.88 5.25
C ALA A 48 0.71 -2.70 4.17
N VAL A 49 1.22 -1.48 4.05
CA VAL A 49 2.24 -1.19 3.05
C VAL A 49 3.49 -2.01 3.31
N CYS A 50 3.91 -2.05 4.57
CA CYS A 50 5.11 -2.80 4.93
C CYS A 50 4.93 -4.29 4.64
N ALA A 51 3.74 -4.81 4.92
CA ALA A 51 3.48 -6.22 4.68
C ALA A 51 3.63 -6.57 3.21
N ILE A 52 3.18 -5.67 2.34
CA ILE A 52 3.27 -5.90 0.90
C ILE A 52 4.73 -5.87 0.45
N LEU A 53 5.49 -4.93 1.00
CA LEU A 53 6.90 -4.78 0.65
C LEU A 53 7.71 -5.95 1.20
N GLY A 54 7.04 -6.82 1.93
CA GLY A 54 7.69 -7.99 2.50
C GLY A 54 8.36 -7.66 3.83
N TYR A 55 7.95 -6.55 4.43
CA TYR A 55 8.53 -6.12 5.70
C TYR A 55 7.83 -6.82 6.85
N GLN A 56 8.63 -7.41 7.73
CA GLN A 56 8.09 -8.11 8.89
C GLN A 56 8.08 -7.18 10.09
N PHE A 57 6.99 -6.44 10.25
CA PHE A 57 6.85 -5.51 11.35
C PHE A 57 5.38 -5.17 11.61
N SER A 58 5.10 -4.67 12.82
CA SER A 58 3.74 -4.30 13.16
C SER A 58 3.73 -3.37 14.38
N ASN A 59 4.68 -2.44 14.43
CA ASN A 59 4.76 -1.49 15.52
C ASN A 59 5.02 -0.09 14.98
N TRP A 60 4.29 0.88 15.49
CA TRP A 60 4.45 2.26 15.04
C TRP A 60 5.91 2.67 15.12
N ARG A 61 6.56 2.33 16.22
CA ARG A 61 7.97 2.66 16.39
C ARG A 61 8.83 1.94 15.36
N ASP A 62 8.53 0.66 15.13
CA ASP A 62 9.28 -0.13 14.17
C ASP A 62 9.21 0.47 12.78
N ILE A 63 8.00 0.84 12.36
CA ILE A 63 7.81 1.43 11.05
C ILE A 63 8.45 2.81 11.01
N GLN A 64 8.33 3.57 12.10
CA GLN A 64 8.88 4.91 12.15
C GLN A 64 10.30 4.93 11.61
N GLN A 65 11.12 3.98 12.05
CA GLN A 65 12.50 3.90 11.59
C GLN A 65 12.60 3.60 10.10
N PHE A 66 11.53 3.02 9.56
CA PHE A 66 11.49 2.69 8.14
C PHE A 66 11.17 3.93 7.30
N ILE A 67 10.10 4.62 7.68
CA ILE A 67 9.69 5.82 6.96
C ILE A 67 10.74 6.93 7.09
N ARG A 68 11.52 6.86 8.16
CA ARG A 68 12.54 7.86 8.40
C ARG A 68 13.46 7.98 7.18
N LYS A 69 13.69 6.85 6.50
CA LYS A 69 14.55 6.86 5.33
C LYS A 69 13.90 7.66 4.20
N ASP A 70 14.71 8.51 3.55
CA ASP A 70 14.21 9.33 2.46
C ASP A 70 13.76 8.46 1.29
N ASP A 71 14.36 7.29 1.17
CA ASP A 71 14.03 6.37 0.09
C ASP A 71 12.96 5.39 0.53
N PHE A 72 12.12 5.81 1.47
CA PHE A 72 11.04 4.96 1.96
C PHE A 72 9.93 4.79 0.93
N ILE A 73 9.65 5.85 0.20
CA ILE A 73 8.62 5.81 -0.82
C ILE A 73 9.17 5.31 -2.15
N HIS A 74 10.48 5.42 -2.32
CA HIS A 74 11.11 4.98 -3.57
C HIS A 74 10.84 3.50 -3.79
N ASN A 75 10.89 2.71 -2.72
CA ASN A 75 10.63 1.28 -2.82
C ASN A 75 9.15 1.02 -3.14
N ILE A 76 8.28 1.82 -2.54
CA ILE A 76 6.84 1.67 -2.74
C ILE A 76 6.48 1.87 -4.20
N VAL A 77 7.27 2.70 -4.89
CA VAL A 77 7.03 2.98 -6.30
C VAL A 77 7.88 2.10 -7.20
N HIS A 78 9.01 1.64 -6.66
CA HIS A 78 9.91 0.77 -7.41
C HIS A 78 9.39 -0.66 -7.42
N TYR A 79 8.38 -0.93 -6.58
CA TYR A 79 7.82 -2.27 -6.49
C TYR A 79 7.61 -2.86 -7.88
N ASP A 80 8.22 -4.01 -8.12
CA ASP A 80 8.12 -4.66 -9.42
C ASP A 80 7.21 -5.88 -9.35
N THR A 81 6.27 -5.95 -10.29
CA THR A 81 5.34 -7.07 -10.34
C THR A 81 6.03 -8.30 -10.88
N THR A 82 6.82 -8.13 -11.94
CA THR A 82 7.53 -9.25 -12.59
C THR A 82 7.86 -10.33 -11.57
N LEU A 83 8.38 -9.91 -10.40
CA LEU A 83 8.70 -10.84 -9.34
C LEU A 83 7.59 -11.87 -9.14
N HIS A 84 7.94 -13.03 -8.60
CA HIS A 84 6.97 -14.10 -8.41
C HIS A 84 5.73 -13.56 -7.71
N MET A 85 5.94 -12.82 -6.63
CA MET A 85 4.82 -12.24 -5.89
C MET A 85 4.03 -13.33 -5.16
N LYS A 86 3.46 -12.98 -4.02
CA LYS A 86 2.68 -13.93 -3.24
C LYS A 86 1.82 -13.19 -2.22
N PRO A 87 0.71 -12.64 -2.65
CA PRO A 87 -0.21 -11.88 -1.76
C PRO A 87 -1.04 -12.79 -0.86
N GLN A 88 -0.41 -13.84 -0.34
CA GLN A 88 -1.11 -14.76 0.56
C GLN A 88 -1.48 -14.06 1.85
N ILE A 89 -0.72 -13.02 2.20
CA ILE A 89 -0.98 -12.28 3.42
C ILE A 89 -2.31 -11.51 3.30
N ARG A 90 -2.89 -11.51 2.09
CA ARG A 90 -4.14 -10.80 1.88
C ARG A 90 -5.20 -11.27 2.87
N LYS A 91 -5.38 -12.58 2.98
CA LYS A 91 -6.37 -13.13 3.90
C LYS A 91 -6.11 -12.66 5.33
N TYR A 92 -4.85 -12.73 5.74
CA TYR A 92 -4.47 -12.30 7.07
C TYR A 92 -4.87 -10.83 7.28
N MET A 93 -4.74 -10.04 6.24
CA MET A 93 -5.11 -8.62 6.31
C MET A 93 -6.63 -8.45 6.40
N GLU A 94 -7.35 -9.35 5.74
CA GLU A 94 -8.81 -9.29 5.75
C GLU A 94 -9.37 -9.76 7.09
N GLU A 95 -8.49 -10.12 8.02
CA GLU A 95 -8.91 -10.58 9.33
C GLU A 95 -9.65 -9.49 10.09
N GLU A 96 -9.15 -8.28 10.01
CA GLU A 96 -9.77 -7.14 10.69
C GLU A 96 -9.16 -5.81 10.23
N PHE A 97 -8.08 -5.88 9.45
CA PHE A 97 -7.43 -4.69 8.93
C PHE A 97 -8.28 -4.05 7.85
N LEU A 98 -8.87 -4.87 7.00
CA LEU A 98 -9.72 -4.37 5.93
C LEU A 98 -11.07 -3.93 6.46
N SER A 99 -11.55 -4.65 7.47
CA SER A 99 -12.85 -4.34 8.07
C SER A 99 -12.83 -2.96 8.70
N ASP A 100 -11.73 -2.65 9.40
CA ASP A 100 -11.58 -1.37 10.07
C ASP A 100 -12.14 -0.24 9.20
N PRO A 101 -13.10 0.50 9.68
CA PRO A 101 -13.73 1.61 8.93
C PRO A 101 -12.79 2.80 8.77
N ASN A 102 -11.71 2.79 9.53
CA ASN A 102 -10.72 3.88 9.47
C ASN A 102 -9.83 3.70 8.25
N PHE A 103 -9.89 2.53 7.62
CA PHE A 103 -9.09 2.28 6.46
C PHE A 103 -9.80 2.75 5.20
N THR A 104 -10.09 4.04 5.15
CA THR A 104 -10.78 4.62 3.99
C THR A 104 -10.00 5.79 3.42
N TYR A 105 -10.37 6.22 2.23
CA TYR A 105 -9.70 7.36 1.60
C TYR A 105 -9.96 8.66 2.34
N GLU A 106 -11.04 8.69 3.13
CA GLU A 106 -11.39 9.88 3.87
C GLU A 106 -10.62 9.97 5.19
N THR A 107 -10.77 8.95 6.02
CA THR A 107 -10.08 8.91 7.31
C THR A 107 -8.58 8.95 7.09
N ILE A 108 -8.10 8.13 6.16
CA ILE A 108 -6.67 8.08 5.89
C ILE A 108 -6.16 9.45 5.47
N ASN A 109 -6.86 10.08 4.53
CA ASN A 109 -6.46 11.40 4.06
C ASN A 109 -6.40 12.38 5.23
N ARG A 110 -7.44 12.38 6.05
CA ARG A 110 -7.48 13.27 7.20
C ARG A 110 -6.36 12.93 8.19
N ALA A 111 -5.83 11.71 8.07
CA ALA A 111 -4.75 11.29 8.95
C ALA A 111 -3.44 12.00 8.58
N SER A 112 -3.17 12.08 7.28
CA SER A 112 -1.95 12.71 6.80
C SER A 112 -1.98 12.90 5.29
N LYS A 113 -1.62 14.09 4.83
CA LYS A 113 -1.63 14.38 3.41
C LYS A 113 -0.71 13.41 2.67
N ALA A 114 0.25 12.83 3.39
CA ALA A 114 1.16 11.88 2.80
C ALA A 114 0.65 10.45 2.95
N CYS A 115 -0.34 10.27 3.81
CA CYS A 115 -0.92 8.96 4.05
C CYS A 115 -2.06 8.69 3.09
N GLY A 116 -2.60 9.75 2.50
CA GLY A 116 -3.70 9.61 1.55
C GLY A 116 -3.32 8.71 0.37
N PRO A 117 -2.32 9.11 -0.38
CA PRO A 117 -1.84 8.33 -1.55
C PRO A 117 -1.37 6.93 -1.16
N LEU A 118 -1.04 6.76 0.12
CA LEU A 118 -0.57 5.47 0.61
C LEU A 118 -1.71 4.46 0.60
N TYR A 119 -2.81 4.81 1.27
CA TYR A 119 -3.98 3.93 1.32
C TYR A 119 -4.37 3.50 -0.09
N GLN A 120 -4.31 4.45 -1.02
CA GLN A 120 -4.63 4.15 -2.41
C GLN A 120 -3.65 3.12 -2.97
N TRP A 121 -2.37 3.25 -2.62
CA TRP A 121 -1.36 2.32 -3.09
C TRP A 121 -1.69 0.92 -2.59
N VAL A 122 -2.02 0.81 -1.31
CA VAL A 122 -2.34 -0.49 -0.72
C VAL A 122 -3.57 -1.07 -1.43
N ASN A 123 -4.55 -0.22 -1.67
CA ASN A 123 -5.76 -0.63 -2.39
C ASN A 123 -5.45 -0.89 -3.87
N ALA A 124 -4.31 -0.40 -4.32
CA ALA A 124 -3.90 -0.60 -5.72
C ALA A 124 -3.27 -1.97 -5.90
N GLN A 125 -2.43 -2.37 -4.96
CA GLN A 125 -1.76 -3.66 -5.04
C GLN A 125 -2.79 -4.79 -4.97
N ILE A 126 -3.77 -4.61 -4.08
CA ILE A 126 -4.82 -5.62 -3.92
C ILE A 126 -5.56 -5.82 -5.24
N ASN A 127 -5.85 -4.71 -5.92
CA ASN A 127 -6.52 -4.79 -7.21
C ASN A 127 -5.67 -5.54 -8.22
N PHE A 128 -4.38 -5.24 -8.25
CA PHE A 128 -3.46 -5.90 -9.17
C PHE A 128 -3.49 -7.40 -8.95
N SER A 129 -3.22 -7.81 -7.72
CA SER A 129 -3.20 -9.24 -7.38
C SER A 129 -4.45 -9.94 -7.93
N LYS A 130 -5.58 -9.25 -7.86
CA LYS A 130 -6.82 -9.81 -8.35
C LYS A 130 -6.66 -10.32 -9.79
N CYS A 131 -6.05 -9.51 -10.63
CA CYS A 131 -5.80 -9.90 -12.03
C CYS A 131 -4.65 -10.87 -12.13
N LEU A 132 -3.60 -10.62 -11.35
CA LEU A 132 -2.41 -11.47 -11.37
C LEU A 132 -2.79 -12.92 -11.05
N GLU A 133 -3.98 -13.12 -10.50
CA GLU A 133 -4.44 -14.46 -10.17
C GLU A 133 -4.23 -15.40 -11.36
N ASN A 134 -4.39 -14.88 -12.56
CA ASN A 134 -4.18 -15.68 -13.76
C ASN A 134 -3.65 -14.82 -14.91
N VAL A 135 -2.35 -14.58 -14.88
CA VAL A 135 -1.70 -13.78 -15.93
C VAL A 135 -0.51 -14.52 -16.52
N ASP A 136 -0.24 -15.71 -16.00
CA ASP A 136 0.90 -16.50 -16.47
C ASP A 136 0.89 -16.58 -18.00
N PRO A 137 1.84 -15.94 -18.64
CA PRO A 137 1.94 -15.94 -20.13
C PRO A 137 2.46 -17.26 -20.66
N LEU A 138 1.97 -17.66 -21.84
CA LEU A 138 2.39 -18.91 -22.44
C LEU A 138 3.63 -18.69 -23.31
N ARG A 139 3.94 -17.43 -23.61
CA ARG A 139 5.09 -17.10 -24.43
C ARG A 139 5.63 -15.71 -24.05
N GLN A 140 6.91 -15.66 -23.69
CA GLN A 140 7.52 -14.39 -23.31
C GLN A 140 7.71 -13.49 -24.53
N GLU A 141 7.50 -12.20 -24.35
CA GLU A 141 7.65 -11.24 -25.43
C GLU A 141 9.00 -10.55 -25.37
N GLY A 1 -12.46 -14.71 -20.57
CA GLY A 1 -13.24 -15.17 -21.75
C GLY A 1 -13.95 -13.97 -22.38
N SER A 2 -14.97 -13.46 -21.69
CA SER A 2 -15.72 -12.32 -22.19
C SER A 2 -14.81 -11.11 -22.34
N HIS A 3 -13.96 -10.89 -21.33
CA HIS A 3 -13.04 -9.75 -21.37
C HIS A 3 -11.88 -9.98 -20.40
N MET A 4 -10.80 -9.23 -20.59
CA MET A 4 -9.64 -9.36 -19.72
C MET A 4 -9.16 -7.98 -19.27
N LYS A 5 -9.06 -7.80 -17.96
CA LYS A 5 -8.60 -6.52 -17.41
C LYS A 5 -7.42 -6.75 -16.48
N CYS A 6 -6.27 -6.16 -16.83
CA CYS A 6 -5.08 -6.30 -16.01
C CYS A 6 -4.35 -4.97 -15.93
N ILE A 7 -3.16 -4.98 -15.33
CA ILE A 7 -2.35 -3.76 -15.17
C ILE A 7 -2.42 -2.89 -16.42
N GLN A 8 -2.52 -3.53 -17.57
CA GLN A 8 -2.59 -2.81 -18.84
C GLN A 8 -3.55 -1.61 -18.75
N ASP A 9 -4.84 -1.89 -18.62
CA ASP A 9 -5.85 -0.85 -18.51
C ASP A 9 -6.52 -0.88 -17.13
N ILE A 10 -5.90 -1.57 -16.19
CA ILE A 10 -6.47 -1.68 -14.84
C ILE A 10 -6.57 -0.31 -14.21
N GLU A 11 -7.63 -0.15 -13.41
CA GLU A 11 -7.90 1.10 -12.71
C GLU A 11 -6.59 1.87 -12.47
N PRO A 12 -6.53 3.12 -12.84
CA PRO A 12 -5.28 3.93 -12.70
C PRO A 12 -4.87 4.09 -11.25
N THR A 13 -5.70 3.61 -10.32
CA THR A 13 -5.39 3.71 -8.91
C THR A 13 -3.96 3.26 -8.64
N ILE A 14 -3.43 2.39 -9.49
CA ILE A 14 -2.07 1.90 -9.31
C ILE A 14 -1.06 3.00 -9.61
N LEU A 15 -1.08 3.52 -10.84
CA LEU A 15 -0.15 4.56 -11.23
C LEU A 15 -0.36 5.83 -10.42
N GLU A 16 -1.62 6.17 -10.21
CA GLU A 16 -1.96 7.36 -9.45
C GLU A 16 -1.45 7.25 -8.02
N ALA A 17 -1.48 6.03 -7.48
CA ALA A 17 -1.01 5.82 -6.13
C ALA A 17 0.51 5.94 -6.04
N GLN A 18 1.21 5.38 -7.02
CA GLN A 18 2.67 5.43 -7.02
C GLN A 18 3.15 6.85 -7.25
N ARG A 19 2.51 7.55 -8.19
CA ARG A 19 2.88 8.92 -8.51
C ARG A 19 2.78 9.79 -7.26
N GLY A 20 1.67 9.64 -6.54
CA GLY A 20 1.48 10.41 -5.32
C GLY A 20 2.47 9.99 -4.25
N VAL A 21 2.72 8.68 -4.15
CA VAL A 21 3.64 8.15 -3.16
C VAL A 21 5.02 8.80 -3.29
N LYS A 22 5.52 8.87 -4.51
CA LYS A 22 6.82 9.48 -4.75
C LYS A 22 6.75 10.99 -4.58
N ASN A 23 5.56 11.55 -4.77
CA ASN A 23 5.37 12.99 -4.64
C ASN A 23 5.42 13.41 -3.17
N ILE A 24 5.59 12.43 -2.28
CA ILE A 24 5.66 12.71 -0.85
C ILE A 24 7.10 12.99 -0.44
N LYS A 25 7.27 13.97 0.43
CA LYS A 25 8.60 14.34 0.91
C LYS A 25 8.52 15.57 1.81
N LYS A 26 9.67 16.02 2.29
CA LYS A 26 9.72 17.19 3.15
C LYS A 26 9.10 16.90 4.52
N GLN A 27 8.16 17.74 4.96
CA GLN A 27 7.50 17.57 6.22
C GLN A 27 6.37 16.55 6.12
N GLN A 28 6.06 16.10 4.90
CA GLN A 28 4.97 15.18 4.70
C GLN A 28 5.20 13.90 5.51
N LEU A 29 6.41 13.34 5.41
CA LEU A 29 6.72 12.12 6.15
C LEU A 29 7.25 12.45 7.53
N THR A 30 7.92 13.60 7.65
CA THR A 30 8.49 14.03 8.93
C THR A 30 7.40 14.17 9.98
N GLU A 31 6.27 14.75 9.58
CA GLU A 31 5.16 14.93 10.51
C GLU A 31 4.67 13.58 11.03
N ILE A 32 4.77 12.56 10.19
CA ILE A 32 4.33 11.23 10.57
C ILE A 32 5.27 10.65 11.61
N ARG A 33 6.54 10.95 11.48
CA ARG A 33 7.54 10.44 12.41
C ARG A 33 7.45 11.22 13.74
N SER A 34 6.96 12.46 13.65
CA SER A 34 6.84 13.29 14.85
C SER A 34 5.73 12.77 15.77
N MET A 35 4.62 12.35 15.16
CA MET A 35 3.49 11.85 15.95
C MET A 35 3.84 10.52 16.62
N VAL A 36 4.00 10.55 17.94
CA VAL A 36 4.34 9.33 18.67
C VAL A 36 3.12 8.42 18.80
N ASN A 37 1.93 9.02 18.74
CA ASN A 37 0.68 8.27 18.85
C ASN A 37 -0.14 8.46 17.58
N PRO A 38 0.21 7.77 16.53
CA PRO A 38 -0.49 7.88 15.23
C PRO A 38 -1.98 7.53 15.33
N PRO A 39 -2.82 8.26 14.63
CA PRO A 39 -4.29 8.02 14.63
C PRO A 39 -4.67 6.78 13.82
N SER A 40 -5.85 6.23 14.11
CA SER A 40 -6.29 5.04 13.40
C SER A 40 -6.35 5.34 11.90
N GLY A 41 -5.30 4.95 11.19
CA GLY A 41 -5.24 5.17 9.74
C GLY A 41 -3.79 5.18 9.27
N VAL A 42 -2.93 5.83 10.05
CA VAL A 42 -1.51 5.89 9.70
C VAL A 42 -0.86 4.53 9.93
N LYS A 43 -1.20 3.92 11.07
CA LYS A 43 -0.62 2.63 11.44
C LYS A 43 -1.10 1.53 10.52
N ILE A 44 -2.41 1.46 10.29
CA ILE A 44 -2.98 0.45 9.43
C ILE A 44 -2.38 0.52 8.02
N VAL A 45 -2.25 1.73 7.50
CA VAL A 45 -1.68 1.93 6.18
C VAL A 45 -0.20 1.59 6.15
N MET A 46 0.54 2.12 7.11
CA MET A 46 1.97 1.88 7.18
C MET A 46 2.27 0.39 7.31
N GLU A 47 1.46 -0.30 8.11
CA GLU A 47 1.66 -1.72 8.30
C GLU A 47 1.33 -2.53 7.05
N ALA A 48 0.20 -2.22 6.43
CA ALA A 48 -0.22 -2.93 5.23
C ALA A 48 0.79 -2.73 4.10
N VAL A 49 1.24 -1.49 3.93
CA VAL A 49 2.19 -1.19 2.88
C VAL A 49 3.48 -1.95 3.08
N CYS A 50 3.96 -1.99 4.32
CA CYS A 50 5.19 -2.68 4.63
C CYS A 50 5.05 -4.17 4.37
N ALA A 51 3.88 -4.74 4.67
CA ALA A 51 3.64 -6.16 4.48
C ALA A 51 3.76 -6.55 3.01
N ILE A 52 3.25 -5.72 2.13
CA ILE A 52 3.30 -6.00 0.69
C ILE A 52 4.72 -5.92 0.17
N LEU A 53 5.46 -4.93 0.63
CA LEU A 53 6.85 -4.74 0.20
C LEU A 53 7.74 -5.85 0.73
N GLY A 54 7.15 -6.71 1.53
CA GLY A 54 7.90 -7.84 2.10
C GLY A 54 8.56 -7.44 3.41
N TYR A 55 8.18 -6.29 3.95
CA TYR A 55 8.77 -5.81 5.18
C TYR A 55 8.11 -6.51 6.36
N GLN A 56 8.95 -7.11 7.20
CA GLN A 56 8.46 -7.81 8.38
C GLN A 56 8.48 -6.89 9.60
N PHE A 57 7.36 -6.22 9.84
CA PHE A 57 7.24 -5.31 10.97
C PHE A 57 5.78 -5.01 11.30
N SER A 58 5.54 -4.53 12.52
CA SER A 58 4.18 -4.21 12.93
C SER A 58 4.19 -3.33 14.18
N ASN A 59 5.18 -2.45 14.28
CA ASN A 59 5.28 -1.56 15.43
C ASN A 59 5.43 -0.13 14.94
N TRP A 60 4.70 0.80 15.56
CA TRP A 60 4.76 2.19 15.15
C TRP A 60 6.21 2.66 15.11
N ARG A 61 6.96 2.37 16.17
CA ARG A 61 8.36 2.77 16.22
C ARG A 61 9.18 2.04 15.16
N ASP A 62 8.87 0.76 14.96
CA ASP A 62 9.58 -0.04 13.97
C ASP A 62 9.44 0.55 12.59
N ILE A 63 8.24 0.94 12.22
CA ILE A 63 8.01 1.55 10.91
C ILE A 63 8.62 2.93 10.87
N GLN A 64 8.48 3.70 11.95
CA GLN A 64 9.00 5.06 11.98
C GLN A 64 10.42 5.14 11.46
N GLN A 65 11.29 4.26 11.97
CA GLN A 65 12.67 4.26 11.53
C GLN A 65 12.80 3.83 10.07
N PHE A 66 11.77 3.17 9.56
CA PHE A 66 11.77 2.74 8.17
C PHE A 66 11.39 3.89 7.24
N ILE A 67 10.32 4.58 7.61
CA ILE A 67 9.83 5.71 6.82
C ILE A 67 10.80 6.88 6.90
N ARG A 68 11.62 6.90 7.94
CA ARG A 68 12.60 7.95 8.12
C ARG A 68 13.53 8.02 6.91
N LYS A 69 13.74 6.88 6.26
CA LYS A 69 14.61 6.85 5.10
C LYS A 69 14.02 7.68 3.96
N ASP A 70 14.86 8.51 3.34
CA ASP A 70 14.42 9.35 2.24
C ASP A 70 14.01 8.50 1.04
N ASP A 71 14.53 7.28 0.99
CA ASP A 71 14.22 6.38 -0.11
C ASP A 71 13.15 5.37 0.30
N PHE A 72 12.30 5.77 1.26
CA PHE A 72 11.23 4.89 1.71
C PHE A 72 10.15 4.74 0.65
N ILE A 73 9.56 5.85 0.25
CA ILE A 73 8.51 5.82 -0.76
C ILE A 73 9.03 5.25 -2.06
N HIS A 74 10.34 5.32 -2.26
CA HIS A 74 10.95 4.80 -3.47
C HIS A 74 10.65 3.31 -3.62
N ASN A 75 10.68 2.59 -2.51
CA ASN A 75 10.40 1.15 -2.55
C ASN A 75 8.93 0.89 -2.87
N ILE A 76 8.05 1.72 -2.31
CA ILE A 76 6.62 1.58 -2.54
C ILE A 76 6.26 1.76 -4.01
N VAL A 77 7.05 2.58 -4.70
CA VAL A 77 6.80 2.84 -6.11
C VAL A 77 7.60 1.87 -6.99
N HIS A 78 8.71 1.37 -6.45
CA HIS A 78 9.54 0.41 -7.18
C HIS A 78 9.07 -1.02 -6.93
N TYR A 79 8.07 -1.18 -6.06
CA TYR A 79 7.55 -2.50 -5.74
C TYR A 79 7.24 -3.26 -7.02
N ASP A 80 7.66 -4.51 -7.06
CA ASP A 80 7.43 -5.35 -8.24
C ASP A 80 6.05 -5.97 -8.18
N THR A 81 5.21 -5.62 -9.15
CA THR A 81 3.85 -6.15 -9.21
C THR A 81 3.84 -7.68 -9.11
N THR A 82 4.97 -8.30 -9.44
CA THR A 82 5.11 -9.74 -9.35
C THR A 82 5.51 -10.10 -7.95
N LEU A 83 5.60 -11.42 -7.68
CA LEU A 83 5.97 -11.95 -6.35
C LEU A 83 4.73 -12.31 -5.55
N HIS A 84 4.23 -13.53 -5.76
CA HIS A 84 3.05 -14.00 -5.05
C HIS A 84 3.45 -14.71 -3.75
N MET A 85 4.64 -14.42 -3.26
CA MET A 85 5.13 -15.04 -2.04
C MET A 85 4.29 -14.60 -0.84
N LYS A 86 4.21 -15.47 0.17
CA LYS A 86 3.43 -15.17 1.36
C LYS A 86 2.05 -14.62 1.00
N PRO A 87 1.27 -15.39 0.27
CA PRO A 87 -0.10 -14.98 -0.17
C PRO A 87 -1.06 -14.84 1.01
N GLN A 88 -0.70 -15.47 2.13
CA GLN A 88 -1.52 -15.40 3.34
C GLN A 88 -1.50 -13.99 3.95
N ILE A 89 -0.78 -13.08 3.30
CA ILE A 89 -0.72 -11.71 3.77
C ILE A 89 -1.98 -10.95 3.35
N ARG A 90 -2.44 -11.20 2.11
CA ARG A 90 -3.62 -10.49 1.60
C ARG A 90 -4.83 -10.79 2.46
N LYS A 91 -5.08 -12.07 2.70
CA LYS A 91 -6.20 -12.47 3.53
C LYS A 91 -6.02 -11.98 4.96
N TYR A 92 -4.81 -12.13 5.46
CA TYR A 92 -4.50 -11.71 6.82
C TYR A 92 -4.91 -10.26 7.04
N MET A 93 -4.79 -9.46 5.97
CA MET A 93 -5.17 -8.04 6.04
C MET A 93 -6.70 -7.91 6.14
N GLU A 94 -7.41 -8.85 5.55
CA GLU A 94 -8.87 -8.81 5.58
C GLU A 94 -9.40 -9.23 6.95
N GLU A 95 -8.50 -9.53 7.88
CA GLU A 95 -8.89 -9.95 9.22
C GLU A 95 -9.70 -8.85 9.92
N GLU A 96 -9.27 -7.62 9.73
CA GLU A 96 -9.94 -6.47 10.35
C GLU A 96 -9.38 -5.15 9.82
N PHE A 97 -8.36 -5.21 8.97
CA PHE A 97 -7.76 -4.00 8.42
C PHE A 97 -8.62 -3.46 7.27
N LEU A 98 -9.01 -4.35 6.37
CA LEU A 98 -9.83 -3.94 5.24
C LEU A 98 -11.23 -3.53 5.71
N SER A 99 -11.74 -4.26 6.69
CA SER A 99 -13.06 -3.96 7.23
C SER A 99 -13.03 -2.65 8.00
N ASP A 100 -11.96 -2.45 8.76
CA ASP A 100 -11.81 -1.26 9.60
C ASP A 100 -12.43 -0.03 8.91
N PRO A 101 -13.38 0.61 9.54
CA PRO A 101 -14.07 1.81 8.96
C PRO A 101 -13.13 2.99 8.82
N ASN A 102 -12.01 2.93 9.52
CA ASN A 102 -11.03 4.01 9.46
C ASN A 102 -10.05 3.79 8.31
N PHE A 103 -10.18 2.66 7.62
CA PHE A 103 -9.31 2.37 6.49
C PHE A 103 -9.95 2.84 5.20
N THR A 104 -10.17 4.14 5.08
CA THR A 104 -10.78 4.71 3.89
C THR A 104 -9.93 5.86 3.36
N TYR A 105 -10.24 6.30 2.15
CA TYR A 105 -9.47 7.38 1.53
C TYR A 105 -9.51 8.64 2.37
N GLU A 106 -10.70 9.05 2.79
CA GLU A 106 -10.85 10.27 3.57
C GLU A 106 -10.20 10.17 4.95
N THR A 107 -10.53 9.12 5.69
CA THR A 107 -9.98 8.95 7.03
C THR A 107 -8.47 8.85 6.97
N ILE A 108 -7.96 7.97 6.11
CA ILE A 108 -6.53 7.81 5.99
C ILE A 108 -5.89 9.13 5.58
N ASN A 109 -6.46 9.77 4.57
CA ASN A 109 -5.92 11.04 4.10
C ASN A 109 -5.90 12.06 5.23
N ARG A 110 -7.01 12.17 5.94
CA ARG A 110 -7.12 13.10 7.05
C ARG A 110 -6.08 12.76 8.12
N ALA A 111 -5.64 11.51 8.15
CA ALA A 111 -4.63 11.09 9.10
C ALA A 111 -3.27 11.69 8.77
N SER A 112 -2.92 11.67 7.49
CA SER A 112 -1.64 12.19 7.04
C SER A 112 -1.63 12.40 5.53
N LYS A 113 -1.24 13.59 5.10
CA LYS A 113 -1.20 13.92 3.68
C LYS A 113 -0.33 12.92 2.93
N ALA A 114 0.64 12.33 3.62
CA ALA A 114 1.52 11.34 3.01
C ALA A 114 0.97 9.93 3.17
N CYS A 115 -0.04 9.78 4.00
CA CYS A 115 -0.65 8.48 4.24
C CYS A 115 -1.92 8.31 3.41
N GLY A 116 -2.44 9.41 2.88
CA GLY A 116 -3.64 9.37 2.08
C GLY A 116 -3.46 8.50 0.83
N PRO A 117 -2.60 8.95 -0.07
CA PRO A 117 -2.33 8.20 -1.34
C PRO A 117 -1.81 6.79 -1.08
N LEU A 118 -1.39 6.54 0.16
CA LEU A 118 -0.88 5.22 0.51
C LEU A 118 -2.02 4.20 0.56
N TYR A 119 -3.11 4.59 1.21
CA TYR A 119 -4.27 3.71 1.31
C TYR A 119 -4.69 3.25 -0.07
N GLN A 120 -4.62 4.15 -1.04
CA GLN A 120 -4.99 3.81 -2.40
C GLN A 120 -3.99 2.82 -2.99
N TRP A 121 -2.70 3.01 -2.68
CA TRP A 121 -1.66 2.13 -3.23
C TRP A 121 -1.91 0.68 -2.84
N VAL A 122 -2.11 0.45 -1.54
CA VAL A 122 -2.36 -0.91 -1.07
C VAL A 122 -3.61 -1.48 -1.73
N ASN A 123 -4.62 -0.64 -1.88
CA ASN A 123 -5.86 -1.05 -2.51
C ASN A 123 -5.66 -1.27 -4.02
N ALA A 124 -4.58 -0.70 -4.54
CA ALA A 124 -4.26 -0.86 -5.96
C ALA A 124 -3.63 -2.23 -6.22
N GLN A 125 -2.72 -2.65 -5.34
CA GLN A 125 -2.06 -3.94 -5.49
C GLN A 125 -3.08 -5.06 -5.40
N ILE A 126 -4.03 -4.92 -4.48
CA ILE A 126 -5.06 -5.93 -4.30
C ILE A 126 -5.89 -6.05 -5.59
N ASN A 127 -6.23 -4.90 -6.18
CA ASN A 127 -7.02 -4.91 -7.40
C ASN A 127 -6.31 -5.69 -8.50
N PHE A 128 -5.03 -5.42 -8.68
CA PHE A 128 -4.24 -6.12 -9.68
C PHE A 128 -4.20 -7.60 -9.38
N SER A 129 -3.95 -7.94 -8.12
CA SER A 129 -3.88 -9.33 -7.69
C SER A 129 -5.04 -10.12 -8.28
N LYS A 130 -6.17 -9.45 -8.45
CA LYS A 130 -7.35 -10.10 -9.02
C LYS A 130 -7.02 -10.66 -10.42
N CYS A 131 -6.32 -9.87 -11.23
CA CYS A 131 -5.91 -10.29 -12.56
C CYS A 131 -4.82 -11.35 -12.49
N LEU A 132 -3.93 -11.19 -11.52
CA LEU A 132 -2.83 -12.13 -11.35
C LEU A 132 -3.37 -13.53 -11.08
N GLU A 133 -4.48 -13.61 -10.36
CA GLU A 133 -5.08 -14.89 -10.04
C GLU A 133 -5.36 -15.69 -11.31
N ASN A 134 -5.75 -14.98 -12.36
CA ASN A 134 -6.05 -15.64 -13.64
C ASN A 134 -5.19 -15.06 -14.77
N VAL A 135 -3.91 -14.87 -14.48
CA VAL A 135 -2.98 -14.33 -15.47
C VAL A 135 -3.22 -14.96 -16.84
N ASP A 136 -2.90 -14.21 -17.88
CA ASP A 136 -3.11 -14.70 -19.24
C ASP A 136 -2.23 -15.94 -19.50
N PRO A 137 -2.81 -17.02 -19.99
CA PRO A 137 -2.05 -18.27 -20.28
C PRO A 137 -1.16 -18.13 -21.52
N LEU A 138 -0.11 -18.95 -21.57
CA LEU A 138 0.80 -18.91 -22.70
C LEU A 138 1.22 -20.32 -23.11
N ARG A 139 0.47 -21.32 -22.64
CA ARG A 139 0.77 -22.70 -22.98
C ARG A 139 -0.44 -23.38 -23.61
N GLN A 140 -1.51 -23.50 -22.82
CA GLN A 140 -2.73 -24.12 -23.32
C GLN A 140 -3.45 -23.20 -24.28
N GLU A 141 -3.73 -23.71 -25.48
CA GLU A 141 -4.40 -22.92 -26.50
C GLU A 141 -3.74 -21.56 -26.67
N GLY A 1 -6.69 -11.68 -23.40
CA GLY A 1 -7.83 -12.61 -23.65
C GLY A 1 -9.11 -11.81 -23.87
N SER A 2 -9.82 -11.53 -22.78
CA SER A 2 -11.06 -10.76 -22.88
C SER A 2 -10.76 -9.30 -23.21
N HIS A 3 -9.57 -8.84 -22.84
CA HIS A 3 -9.18 -7.46 -23.11
C HIS A 3 -10.22 -6.49 -22.55
N MET A 4 -10.72 -6.79 -21.36
CA MET A 4 -11.71 -5.93 -20.72
C MET A 4 -11.08 -5.12 -19.60
N LYS A 5 -10.63 -5.81 -18.56
CA LYS A 5 -9.99 -5.13 -17.43
C LYS A 5 -9.01 -6.06 -16.74
N CYS A 6 -7.75 -5.66 -16.69
CA CYS A 6 -6.71 -6.47 -16.04
C CYS A 6 -5.41 -5.71 -15.98
N ILE A 7 -4.34 -6.38 -15.58
CA ILE A 7 -3.04 -5.74 -15.47
C ILE A 7 -2.75 -4.86 -16.68
N GLN A 8 -3.33 -5.21 -17.82
CA GLN A 8 -3.10 -4.43 -19.03
C GLN A 8 -3.48 -2.97 -18.84
N ASP A 9 -4.78 -2.71 -18.75
CA ASP A 9 -5.28 -1.35 -18.56
C ASP A 9 -5.94 -1.18 -17.19
N ILE A 10 -5.59 -2.07 -16.27
CA ILE A 10 -6.17 -2.05 -14.94
C ILE A 10 -6.26 -0.62 -14.42
N GLU A 11 -7.38 -0.33 -13.75
CA GLU A 11 -7.63 1.00 -13.21
C GLU A 11 -6.30 1.74 -12.99
N PRO A 12 -6.14 2.90 -13.57
CA PRO A 12 -4.88 3.68 -13.47
C PRO A 12 -4.59 4.14 -12.06
N THR A 13 -5.55 3.91 -11.16
CA THR A 13 -5.38 4.31 -9.77
C THR A 13 -4.04 3.82 -9.23
N ILE A 14 -3.47 2.80 -9.87
CA ILE A 14 -2.17 2.28 -9.44
C ILE A 14 -1.05 3.28 -9.74
N LEU A 15 -1.00 3.75 -10.98
CA LEU A 15 0.02 4.72 -11.38
C LEU A 15 -0.17 6.03 -10.63
N GLU A 16 -1.43 6.41 -10.45
CA GLU A 16 -1.74 7.64 -9.75
C GLU A 16 -1.30 7.56 -8.29
N ALA A 17 -1.36 6.36 -7.73
CA ALA A 17 -0.95 6.16 -6.35
C ALA A 17 0.55 6.32 -6.20
N GLN A 18 1.30 5.75 -7.14
CA GLN A 18 2.76 5.82 -7.08
C GLN A 18 3.21 7.27 -7.27
N ARG A 19 2.53 7.98 -8.18
CA ARG A 19 2.88 9.37 -8.44
C ARG A 19 2.75 10.19 -7.16
N GLY A 20 1.64 10.04 -6.45
CA GLY A 20 1.44 10.77 -5.22
C GLY A 20 2.42 10.32 -4.14
N VAL A 21 2.64 9.00 -4.05
CA VAL A 21 3.54 8.45 -3.05
C VAL A 21 4.92 9.08 -3.16
N LYS A 22 5.45 9.13 -4.37
CA LYS A 22 6.76 9.73 -4.59
C LYS A 22 6.69 11.24 -4.47
N ASN A 23 5.50 11.79 -4.63
CA ASN A 23 5.30 13.23 -4.53
C ASN A 23 5.35 13.67 -3.06
N ILE A 24 5.50 12.71 -2.16
CA ILE A 24 5.56 13.01 -0.74
C ILE A 24 6.92 13.59 -0.38
N LYS A 25 6.91 14.73 0.29
CA LYS A 25 8.14 15.39 0.69
C LYS A 25 8.69 14.81 1.99
N LYS A 26 9.97 15.04 2.24
CA LYS A 26 10.61 14.54 3.44
C LYS A 26 9.90 15.09 4.68
N GLN A 27 9.47 16.34 4.61
CA GLN A 27 8.79 16.97 5.72
C GLN A 27 7.52 16.21 6.08
N GLN A 28 6.84 15.69 5.07
CA GLN A 28 5.62 14.94 5.29
C GLN A 28 5.92 13.62 6.01
N LEU A 29 7.02 12.98 5.59
CA LEU A 29 7.42 11.70 6.21
C LEU A 29 7.92 11.94 7.64
N THR A 30 8.68 13.01 7.81
CA THR A 30 9.21 13.36 9.12
C THR A 30 8.08 13.64 10.09
N GLU A 31 7.01 14.25 9.60
CA GLU A 31 5.87 14.57 10.44
C GLU A 31 5.18 13.29 10.92
N ILE A 32 5.05 12.32 10.02
CA ILE A 32 4.42 11.05 10.37
C ILE A 32 5.24 10.30 11.40
N ARG A 33 6.56 10.36 11.26
CA ARG A 33 7.46 9.67 12.19
C ARG A 33 7.56 10.46 13.50
N SER A 34 7.21 11.74 13.45
CA SER A 34 7.28 12.58 14.63
C SER A 34 6.02 12.39 15.48
N MET A 35 4.94 11.95 14.83
CA MET A 35 3.68 11.73 15.54
C MET A 35 3.82 10.59 16.54
N VAL A 36 3.81 10.92 17.83
CA VAL A 36 3.95 9.92 18.88
C VAL A 36 2.80 8.91 18.81
N ASN A 37 1.58 9.42 18.65
CA ASN A 37 0.42 8.57 18.56
C ASN A 37 -0.28 8.72 17.21
N PRO A 38 -0.02 7.82 16.29
CA PRO A 38 -0.62 7.90 14.92
C PRO A 38 -2.15 7.72 14.95
N PRO A 39 -2.87 8.57 14.27
CA PRO A 39 -4.36 8.50 14.20
C PRO A 39 -4.86 7.30 13.40
N SER A 40 -6.09 6.90 13.65
CA SER A 40 -6.66 5.76 12.94
C SER A 40 -6.61 6.00 11.44
N GLY A 41 -5.59 5.45 10.79
CA GLY A 41 -5.44 5.59 9.35
C GLY A 41 -3.97 5.46 8.95
N VAL A 42 -3.09 6.03 9.76
CA VAL A 42 -1.66 5.94 9.52
C VAL A 42 -1.16 4.55 9.80
N LYS A 43 -1.61 3.98 10.92
CA LYS A 43 -1.18 2.64 11.31
C LYS A 43 -1.64 1.58 10.31
N ILE A 44 -2.92 1.63 9.95
CA ILE A 44 -3.47 0.66 9.02
C ILE A 44 -2.77 0.74 7.67
N VAL A 45 -2.51 1.96 7.22
CA VAL A 45 -1.84 2.17 5.94
C VAL A 45 -0.40 1.71 6.02
N MET A 46 0.32 2.20 7.03
CA MET A 46 1.71 1.86 7.20
C MET A 46 1.90 0.35 7.28
N GLU A 47 1.04 -0.31 8.04
CA GLU A 47 1.13 -1.75 8.18
C GLU A 47 0.79 -2.48 6.89
N ALA A 48 -0.33 -2.12 6.29
CA ALA A 48 -0.76 -2.75 5.05
C ALA A 48 0.27 -2.56 3.95
N VAL A 49 0.76 -1.34 3.82
CA VAL A 49 1.75 -1.03 2.80
C VAL A 49 3.04 -1.81 3.04
N CYS A 50 3.51 -1.79 4.29
CA CYS A 50 4.73 -2.50 4.64
C CYS A 50 4.56 -4.01 4.42
N ALA A 51 3.36 -4.51 4.67
CA ALA A 51 3.07 -5.93 4.51
C ALA A 51 3.33 -6.35 3.07
N ILE A 52 2.98 -5.48 2.12
CA ILE A 52 3.21 -5.79 0.73
C ILE A 52 4.69 -5.93 0.43
N LEU A 53 5.48 -5.05 1.03
CA LEU A 53 6.93 -5.06 0.84
C LEU A 53 7.56 -6.18 1.62
N GLY A 54 6.74 -6.86 2.38
CA GLY A 54 7.21 -7.99 3.14
C GLY A 54 7.96 -7.52 4.37
N TYR A 55 7.25 -6.85 5.28
CA TYR A 55 7.88 -6.38 6.49
C TYR A 55 7.48 -7.24 7.72
N GLN A 56 8.47 -7.80 8.39
CA GLN A 56 8.18 -8.63 9.55
C GLN A 56 8.19 -7.76 10.80
N PHE A 57 7.04 -7.11 11.07
CA PHE A 57 6.93 -6.25 12.24
C PHE A 57 5.48 -5.86 12.49
N SER A 58 5.27 -5.02 13.50
CA SER A 58 3.93 -4.56 13.82
C SER A 58 3.94 -3.56 14.99
N ASN A 59 4.90 -2.65 14.97
CA ASN A 59 5.00 -1.66 16.02
C ASN A 59 5.12 -0.27 15.40
N TRP A 60 4.48 0.71 16.03
CA TRP A 60 4.51 2.07 15.53
C TRP A 60 5.95 2.53 15.36
N ARG A 61 6.76 2.28 16.39
CA ARG A 61 8.17 2.66 16.34
C ARG A 61 8.90 1.92 15.21
N ASP A 62 8.59 0.63 15.06
CA ASP A 62 9.24 -0.18 14.05
C ASP A 62 9.01 0.40 12.67
N ILE A 63 7.79 0.79 12.38
CA ILE A 63 7.49 1.39 11.08
C ILE A 63 8.13 2.77 10.96
N GLN A 64 8.07 3.56 12.01
CA GLN A 64 8.63 4.91 11.99
C GLN A 64 10.05 4.91 11.43
N GLN A 65 10.87 3.98 11.88
CA GLN A 65 12.25 3.90 11.40
C GLN A 65 12.31 3.39 9.97
N PHE A 66 11.25 2.69 9.56
CA PHE A 66 11.19 2.15 8.20
C PHE A 66 10.94 3.26 7.18
N ILE A 67 10.17 4.26 7.60
CA ILE A 67 9.86 5.38 6.73
C ILE A 67 10.90 6.48 6.85
N ARG A 68 11.66 6.47 7.94
CA ARG A 68 12.69 7.47 8.15
C ARG A 68 13.51 7.67 6.90
N LYS A 69 13.81 6.58 6.21
CA LYS A 69 14.59 6.66 4.99
C LYS A 69 13.84 7.46 3.92
N ASP A 70 14.53 8.41 3.30
CA ASP A 70 13.90 9.24 2.28
C ASP A 70 13.61 8.41 1.02
N ASP A 71 14.22 7.23 0.94
CA ASP A 71 14.01 6.34 -0.20
C ASP A 71 12.93 5.30 0.12
N PHE A 72 12.13 5.58 1.15
CA PHE A 72 11.06 4.65 1.53
C PHE A 72 9.97 4.62 0.46
N ILE A 73 9.41 5.79 0.18
CA ILE A 73 8.37 5.90 -0.83
C ILE A 73 8.88 5.41 -2.17
N HIS A 74 10.18 5.57 -2.40
CA HIS A 74 10.81 5.14 -3.64
C HIS A 74 10.60 3.64 -3.82
N ASN A 75 10.72 2.89 -2.74
CA ASN A 75 10.52 1.45 -2.79
C ASN A 75 9.06 1.12 -3.10
N ILE A 76 8.16 1.93 -2.55
CA ILE A 76 6.73 1.72 -2.76
C ILE A 76 6.35 1.92 -4.22
N VAL A 77 7.12 2.74 -4.92
CA VAL A 77 6.85 3.02 -6.33
C VAL A 77 7.73 2.14 -7.22
N HIS A 78 8.89 1.76 -6.72
CA HIS A 78 9.80 0.91 -7.48
C HIS A 78 9.38 -0.56 -7.39
N TYR A 79 8.48 -0.86 -6.44
CA TYR A 79 8.01 -2.22 -6.26
C TYR A 79 7.57 -2.82 -7.60
N ASP A 80 7.97 -4.05 -7.85
CA ASP A 80 7.60 -4.72 -9.09
C ASP A 80 6.57 -5.81 -8.80
N THR A 81 5.34 -5.56 -9.23
CA THR A 81 4.25 -6.51 -9.00
C THR A 81 4.67 -7.91 -9.39
N THR A 82 5.42 -8.03 -10.49
CA THR A 82 5.90 -9.32 -10.98
C THR A 82 6.22 -10.23 -9.82
N LEU A 83 6.87 -9.69 -8.80
CA LEU A 83 7.23 -10.47 -7.62
C LEU A 83 6.09 -10.45 -6.61
N HIS A 84 5.73 -11.62 -6.09
CA HIS A 84 4.65 -11.70 -5.12
C HIS A 84 5.20 -11.55 -3.70
N MET A 85 6.01 -12.52 -3.27
CA MET A 85 6.60 -12.50 -1.94
C MET A 85 5.54 -12.77 -0.88
N LYS A 86 5.24 -14.04 -0.68
CA LYS A 86 4.23 -14.42 0.31
C LYS A 86 2.90 -13.72 0.02
N PRO A 87 2.33 -13.98 -1.12
CA PRO A 87 1.03 -13.38 -1.53
C PRO A 87 -0.13 -13.85 -0.64
N GLN A 88 0.12 -14.89 0.14
CA GLN A 88 -0.89 -15.43 1.03
C GLN A 88 -1.09 -14.50 2.24
N ILE A 89 -0.37 -13.39 2.26
CA ILE A 89 -0.47 -12.44 3.36
C ILE A 89 -1.74 -11.61 3.21
N ARG A 90 -2.32 -11.57 2.00
CA ARG A 90 -3.51 -10.78 1.77
C ARG A 90 -4.61 -11.22 2.73
N LYS A 91 -4.83 -12.52 2.86
CA LYS A 91 -5.84 -13.02 3.78
C LYS A 91 -5.60 -12.53 5.19
N TYR A 92 -4.34 -12.60 5.61
CA TYR A 92 -3.96 -12.13 6.95
C TYR A 92 -4.37 -10.67 7.13
N MET A 93 -4.25 -9.89 6.06
CA MET A 93 -4.62 -8.49 6.11
C MET A 93 -6.14 -8.34 6.20
N GLU A 94 -6.87 -9.31 5.70
CA GLU A 94 -8.33 -9.26 5.75
C GLU A 94 -8.84 -9.59 7.15
N GLU A 95 -7.92 -9.86 8.08
CA GLU A 95 -8.30 -10.18 9.44
C GLU A 95 -9.04 -9.04 10.12
N GLU A 96 -8.52 -7.83 9.95
CA GLU A 96 -9.13 -6.66 10.56
C GLU A 96 -8.73 -5.38 9.84
N PHE A 97 -7.86 -5.51 8.82
CA PHE A 97 -7.42 -4.35 8.06
C PHE A 97 -8.44 -3.99 6.99
N LEU A 98 -8.76 -4.97 6.14
CA LEU A 98 -9.73 -4.75 5.07
C LEU A 98 -11.14 -4.55 5.64
N SER A 99 -11.33 -5.02 6.87
CA SER A 99 -12.62 -4.91 7.55
C SER A 99 -12.58 -3.79 8.57
N ASP A 100 -11.67 -2.84 8.39
CA ASP A 100 -11.53 -1.74 9.32
C ASP A 100 -12.26 -0.48 8.80
N PRO A 101 -13.07 0.14 9.61
CA PRO A 101 -13.81 1.39 9.23
C PRO A 101 -12.87 2.59 9.11
N ASN A 102 -11.64 2.42 9.59
CA ASN A 102 -10.67 3.50 9.53
C ASN A 102 -9.78 3.33 8.31
N PHE A 103 -10.11 2.37 7.46
CA PHE A 103 -9.32 2.15 6.27
C PHE A 103 -10.02 2.70 5.04
N THR A 104 -10.20 4.00 5.00
CA THR A 104 -10.86 4.65 3.87
C THR A 104 -10.08 5.87 3.43
N TYR A 105 -10.40 6.41 2.26
CA TYR A 105 -9.69 7.57 1.74
C TYR A 105 -9.76 8.74 2.68
N GLU A 106 -10.96 9.16 3.04
CA GLU A 106 -11.11 10.31 3.93
C GLU A 106 -10.42 10.12 5.27
N THR A 107 -10.71 9.00 5.93
CA THR A 107 -10.10 8.75 7.23
C THR A 107 -8.59 8.79 7.15
N ILE A 108 -8.03 8.01 6.23
CA ILE A 108 -6.58 8.01 6.06
C ILE A 108 -6.08 9.42 5.71
N ASN A 109 -6.80 10.08 4.82
CA ASN A 109 -6.42 11.42 4.41
C ASN A 109 -6.33 12.33 5.63
N ARG A 110 -7.38 12.34 6.44
CA ARG A 110 -7.41 13.15 7.64
C ARG A 110 -6.25 12.79 8.54
N ALA A 111 -5.77 11.55 8.41
CA ALA A 111 -4.64 11.09 9.22
C ALA A 111 -3.36 11.82 8.81
N SER A 112 -3.13 11.90 7.50
CA SER A 112 -1.94 12.57 7.00
C SER A 112 -2.05 12.78 5.49
N LYS A 113 -1.72 13.99 5.04
CA LYS A 113 -1.78 14.31 3.62
C LYS A 113 -0.85 13.40 2.82
N ALA A 114 0.18 12.90 3.50
CA ALA A 114 1.12 12.00 2.84
C ALA A 114 0.63 10.56 2.88
N CYS A 115 -0.26 10.26 3.82
CA CYS A 115 -0.80 8.92 3.95
C CYS A 115 -1.94 8.68 2.97
N GLY A 116 -2.53 9.76 2.48
CA GLY A 116 -3.62 9.65 1.52
C GLY A 116 -3.21 8.78 0.31
N PRO A 117 -2.20 9.20 -0.41
CA PRO A 117 -1.71 8.45 -1.60
C PRO A 117 -1.28 7.04 -1.24
N LEU A 118 -0.95 6.83 0.02
CA LEU A 118 -0.52 5.50 0.46
C LEU A 118 -1.70 4.52 0.46
N TYR A 119 -2.79 4.92 1.10
CA TYR A 119 -3.98 4.08 1.16
C TYR A 119 -4.36 3.66 -0.26
N GLN A 120 -4.29 4.59 -1.19
CA GLN A 120 -4.62 4.27 -2.58
C GLN A 120 -3.62 3.27 -3.16
N TRP A 121 -2.33 3.47 -2.88
CA TRP A 121 -1.31 2.57 -3.41
C TRP A 121 -1.51 1.15 -2.94
N VAL A 122 -1.67 0.97 -1.64
CA VAL A 122 -1.87 -0.36 -1.08
C VAL A 122 -3.14 -0.99 -1.64
N ASN A 123 -4.16 -0.16 -1.80
CA ASN A 123 -5.42 -0.61 -2.36
C ASN A 123 -5.30 -0.84 -3.86
N ALA A 124 -4.23 -0.32 -4.46
CA ALA A 124 -4.01 -0.47 -5.88
C ALA A 124 -3.30 -1.79 -6.17
N GLN A 125 -2.31 -2.13 -5.34
CA GLN A 125 -1.57 -3.36 -5.53
C GLN A 125 -2.50 -4.57 -5.40
N ILE A 126 -3.37 -4.51 -4.39
CA ILE A 126 -4.31 -5.59 -4.16
C ILE A 126 -5.13 -5.83 -5.42
N ASN A 127 -5.51 -4.75 -6.10
CA ASN A 127 -6.29 -4.87 -7.33
C ASN A 127 -5.50 -5.63 -8.40
N PHE A 128 -4.23 -5.27 -8.55
CA PHE A 128 -3.38 -5.94 -9.54
C PHE A 128 -3.36 -7.44 -9.28
N SER A 129 -3.02 -7.82 -8.06
CA SER A 129 -2.96 -9.22 -7.68
C SER A 129 -4.30 -9.89 -7.91
N LYS A 130 -5.38 -9.14 -7.71
CA LYS A 130 -6.72 -9.69 -7.89
C LYS A 130 -6.87 -10.25 -9.30
N CYS A 131 -6.38 -9.50 -10.29
CA CYS A 131 -6.48 -9.96 -11.68
C CYS A 131 -5.42 -11.04 -11.96
N LEU A 132 -4.29 -10.93 -11.28
CA LEU A 132 -3.20 -11.88 -11.46
C LEU A 132 -3.64 -13.27 -11.01
N GLU A 133 -4.62 -13.32 -10.12
CA GLU A 133 -5.14 -14.60 -9.64
C GLU A 133 -5.96 -15.28 -10.73
N ASN A 134 -6.41 -14.51 -11.72
CA ASN A 134 -7.22 -15.06 -12.80
C ASN A 134 -6.89 -14.41 -14.14
N VAL A 135 -5.62 -14.08 -14.30
CA VAL A 135 -5.16 -13.46 -15.55
C VAL A 135 -5.68 -14.23 -16.75
N ASP A 136 -5.80 -15.54 -16.59
CA ASP A 136 -6.30 -16.37 -17.68
C ASP A 136 -7.65 -16.99 -17.28
N PRO A 137 -8.74 -16.42 -17.71
CA PRO A 137 -10.10 -16.92 -17.37
C PRO A 137 -10.41 -18.26 -18.05
N LEU A 138 -11.08 -19.15 -17.30
CA LEU A 138 -11.43 -20.45 -17.83
C LEU A 138 -12.69 -20.99 -17.15
N ARG A 139 -13.76 -21.14 -17.93
CA ARG A 139 -15.01 -21.63 -17.39
C ARG A 139 -14.87 -23.09 -16.96
N GLN A 140 -14.83 -23.32 -15.65
CA GLN A 140 -14.69 -24.67 -15.11
C GLN A 140 -16.05 -25.20 -14.68
N GLU A 141 -16.44 -26.35 -15.23
CA GLU A 141 -17.72 -26.96 -14.89
C GLU A 141 -17.70 -28.45 -15.22
N GLY A 1 -3.36 -11.14 -20.93
CA GLY A 1 -2.65 -10.97 -22.24
C GLY A 1 -3.56 -10.24 -23.22
N SER A 2 -4.38 -11.01 -23.93
CA SER A 2 -5.31 -10.44 -24.90
C SER A 2 -6.31 -9.51 -24.21
N HIS A 3 -6.66 -9.86 -22.98
CA HIS A 3 -7.61 -9.07 -22.22
C HIS A 3 -6.95 -7.81 -21.67
N MET A 4 -7.76 -6.79 -21.40
CA MET A 4 -7.25 -5.53 -20.87
C MET A 4 -7.68 -5.33 -19.42
N LYS A 5 -7.76 -6.43 -18.68
CA LYS A 5 -8.16 -6.37 -17.27
C LYS A 5 -6.95 -6.54 -16.36
N CYS A 6 -5.79 -6.08 -16.82
CA CYS A 6 -4.57 -6.19 -16.04
C CYS A 6 -3.90 -4.84 -15.95
N ILE A 7 -2.67 -4.82 -15.41
CA ILE A 7 -1.91 -3.58 -15.27
C ILE A 7 -2.05 -2.69 -16.50
N GLN A 8 -2.23 -3.32 -17.66
CA GLN A 8 -2.37 -2.56 -18.91
C GLN A 8 -3.38 -1.43 -18.75
N ASP A 9 -4.65 -1.79 -18.59
CA ASP A 9 -5.70 -0.78 -18.41
C ASP A 9 -6.30 -0.85 -17.01
N ILE A 10 -5.61 -1.52 -16.10
CA ILE A 10 -6.11 -1.65 -14.73
C ILE A 10 -6.27 -0.29 -14.10
N GLU A 11 -7.27 -0.19 -13.22
CA GLU A 11 -7.58 1.05 -12.53
C GLU A 11 -6.28 1.86 -12.32
N PRO A 12 -6.26 3.10 -12.71
CA PRO A 12 -5.07 3.97 -12.60
C PRO A 12 -4.65 4.20 -11.15
N THR A 13 -5.45 3.71 -10.21
CA THR A 13 -5.14 3.87 -8.81
C THR A 13 -3.70 3.46 -8.51
N ILE A 14 -3.16 2.56 -9.33
CA ILE A 14 -1.78 2.11 -9.14
C ILE A 14 -0.79 3.22 -9.48
N LEU A 15 -0.82 3.67 -10.73
CA LEU A 15 0.08 4.73 -11.17
C LEU A 15 -0.17 6.02 -10.39
N GLU A 16 -1.43 6.27 -10.08
CA GLU A 16 -1.80 7.46 -9.33
C GLU A 16 -1.30 7.36 -7.90
N ALA A 17 -1.29 6.15 -7.36
CA ALA A 17 -0.83 5.93 -6.00
C ALA A 17 0.69 6.07 -5.92
N GLN A 18 1.40 5.47 -6.87
CA GLN A 18 2.86 5.54 -6.87
C GLN A 18 3.33 6.97 -7.15
N ARG A 19 2.71 7.61 -8.15
CA ARG A 19 3.07 8.97 -8.52
C ARG A 19 2.94 9.87 -7.29
N GLY A 20 1.86 9.70 -6.55
CA GLY A 20 1.63 10.50 -5.35
C GLY A 20 2.68 10.18 -4.29
N VAL A 21 2.99 8.89 -4.13
CA VAL A 21 3.97 8.47 -3.13
C VAL A 21 5.29 9.18 -3.31
N LYS A 22 5.75 9.26 -4.55
CA LYS A 22 7.00 9.96 -4.83
C LYS A 22 6.81 11.46 -4.80
N ASN A 23 5.56 11.90 -5.03
CA ASN A 23 5.26 13.33 -5.01
C ASN A 23 5.15 13.85 -3.58
N ILE A 24 5.26 12.94 -2.60
CA ILE A 24 5.21 13.31 -1.20
C ILE A 24 6.52 13.96 -0.77
N LYS A 25 6.43 15.14 -0.18
CA LYS A 25 7.61 15.85 0.28
C LYS A 25 8.24 15.14 1.46
N LYS A 26 9.54 15.37 1.65
CA LYS A 26 10.28 14.74 2.75
C LYS A 26 9.70 15.18 4.09
N GLN A 27 9.25 16.43 4.15
CA GLN A 27 8.68 16.97 5.39
C GLN A 27 7.45 16.18 5.81
N GLN A 28 6.79 15.56 4.83
CA GLN A 28 5.61 14.77 5.12
C GLN A 28 5.96 13.51 5.92
N LEU A 29 7.10 12.90 5.57
CA LEU A 29 7.54 11.69 6.27
C LEU A 29 8.04 12.03 7.66
N THR A 30 8.76 13.13 7.77
CA THR A 30 9.30 13.58 9.05
C THR A 30 8.17 13.93 10.01
N GLU A 31 7.15 14.61 9.49
CA GLU A 31 6.02 15.01 10.32
C GLU A 31 5.24 13.78 10.80
N ILE A 32 5.05 12.82 9.90
CA ILE A 32 4.32 11.61 10.24
C ILE A 32 5.15 10.73 11.17
N ARG A 33 6.44 10.65 10.89
CA ARG A 33 7.34 9.86 11.70
C ARG A 33 7.50 10.50 13.08
N SER A 34 7.46 11.82 13.12
CA SER A 34 7.59 12.55 14.36
C SER A 34 6.39 12.30 15.26
N MET A 35 5.20 12.17 14.65
CA MET A 35 3.99 11.95 15.41
C MET A 35 4.15 10.78 16.36
N VAL A 36 4.06 11.07 17.66
CA VAL A 36 4.20 10.04 18.68
C VAL A 36 2.94 9.17 18.76
N ASN A 37 1.81 9.78 18.44
CA ASN A 37 0.53 9.07 18.48
C ASN A 37 -0.19 9.19 17.14
N PRO A 38 0.09 8.29 16.21
CA PRO A 38 -0.55 8.32 14.87
C PRO A 38 -2.05 8.06 14.94
N PRO A 39 -2.84 8.82 14.22
CA PRO A 39 -4.33 8.66 14.18
C PRO A 39 -4.74 7.37 13.47
N SER A 40 -5.92 6.86 13.83
CA SER A 40 -6.42 5.64 13.21
C SER A 40 -6.47 5.78 11.71
N GLY A 41 -5.42 5.32 11.04
CA GLY A 41 -5.34 5.40 9.59
C GLY A 41 -3.88 5.45 9.13
N VAL A 42 -3.05 6.18 9.86
CA VAL A 42 -1.64 6.31 9.52
C VAL A 42 -0.88 5.01 9.82
N LYS A 43 -1.12 4.49 11.00
CA LYS A 43 -0.45 3.24 11.44
C LYS A 43 -0.91 2.04 10.63
N ILE A 44 -2.22 1.92 10.44
CA ILE A 44 -2.77 0.79 9.69
C ILE A 44 -2.19 0.75 8.28
N VAL A 45 -2.12 1.90 7.62
CA VAL A 45 -1.60 1.96 6.27
C VAL A 45 -0.14 1.55 6.26
N MET A 46 0.58 1.95 7.29
CA MET A 46 1.99 1.61 7.38
C MET A 46 2.18 0.11 7.55
N GLU A 47 1.30 -0.53 8.30
CA GLU A 47 1.40 -1.96 8.53
C GLU A 47 1.11 -2.76 7.25
N ALA A 48 -0.02 -2.45 6.60
CA ALA A 48 -0.39 -3.17 5.39
C ALA A 48 0.66 -2.98 4.31
N VAL A 49 1.15 -1.76 4.17
CA VAL A 49 2.17 -1.47 3.18
C VAL A 49 3.40 -2.32 3.43
N CYS A 50 3.78 -2.45 4.69
CA CYS A 50 4.94 -3.27 5.03
C CYS A 50 4.75 -4.70 4.59
N ALA A 51 3.54 -5.24 4.75
CA ALA A 51 3.27 -6.62 4.36
C ALA A 51 3.49 -6.84 2.87
N ILE A 52 3.05 -5.89 2.07
CA ILE A 52 3.21 -6.01 0.62
C ILE A 52 4.67 -5.94 0.21
N LEU A 53 5.42 -5.07 0.86
CA LEU A 53 6.84 -4.89 0.55
C LEU A 53 7.65 -6.09 1.00
N GLY A 54 6.97 -7.05 1.59
CA GLY A 54 7.63 -8.27 2.05
C GLY A 54 8.07 -8.16 3.51
N TYR A 55 7.58 -7.12 4.22
CA TYR A 55 7.94 -6.92 5.60
C TYR A 55 6.78 -7.34 6.50
N GLN A 56 7.08 -7.99 7.62
CA GLN A 56 6.05 -8.44 8.54
C GLN A 56 5.47 -7.25 9.32
N PHE A 57 4.89 -7.53 10.48
CA PHE A 57 4.32 -6.50 11.31
C PHE A 57 5.41 -5.77 12.09
N SER A 58 5.08 -4.59 12.58
CA SER A 58 6.02 -3.77 13.34
C SER A 58 5.29 -2.74 14.18
N ASN A 59 6.00 -2.20 15.18
CA ASN A 59 5.42 -1.20 16.06
C ASN A 59 5.51 0.18 15.44
N TRP A 60 4.80 1.13 16.01
CA TRP A 60 4.81 2.49 15.48
C TRP A 60 6.23 3.02 15.45
N ARG A 61 6.95 2.84 16.56
CA ARG A 61 8.33 3.32 16.63
C ARG A 61 9.20 2.60 15.60
N ASP A 62 8.97 1.28 15.46
CA ASP A 62 9.72 0.47 14.51
C ASP A 62 9.51 1.00 13.10
N ILE A 63 8.26 1.28 12.76
CA ILE A 63 7.95 1.83 11.45
C ILE A 63 8.54 3.21 11.28
N GLN A 64 8.43 4.05 12.30
CA GLN A 64 8.94 5.41 12.22
C GLN A 64 10.35 5.41 11.65
N GLN A 65 11.19 4.50 12.14
CA GLN A 65 12.56 4.41 11.66
C GLN A 65 12.60 3.96 10.19
N PHE A 66 11.57 3.22 9.79
CA PHE A 66 11.47 2.73 8.41
C PHE A 66 11.08 3.86 7.45
N ILE A 67 10.02 4.57 7.80
CA ILE A 67 9.53 5.67 6.98
C ILE A 67 10.52 6.82 6.97
N ARG A 68 11.31 6.91 8.02
CA ARG A 68 12.30 7.97 8.13
C ARG A 68 13.21 7.96 6.91
N LYS A 69 13.41 6.77 6.33
CA LYS A 69 14.28 6.65 5.16
C LYS A 69 13.62 7.28 3.94
N ASP A 70 14.41 7.97 3.14
CA ASP A 70 13.90 8.62 1.93
C ASP A 70 13.40 7.58 0.94
N ASP A 71 14.14 6.50 0.82
CA ASP A 71 13.78 5.44 -0.12
C ASP A 71 12.39 4.90 0.19
N PHE A 72 11.96 5.05 1.44
CA PHE A 72 10.65 4.55 1.87
C PHE A 72 9.61 4.68 0.77
N ILE A 73 9.61 5.83 0.11
CA ILE A 73 8.66 6.07 -0.98
C ILE A 73 9.17 5.52 -2.31
N HIS A 74 10.46 5.69 -2.56
CA HIS A 74 11.06 5.22 -3.81
C HIS A 74 10.85 3.72 -3.95
N ASN A 75 10.96 3.00 -2.85
CA ASN A 75 10.77 1.55 -2.87
C ASN A 75 9.31 1.20 -3.13
N ILE A 76 8.41 1.95 -2.52
CA ILE A 76 6.98 1.72 -2.67
C ILE A 76 6.55 1.89 -4.13
N VAL A 77 7.22 2.78 -4.84
CA VAL A 77 6.90 3.02 -6.25
C VAL A 77 7.69 2.06 -7.16
N HIS A 78 8.83 1.60 -6.67
CA HIS A 78 9.66 0.68 -7.43
C HIS A 78 9.22 -0.77 -7.18
N TYR A 79 8.25 -0.96 -6.30
CA TYR A 79 7.77 -2.30 -5.98
C TYR A 79 7.56 -3.12 -7.25
N ASP A 80 8.19 -4.29 -7.30
CA ASP A 80 8.08 -5.15 -8.46
C ASP A 80 7.14 -6.32 -8.17
N THR A 81 5.93 -6.24 -8.73
CA THR A 81 4.95 -7.30 -8.52
C THR A 81 5.47 -8.63 -9.01
N THR A 82 6.11 -8.62 -10.19
CA THR A 82 6.66 -9.84 -10.79
C THR A 82 7.21 -10.76 -9.72
N LEU A 83 7.86 -10.17 -8.71
CA LEU A 83 8.42 -10.95 -7.60
C LEU A 83 7.45 -12.05 -7.18
N HIS A 84 8.01 -13.09 -6.55
CA HIS A 84 7.20 -14.21 -6.11
C HIS A 84 6.23 -13.80 -5.01
N MET A 85 6.32 -12.54 -4.56
CA MET A 85 5.45 -12.01 -3.52
C MET A 85 4.06 -12.61 -3.64
N LYS A 86 3.67 -13.40 -2.64
CA LYS A 86 2.38 -14.06 -2.66
C LYS A 86 1.26 -13.06 -2.30
N PRO A 87 0.37 -12.77 -3.23
CA PRO A 87 -0.75 -11.83 -2.99
C PRO A 87 -1.84 -12.45 -2.13
N GLN A 88 -1.79 -13.76 -1.97
CA GLN A 88 -2.78 -14.46 -1.16
C GLN A 88 -2.74 -13.97 0.28
N ILE A 89 -1.71 -13.18 0.62
CA ILE A 89 -1.58 -12.65 1.97
C ILE A 89 -2.80 -11.79 2.33
N ARG A 90 -3.43 -11.22 1.31
CA ARG A 90 -4.59 -10.37 1.53
C ARG A 90 -5.59 -11.05 2.45
N LYS A 91 -5.71 -12.37 2.34
CA LYS A 91 -6.64 -13.11 3.17
C LYS A 91 -6.39 -12.83 4.64
N TYR A 92 -5.13 -12.86 5.04
CA TYR A 92 -4.76 -12.58 6.42
C TYR A 92 -5.12 -11.15 6.76
N MET A 93 -4.97 -10.26 5.78
CA MET A 93 -5.31 -8.85 5.98
C MET A 93 -6.82 -8.67 6.11
N GLU A 94 -7.58 -9.43 5.33
CA GLU A 94 -9.03 -9.30 5.38
C GLU A 94 -9.54 -9.52 6.77
N GLU A 95 -9.16 -10.66 7.37
CA GLU A 95 -9.58 -11.03 8.74
C GLU A 95 -10.35 -9.90 9.40
N GLU A 96 -9.61 -8.92 9.92
CA GLU A 96 -10.23 -7.77 10.57
C GLU A 96 -9.52 -6.46 10.17
N PHE A 97 -8.32 -6.58 9.63
CA PHE A 97 -7.55 -5.40 9.22
C PHE A 97 -8.33 -4.61 8.16
N LEU A 98 -8.97 -5.33 7.25
CA LEU A 98 -9.76 -4.66 6.22
C LEU A 98 -11.11 -4.22 6.77
N SER A 99 -11.54 -4.87 7.83
CA SER A 99 -12.81 -4.52 8.46
C SER A 99 -12.74 -3.13 9.08
N ASP A 100 -11.60 -2.85 9.72
CA ASP A 100 -11.40 -1.57 10.39
C ASP A 100 -11.95 -0.43 9.53
N PRO A 101 -12.91 0.31 10.02
CA PRO A 101 -13.54 1.43 9.26
C PRO A 101 -12.58 2.59 9.03
N ASN A 102 -11.54 2.68 9.87
CA ASN A 102 -10.56 3.72 9.74
C ASN A 102 -9.71 3.52 8.50
N PHE A 103 -9.70 2.30 7.98
CA PHE A 103 -8.92 2.00 6.79
C PHE A 103 -9.67 2.39 5.53
N THR A 104 -10.01 3.66 5.42
CA THR A 104 -10.73 4.15 4.25
C THR A 104 -9.95 5.31 3.61
N TYR A 105 -10.31 5.63 2.38
CA TYR A 105 -9.64 6.70 1.65
C TYR A 105 -9.78 8.03 2.38
N GLU A 106 -10.92 8.25 3.01
CA GLU A 106 -11.16 9.51 3.71
C GLU A 106 -10.45 9.60 5.04
N THR A 107 -10.65 8.60 5.89
CA THR A 107 -10.03 8.59 7.21
C THR A 107 -8.52 8.68 7.09
N ILE A 108 -7.94 7.84 6.25
CA ILE A 108 -6.49 7.88 6.07
C ILE A 108 -6.07 9.24 5.53
N ASN A 109 -6.81 9.74 4.55
CA ASN A 109 -6.47 11.03 3.97
C ASN A 109 -6.48 12.12 5.04
N ARG A 110 -7.56 12.17 5.82
CA ARG A 110 -7.69 13.15 6.88
C ARG A 110 -6.58 12.94 7.91
N ALA A 111 -6.01 11.74 7.94
CA ALA A 111 -4.94 11.43 8.86
C ALA A 111 -3.66 12.18 8.48
N SER A 112 -3.35 12.18 7.19
CA SER A 112 -2.16 12.85 6.69
C SER A 112 -2.19 12.93 5.16
N LYS A 113 -1.86 14.11 4.65
CA LYS A 113 -1.86 14.33 3.20
C LYS A 113 -0.94 13.33 2.51
N ALA A 114 0.05 12.83 3.25
CA ALA A 114 0.98 11.85 2.70
C ALA A 114 0.49 10.43 2.92
N CYS A 115 -0.51 10.26 3.77
CA CYS A 115 -1.06 8.94 4.05
C CYS A 115 -2.18 8.61 3.07
N GLY A 116 -2.78 9.63 2.46
CA GLY A 116 -3.84 9.41 1.50
C GLY A 116 -3.39 8.51 0.36
N PRO A 117 -2.38 8.90 -0.36
CA PRO A 117 -1.84 8.10 -1.50
C PRO A 117 -1.34 6.73 -1.04
N LEU A 118 -1.03 6.61 0.24
CA LEU A 118 -0.54 5.34 0.78
C LEU A 118 -1.64 4.30 0.79
N TYR A 119 -2.77 4.65 1.40
CA TYR A 119 -3.91 3.73 1.46
C TYR A 119 -4.30 3.33 0.05
N GLN A 120 -4.36 4.31 -0.86
CA GLN A 120 -4.72 4.01 -2.24
C GLN A 120 -3.72 3.03 -2.85
N TRP A 121 -2.44 3.22 -2.53
CA TRP A 121 -1.42 2.32 -3.05
C TRP A 121 -1.71 0.89 -2.60
N VAL A 122 -2.03 0.73 -1.32
CA VAL A 122 -2.30 -0.59 -0.78
C VAL A 122 -3.48 -1.22 -1.54
N ASN A 123 -4.51 -0.41 -1.76
CA ASN A 123 -5.69 -0.86 -2.50
C ASN A 123 -5.36 -1.10 -3.96
N ALA A 124 -4.28 -0.47 -4.43
CA ALA A 124 -3.87 -0.64 -5.82
C ALA A 124 -3.23 -2.01 -6.04
N GLN A 125 -2.34 -2.39 -5.12
CA GLN A 125 -1.67 -3.67 -5.23
C GLN A 125 -2.67 -4.81 -5.17
N ILE A 126 -3.65 -4.66 -4.28
CA ILE A 126 -4.68 -5.68 -4.13
C ILE A 126 -5.46 -5.82 -5.44
N ASN A 127 -5.80 -4.69 -6.06
CA ASN A 127 -6.55 -4.71 -7.30
C ASN A 127 -5.77 -5.47 -8.37
N PHE A 128 -4.48 -5.16 -8.48
CA PHE A 128 -3.65 -5.83 -9.48
C PHE A 128 -3.60 -7.33 -9.20
N SER A 129 -3.34 -7.67 -7.94
CA SER A 129 -3.25 -9.08 -7.53
C SER A 129 -4.42 -9.85 -8.12
N LYS A 130 -5.58 -9.21 -8.18
CA LYS A 130 -6.77 -9.86 -8.72
C LYS A 130 -6.47 -10.40 -10.12
N CYS A 131 -5.79 -9.61 -10.93
CA CYS A 131 -5.42 -10.03 -12.29
C CYS A 131 -4.39 -11.15 -12.22
N LEU A 132 -3.43 -11.01 -11.30
CA LEU A 132 -2.39 -12.02 -11.15
C LEU A 132 -2.99 -13.38 -10.79
N GLU A 133 -4.22 -13.36 -10.33
CA GLU A 133 -4.90 -14.60 -9.96
C GLU A 133 -4.94 -15.56 -11.15
N ASN A 134 -5.23 -15.03 -12.33
CA ASN A 134 -5.28 -15.85 -13.54
C ASN A 134 -3.97 -15.75 -14.31
N VAL A 135 -2.91 -15.32 -13.63
CA VAL A 135 -1.61 -15.18 -14.25
C VAL A 135 -0.71 -16.35 -13.87
N ASP A 136 0.15 -16.74 -14.80
CA ASP A 136 1.06 -17.84 -14.57
C ASP A 136 2.52 -17.35 -14.51
N PRO A 137 3.36 -18.04 -13.79
CA PRO A 137 4.80 -17.67 -13.67
C PRO A 137 5.57 -17.88 -14.96
N LEU A 138 6.54 -17.03 -15.21
CA LEU A 138 7.35 -17.14 -16.43
C LEU A 138 8.21 -18.38 -16.39
N ARG A 139 8.63 -18.76 -15.19
CA ARG A 139 9.48 -19.93 -15.03
C ARG A 139 8.63 -21.15 -14.68
N GLN A 140 8.80 -22.23 -15.45
CA GLN A 140 8.05 -23.46 -15.22
C GLN A 140 8.77 -24.34 -14.20
N GLU A 141 8.04 -24.80 -13.20
CA GLU A 141 8.61 -25.66 -12.18
C GLU A 141 7.79 -26.94 -12.02
N GLY A 1 -10.57 -13.81 -23.30
CA GLY A 1 -9.90 -12.80 -22.44
C GLY A 1 -9.29 -13.49 -21.23
N SER A 2 -7.96 -13.44 -21.12
CA SER A 2 -7.28 -14.05 -20.00
C SER A 2 -6.12 -13.18 -19.52
N HIS A 3 -5.14 -12.98 -20.39
CA HIS A 3 -3.99 -12.15 -20.05
C HIS A 3 -4.40 -10.69 -19.94
N MET A 4 -5.55 -10.34 -20.51
CA MET A 4 -6.05 -8.97 -20.44
C MET A 4 -6.58 -8.67 -19.05
N LYS A 5 -6.99 -7.42 -18.85
CA LYS A 5 -7.52 -6.99 -17.55
C LYS A 5 -6.41 -6.99 -16.50
N CYS A 6 -5.19 -6.71 -16.93
CA CYS A 6 -4.06 -6.67 -16.02
C CYS A 6 -3.54 -5.25 -15.89
N ILE A 7 -2.44 -5.09 -15.15
CA ILE A 7 -1.83 -3.77 -14.95
C ILE A 7 -1.79 -2.97 -16.25
N GLN A 8 -1.72 -3.66 -17.37
CA GLN A 8 -1.68 -3.00 -18.67
C GLN A 8 -2.77 -1.95 -18.77
N ASP A 9 -4.04 -2.41 -18.76
CA ASP A 9 -5.17 -1.50 -18.85
C ASP A 9 -5.96 -1.47 -17.55
N ILE A 10 -5.36 -1.97 -16.47
CA ILE A 10 -6.05 -2.00 -15.18
C ILE A 10 -6.21 -0.60 -14.64
N GLU A 11 -7.28 -0.40 -13.86
CA GLU A 11 -7.58 0.88 -13.26
C GLU A 11 -6.29 1.64 -12.98
N PRO A 12 -6.20 2.89 -13.40
CA PRO A 12 -4.97 3.71 -13.22
C PRO A 12 -4.64 3.95 -11.76
N THR A 13 -5.51 3.49 -10.87
CA THR A 13 -5.29 3.67 -9.45
C THR A 13 -3.87 3.25 -9.08
N ILE A 14 -3.32 2.28 -9.80
CA ILE A 14 -1.97 1.81 -9.51
C ILE A 14 -0.93 2.89 -9.80
N LEU A 15 -1.00 3.47 -10.99
CA LEU A 15 -0.05 4.52 -11.38
C LEU A 15 -0.35 5.81 -10.64
N GLU A 16 -1.63 6.12 -10.51
CA GLU A 16 -2.06 7.33 -9.82
C GLU A 16 -1.64 7.30 -8.36
N ALA A 17 -1.66 6.10 -7.77
CA ALA A 17 -1.27 5.95 -6.38
C ALA A 17 0.23 6.17 -6.22
N GLN A 18 1.02 5.57 -7.11
CA GLN A 18 2.47 5.72 -7.04
C GLN A 18 2.87 7.17 -7.28
N ARG A 19 2.20 7.80 -8.24
CA ARG A 19 2.51 9.18 -8.57
C ARG A 19 2.35 10.06 -7.33
N GLY A 20 1.27 9.83 -6.58
CA GLY A 20 1.05 10.60 -5.37
C GLY A 20 2.10 10.27 -4.32
N VAL A 21 2.46 8.98 -4.21
CA VAL A 21 3.45 8.56 -3.23
C VAL A 21 4.76 9.30 -3.40
N LYS A 22 5.25 9.36 -4.63
CA LYS A 22 6.50 10.07 -4.89
C LYS A 22 6.30 11.57 -4.78
N ASN A 23 5.07 12.02 -4.94
CA ASN A 23 4.76 13.45 -4.84
C ASN A 23 4.77 13.90 -3.38
N ILE A 24 5.01 12.96 -2.46
CA ILE A 24 5.04 13.28 -1.05
C ILE A 24 6.39 13.88 -0.65
N LYS A 25 6.35 15.03 0.02
CA LYS A 25 7.57 15.70 0.45
C LYS A 25 8.26 14.88 1.53
N LYS A 26 9.56 15.11 1.69
CA LYS A 26 10.35 14.38 2.67
C LYS A 26 9.90 14.74 4.09
N GLN A 27 9.33 15.93 4.24
CA GLN A 27 8.87 16.41 5.54
C GLN A 27 7.64 15.63 5.99
N GLN A 28 6.92 15.05 5.04
CA GLN A 28 5.72 14.27 5.35
C GLN A 28 6.09 12.97 6.06
N LEU A 29 7.21 12.37 5.66
CA LEU A 29 7.64 11.13 6.28
C LEU A 29 8.26 11.39 7.64
N THR A 30 9.05 12.45 7.73
CA THR A 30 9.72 12.82 8.97
C THR A 30 8.69 13.11 10.06
N GLU A 31 7.63 13.82 9.70
CA GLU A 31 6.59 14.16 10.67
C GLU A 31 5.75 12.93 11.03
N ILE A 32 5.51 12.08 10.05
CA ILE A 32 4.73 10.87 10.29
C ILE A 32 5.48 9.91 11.20
N ARG A 33 6.78 9.79 10.97
CA ARG A 33 7.57 8.88 11.77
C ARG A 33 7.83 9.49 13.15
N SER A 34 7.78 10.82 13.22
CA SER A 34 8.00 11.51 14.48
C SER A 34 6.75 11.47 15.35
N MET A 35 5.59 11.28 14.71
CA MET A 35 4.33 11.23 15.43
C MET A 35 4.41 10.21 16.56
N VAL A 36 4.23 10.68 17.79
CA VAL A 36 4.28 9.80 18.95
C VAL A 36 3.00 8.97 19.06
N ASN A 37 1.88 9.56 18.63
CA ASN A 37 0.60 8.87 18.67
C ASN A 37 -0.14 9.06 17.36
N PRO A 38 0.20 8.31 16.35
CA PRO A 38 -0.43 8.42 15.00
C PRO A 38 -1.94 8.20 15.06
N PRO A 39 -2.69 8.97 14.31
CA PRO A 39 -4.18 8.85 14.26
C PRO A 39 -4.63 7.57 13.58
N SER A 40 -5.83 7.12 13.90
CA SER A 40 -6.37 5.90 13.30
C SER A 40 -6.42 6.04 11.79
N GLY A 41 -5.38 5.57 11.13
CA GLY A 41 -5.31 5.65 9.67
C GLY A 41 -3.85 5.70 9.20
N VAL A 42 -3.01 6.41 9.94
CA VAL A 42 -1.59 6.51 9.60
C VAL A 42 -0.86 5.21 9.85
N LYS A 43 -1.12 4.64 11.01
CA LYS A 43 -0.47 3.38 11.42
C LYS A 43 -0.93 2.21 10.55
N ILE A 44 -2.25 2.10 10.36
CA ILE A 44 -2.79 1.02 9.56
C ILE A 44 -2.23 1.05 8.13
N VAL A 45 -2.20 2.24 7.53
CA VAL A 45 -1.71 2.38 6.18
C VAL A 45 -0.22 2.06 6.12
N MET A 46 0.52 2.60 7.07
CA MET A 46 1.96 2.37 7.11
C MET A 46 2.27 0.90 7.32
N GLU A 47 1.49 0.23 8.17
CA GLU A 47 1.71 -1.18 8.43
C GLU A 47 1.40 -2.03 7.21
N ALA A 48 0.22 -1.80 6.61
CA ALA A 48 -0.18 -2.56 5.44
C ALA A 48 0.77 -2.31 4.27
N VAL A 49 1.12 -1.05 4.07
CA VAL A 49 2.01 -0.68 2.98
C VAL A 49 3.38 -1.31 3.18
N CYS A 50 3.90 -1.23 4.40
CA CYS A 50 5.19 -1.80 4.69
C CYS A 50 5.16 -3.32 4.53
N ALA A 51 4.04 -3.94 4.94
CA ALA A 51 3.90 -5.38 4.82
C ALA A 51 4.05 -5.84 3.39
N ILE A 52 3.50 -5.07 2.47
CA ILE A 52 3.59 -5.40 1.06
C ILE A 52 5.03 -5.27 0.57
N LEU A 53 5.73 -4.26 1.08
CA LEU A 53 7.11 -4.01 0.65
C LEU A 53 8.06 -5.04 1.23
N GLY A 54 7.52 -5.93 2.03
CA GLY A 54 8.32 -6.99 2.63
C GLY A 54 8.60 -6.73 4.11
N TYR A 55 7.88 -5.77 4.69
CA TYR A 55 8.06 -5.45 6.10
C TYR A 55 6.70 -5.48 6.78
N GLN A 56 6.35 -6.62 7.34
CA GLN A 56 5.05 -6.77 7.98
C GLN A 56 5.18 -6.92 9.50
N PHE A 57 5.50 -5.83 10.19
CA PHE A 57 5.62 -5.85 11.64
C PHE A 57 4.36 -5.28 12.27
N SER A 58 4.39 -5.09 13.57
CA SER A 58 3.24 -4.53 14.27
C SER A 58 3.68 -3.59 15.39
N ASN A 59 4.85 -2.97 15.24
CA ASN A 59 5.33 -2.05 16.25
C ASN A 59 5.46 -0.67 15.64
N TRP A 60 4.77 0.29 16.22
CA TRP A 60 4.80 1.64 15.69
C TRP A 60 6.24 2.09 15.49
N ARG A 61 7.08 1.79 16.47
CA ARG A 61 8.48 2.14 16.39
C ARG A 61 9.14 1.45 15.20
N ASP A 62 8.80 0.19 14.99
CA ASP A 62 9.38 -0.58 13.89
C ASP A 62 9.03 0.08 12.57
N ILE A 63 7.76 0.46 12.40
CA ILE A 63 7.37 1.13 11.17
C ILE A 63 8.14 2.44 11.00
N GLN A 64 8.22 3.23 12.07
CA GLN A 64 8.90 4.51 12.01
C GLN A 64 10.27 4.35 11.38
N GLN A 65 10.98 3.29 11.76
CA GLN A 65 12.30 3.03 11.22
C GLN A 65 12.21 2.65 9.74
N PHE A 66 11.14 1.97 9.37
CA PHE A 66 10.94 1.55 7.99
C PHE A 66 10.72 2.75 7.07
N ILE A 67 10.03 3.75 7.58
CA ILE A 67 9.75 4.94 6.80
C ILE A 67 10.88 5.95 6.93
N ARG A 68 11.55 5.94 8.09
CA ARG A 68 12.65 6.87 8.38
C ARG A 68 13.39 7.24 7.10
N LYS A 69 13.87 6.22 6.40
CA LYS A 69 14.59 6.43 5.15
C LYS A 69 13.70 7.18 4.15
N ASP A 70 14.20 8.30 3.65
CA ASP A 70 13.47 9.10 2.67
C ASP A 70 13.24 8.31 1.39
N ASP A 71 14.08 7.30 1.17
CA ASP A 71 13.96 6.45 -0.02
C ASP A 71 12.90 5.37 0.21
N PHE A 72 11.99 5.60 1.16
CA PHE A 72 10.93 4.63 1.43
C PHE A 72 9.91 4.62 0.30
N ILE A 73 9.34 5.77 0.02
CA ILE A 73 8.35 5.89 -1.04
C ILE A 73 8.92 5.33 -2.34
N HIS A 74 10.21 5.47 -2.53
CA HIS A 74 10.86 4.96 -3.73
C HIS A 74 10.50 3.49 -3.91
N ASN A 75 10.54 2.73 -2.83
CA ASN A 75 10.21 1.32 -2.89
C ASN A 75 8.76 1.13 -3.29
N ILE A 76 7.90 2.00 -2.79
CA ILE A 76 6.47 1.92 -3.09
C ILE A 76 6.20 2.09 -4.59
N VAL A 77 6.95 2.96 -5.22
CA VAL A 77 6.78 3.22 -6.65
C VAL A 77 7.54 2.20 -7.49
N HIS A 78 8.65 1.71 -6.96
CA HIS A 78 9.45 0.72 -7.67
C HIS A 78 9.03 -0.70 -7.28
N TYR A 79 8.02 -0.81 -6.41
CA TYR A 79 7.56 -2.12 -5.97
C TYR A 79 7.27 -3.00 -7.17
N ASP A 80 7.94 -4.14 -7.25
CA ASP A 80 7.75 -5.06 -8.35
C ASP A 80 6.70 -6.11 -8.01
N THR A 81 5.62 -6.13 -8.76
CA THR A 81 4.54 -7.07 -8.51
C THR A 81 5.04 -8.51 -8.59
N THR A 82 6.01 -8.75 -9.48
CA THR A 82 6.58 -10.09 -9.65
C THR A 82 6.70 -10.80 -8.32
N LEU A 83 7.12 -10.06 -7.29
CA LEU A 83 7.26 -10.64 -5.97
C LEU A 83 6.16 -10.12 -5.06
N HIS A 84 4.91 -10.44 -5.40
CA HIS A 84 3.77 -10.00 -4.62
C HIS A 84 3.94 -10.37 -3.17
N MET A 85 4.37 -11.63 -2.92
CA MET A 85 4.59 -12.17 -1.57
C MET A 85 3.48 -13.14 -1.17
N LYS A 86 2.99 -13.91 -2.14
CA LYS A 86 1.94 -14.88 -1.88
C LYS A 86 0.66 -14.19 -1.38
N PRO A 87 -0.49 -14.72 -1.74
CA PRO A 87 -1.80 -14.14 -1.31
C PRO A 87 -2.02 -14.27 0.20
N GLN A 88 -1.20 -15.10 0.84
CA GLN A 88 -1.32 -15.30 2.28
C GLN A 88 -1.33 -13.96 3.00
N ILE A 89 -0.78 -12.94 2.37
CA ILE A 89 -0.77 -11.62 2.97
C ILE A 89 -2.17 -10.99 2.87
N ARG A 90 -2.80 -11.14 1.72
CA ARG A 90 -4.12 -10.56 1.53
C ARG A 90 -5.08 -11.08 2.58
N LYS A 91 -5.13 -12.39 2.76
CA LYS A 91 -6.02 -12.99 3.74
C LYS A 91 -5.66 -12.49 5.13
N TYR A 92 -4.37 -12.38 5.41
CA TYR A 92 -3.90 -11.89 6.70
C TYR A 92 -4.43 -10.49 6.96
N MET A 93 -4.45 -9.66 5.92
CA MET A 93 -4.93 -8.29 6.06
C MET A 93 -6.44 -8.27 6.29
N GLU A 94 -7.13 -9.26 5.77
CA GLU A 94 -8.57 -9.36 5.94
C GLU A 94 -8.94 -9.76 7.37
N GLU A 95 -7.93 -9.94 8.22
CA GLU A 95 -8.15 -10.31 9.62
C GLU A 95 -8.90 -9.22 10.37
N GLU A 96 -8.54 -7.98 10.12
CA GLU A 96 -9.18 -6.84 10.80
C GLU A 96 -8.79 -5.51 10.14
N PHE A 97 -7.82 -5.55 9.22
CA PHE A 97 -7.36 -4.34 8.54
C PHE A 97 -8.39 -3.90 7.51
N LEU A 98 -8.94 -4.85 6.78
CA LEU A 98 -9.94 -4.54 5.77
C LEU A 98 -11.23 -4.09 6.43
N SER A 99 -11.57 -4.72 7.55
CA SER A 99 -12.80 -4.38 8.26
C SER A 99 -12.69 -2.99 8.87
N ASP A 100 -11.50 -2.69 9.41
CA ASP A 100 -11.26 -1.40 10.05
C ASP A 100 -11.95 -0.28 9.26
N PRO A 101 -12.96 0.34 9.83
CA PRO A 101 -13.71 1.44 9.13
C PRO A 101 -12.86 2.69 8.92
N ASN A 102 -11.73 2.76 9.62
CA ASN A 102 -10.84 3.89 9.49
C ASN A 102 -9.89 3.70 8.30
N PHE A 103 -10.00 2.54 7.63
CA PHE A 103 -9.16 2.28 6.48
C PHE A 103 -9.86 2.67 5.19
N THR A 104 -10.15 3.96 5.06
CA THR A 104 -10.82 4.47 3.86
C THR A 104 -10.13 5.71 3.34
N TYR A 105 -10.49 6.15 2.14
CA TYR A 105 -9.83 7.30 1.54
C TYR A 105 -9.96 8.54 2.41
N GLU A 106 -11.19 8.88 2.79
CA GLU A 106 -11.42 10.08 3.60
C GLU A 106 -10.75 9.99 4.97
N THR A 107 -10.98 8.89 5.66
CA THR A 107 -10.42 8.74 7.00
C THR A 107 -8.90 8.79 6.94
N ILE A 108 -8.32 7.98 6.07
CA ILE A 108 -6.87 7.97 5.94
C ILE A 108 -6.37 9.37 5.58
N ASN A 109 -7.01 9.99 4.61
CA ASN A 109 -6.62 11.33 4.20
C ASN A 109 -6.64 12.27 5.40
N ARG A 110 -7.74 12.25 6.14
CA ARG A 110 -7.88 13.10 7.32
C ARG A 110 -6.74 12.85 8.29
N ALA A 111 -6.18 11.65 8.24
CA ALA A 111 -5.06 11.30 9.11
C ALA A 111 -3.81 12.08 8.72
N SER A 112 -3.53 12.12 7.43
CA SER A 112 -2.36 12.84 6.92
C SER A 112 -2.47 13.06 5.41
N LYS A 113 -1.76 14.07 4.92
CA LYS A 113 -1.79 14.38 3.50
C LYS A 113 -0.95 13.40 2.69
N ALA A 114 0.06 12.83 3.34
CA ALA A 114 0.93 11.87 2.67
C ALA A 114 0.48 10.43 2.92
N CYS A 115 -0.53 10.27 3.77
CA CYS A 115 -1.04 8.95 4.09
C CYS A 115 -2.25 8.61 3.20
N GLY A 116 -2.88 9.63 2.62
CA GLY A 116 -4.03 9.40 1.76
C GLY A 116 -3.65 8.56 0.55
N PRO A 117 -2.75 9.05 -0.27
CA PRO A 117 -2.30 8.32 -1.49
C PRO A 117 -1.73 6.95 -1.15
N LEU A 118 -1.33 6.77 0.10
CA LEU A 118 -0.77 5.50 0.54
C LEU A 118 -1.86 4.43 0.60
N TYR A 119 -3.00 4.80 1.18
CA TYR A 119 -4.12 3.87 1.28
C TYR A 119 -4.56 3.43 -0.11
N GLN A 120 -4.69 4.39 -1.01
CA GLN A 120 -5.10 4.08 -2.38
C GLN A 120 -4.10 3.11 -3.02
N TRP A 121 -2.82 3.31 -2.74
CA TRP A 121 -1.78 2.44 -3.28
C TRP A 121 -2.02 1.00 -2.84
N VAL A 122 -2.29 0.83 -1.55
CA VAL A 122 -2.53 -0.50 -1.01
C VAL A 122 -3.69 -1.16 -1.76
N ASN A 123 -4.74 -0.38 -1.97
CA ASN A 123 -5.91 -0.87 -2.69
C ASN A 123 -5.58 -1.11 -4.17
N ALA A 124 -4.51 -0.46 -4.64
CA ALA A 124 -4.09 -0.63 -6.03
C ALA A 124 -3.44 -1.99 -6.24
N GLN A 125 -2.55 -2.37 -5.33
CA GLN A 125 -1.85 -3.64 -5.43
C GLN A 125 -2.86 -4.79 -5.37
N ILE A 126 -3.85 -4.64 -4.49
CA ILE A 126 -4.87 -5.66 -4.35
C ILE A 126 -5.65 -5.82 -5.66
N ASN A 127 -5.96 -4.68 -6.30
CA ASN A 127 -6.70 -4.73 -7.56
C ASN A 127 -5.94 -5.54 -8.60
N PHE A 128 -4.64 -5.27 -8.73
CA PHE A 128 -3.81 -6.00 -9.69
C PHE A 128 -3.83 -7.48 -9.39
N SER A 129 -3.66 -7.81 -8.11
CA SER A 129 -3.64 -9.20 -7.69
C SER A 129 -4.81 -9.96 -8.31
N LYS A 130 -5.95 -9.27 -8.43
CA LYS A 130 -7.14 -9.89 -9.01
C LYS A 130 -6.82 -10.48 -10.39
N CYS A 131 -5.90 -9.84 -11.11
CA CYS A 131 -5.49 -10.28 -12.43
C CYS A 131 -4.48 -11.41 -12.32
N LEU A 132 -3.56 -11.29 -11.37
CA LEU A 132 -2.52 -12.28 -11.16
C LEU A 132 -3.15 -13.64 -10.83
N GLU A 133 -4.27 -13.61 -10.12
CA GLU A 133 -4.94 -14.84 -9.73
C GLU A 133 -5.34 -15.65 -10.96
N ASN A 134 -5.85 -14.96 -11.98
CA ASN A 134 -6.26 -15.63 -13.20
C ASN A 134 -5.12 -15.62 -14.23
N VAL A 135 -4.10 -14.82 -13.98
CA VAL A 135 -2.97 -14.73 -14.89
C VAL A 135 -2.23 -16.05 -14.93
N ASP A 136 -1.59 -16.32 -16.06
CA ASP A 136 -0.84 -17.55 -16.23
C ASP A 136 0.66 -17.25 -16.47
N PRO A 137 1.54 -17.80 -15.66
CA PRO A 137 3.01 -17.57 -15.81
C PRO A 137 3.48 -17.88 -17.23
N LEU A 138 4.33 -17.00 -17.77
CA LEU A 138 4.85 -17.18 -19.11
C LEU A 138 6.17 -16.42 -19.28
N ARG A 139 7.18 -16.82 -18.52
CA ARG A 139 8.48 -16.16 -18.59
C ARG A 139 9.54 -16.99 -17.87
N GLN A 140 10.75 -17.01 -18.42
CA GLN A 140 11.84 -17.77 -17.82
C GLN A 140 12.21 -17.17 -16.47
N GLU A 141 12.43 -18.04 -15.47
CA GLU A 141 12.79 -17.59 -14.14
C GLU A 141 14.03 -18.34 -13.65
N GLY A 1 -19.29 -0.36 -17.65
CA GLY A 1 -19.42 -1.75 -18.16
C GLY A 1 -18.34 -2.63 -17.51
N SER A 2 -18.30 -3.90 -17.91
CA SER A 2 -17.33 -4.82 -17.36
C SER A 2 -17.01 -5.93 -18.37
N HIS A 3 -16.25 -5.60 -19.40
CA HIS A 3 -15.90 -6.58 -20.42
C HIS A 3 -14.42 -6.97 -20.30
N MET A 4 -13.55 -5.96 -20.18
CA MET A 4 -12.13 -6.21 -20.07
C MET A 4 -11.53 -5.39 -18.92
N LYS A 5 -10.62 -6.00 -18.17
CA LYS A 5 -9.98 -5.32 -17.05
C LYS A 5 -8.86 -6.18 -16.47
N CYS A 6 -7.63 -5.70 -16.58
CA CYS A 6 -6.49 -6.44 -16.06
C CYS A 6 -5.32 -5.50 -15.81
N ILE A 7 -4.21 -6.04 -15.32
CA ILE A 7 -3.04 -5.23 -15.03
C ILE A 7 -2.70 -4.32 -16.21
N GLN A 8 -3.10 -4.73 -17.40
CA GLN A 8 -2.81 -3.93 -18.59
C GLN A 8 -3.38 -2.53 -18.48
N ASP A 9 -4.70 -2.44 -18.48
CA ASP A 9 -5.38 -1.15 -18.38
C ASP A 9 -6.09 -1.00 -17.04
N ILE A 10 -5.72 -1.82 -16.07
CA ILE A 10 -6.37 -1.82 -14.78
C ILE A 10 -6.49 -0.39 -14.26
N GLU A 11 -7.58 -0.14 -13.53
CA GLU A 11 -7.87 1.18 -12.98
C GLU A 11 -6.55 1.94 -12.78
N PRO A 12 -6.47 3.14 -13.25
CA PRO A 12 -5.21 3.96 -13.18
C PRO A 12 -4.80 4.25 -11.75
N THR A 13 -5.66 3.88 -10.80
CA THR A 13 -5.37 4.11 -9.39
C THR A 13 -4.00 3.52 -9.03
N ILE A 14 -3.56 2.52 -9.79
CA ILE A 14 -2.27 1.89 -9.52
C ILE A 14 -1.13 2.88 -9.72
N LEU A 15 -1.01 3.40 -10.94
CA LEU A 15 0.05 4.37 -11.24
C LEU A 15 -0.16 5.67 -10.48
N GLU A 16 -1.42 6.05 -10.34
CA GLU A 16 -1.75 7.28 -9.63
C GLU A 16 -1.31 7.21 -8.17
N ALA A 17 -1.41 6.01 -7.58
CA ALA A 17 -1.02 5.82 -6.20
C ALA A 17 0.49 5.91 -6.04
N GLN A 18 1.23 5.29 -6.94
CA GLN A 18 2.69 5.31 -6.87
C GLN A 18 3.21 6.71 -7.11
N ARG A 19 2.63 7.41 -8.09
CA ARG A 19 3.06 8.75 -8.42
C ARG A 19 2.94 9.66 -7.20
N GLY A 20 1.79 9.58 -6.54
CA GLY A 20 1.55 10.37 -5.34
C GLY A 20 2.52 9.98 -4.22
N VAL A 21 2.75 8.68 -4.08
CA VAL A 21 3.63 8.18 -3.04
C VAL A 21 5.03 8.79 -3.15
N LYS A 22 5.56 8.78 -4.36
CA LYS A 22 6.88 9.36 -4.60
C LYS A 22 6.84 10.89 -4.53
N ASN A 23 5.67 11.46 -4.78
CA ASN A 23 5.50 12.89 -4.74
C ASN A 23 5.51 13.40 -3.31
N ILE A 24 5.62 12.48 -2.35
CA ILE A 24 5.64 12.85 -0.95
C ILE A 24 6.99 13.47 -0.58
N LYS A 25 6.94 14.69 -0.04
CA LYS A 25 8.16 15.39 0.35
C LYS A 25 8.62 14.93 1.73
N LYS A 26 9.90 15.15 2.02
CA LYS A 26 10.46 14.76 3.31
C LYS A 26 9.71 15.44 4.43
N GLN A 27 9.16 16.61 4.16
CA GLN A 27 8.39 17.36 5.16
C GLN A 27 7.15 16.57 5.56
N GLN A 28 6.52 15.92 4.58
CA GLN A 28 5.33 15.11 4.84
C GLN A 28 5.68 13.90 5.70
N LEU A 29 6.83 13.31 5.42
CA LEU A 29 7.28 12.13 6.16
C LEU A 29 7.67 12.53 7.59
N THR A 30 8.28 13.71 7.71
CA THR A 30 8.71 14.20 9.01
C THR A 30 7.52 14.42 9.93
N GLU A 31 6.43 14.95 9.36
CA GLU A 31 5.22 15.20 10.13
C GLU A 31 4.63 13.88 10.65
N ILE A 32 4.66 12.85 9.80
CA ILE A 32 4.15 11.55 10.19
C ILE A 32 5.00 10.94 11.29
N ARG A 33 6.31 11.10 11.17
CA ARG A 33 7.23 10.58 12.18
C ARG A 33 7.11 11.36 13.48
N SER A 34 6.77 12.64 13.36
CA SER A 34 6.63 13.50 14.53
C SER A 34 5.49 13.00 15.42
N MET A 35 4.40 12.57 14.78
CA MET A 35 3.24 12.08 15.53
C MET A 35 3.65 10.93 16.45
N VAL A 36 3.88 11.24 17.72
CA VAL A 36 4.27 10.21 18.68
C VAL A 36 3.13 9.24 18.92
N ASN A 37 1.90 9.71 18.74
CA ASN A 37 0.73 8.87 18.93
C ASN A 37 -0.22 8.99 17.74
N PRO A 38 0.05 8.26 16.69
CA PRO A 38 -0.78 8.31 15.46
C PRO A 38 -2.25 7.92 15.73
N PRO A 39 -3.18 8.59 15.08
CA PRO A 39 -4.63 8.32 15.25
C PRO A 39 -4.99 6.87 14.98
N SER A 40 -4.61 6.38 13.80
CA SER A 40 -4.89 5.00 13.42
C SER A 40 -4.74 4.81 11.91
N GLY A 41 -5.30 5.72 11.14
CA GLY A 41 -5.24 5.62 9.70
C GLY A 41 -3.80 5.68 9.21
N VAL A 42 -2.94 6.25 10.01
CA VAL A 42 -1.52 6.37 9.64
C VAL A 42 -0.76 5.09 9.96
N LYS A 43 -0.95 4.58 11.17
CA LYS A 43 -0.24 3.39 11.61
C LYS A 43 -0.74 2.17 10.86
N ILE A 44 -2.03 2.16 10.55
CA ILE A 44 -2.62 1.04 9.85
C ILE A 44 -2.09 0.97 8.42
N VAL A 45 -2.01 2.12 7.76
CA VAL A 45 -1.53 2.16 6.39
C VAL A 45 -0.08 1.70 6.34
N MET A 46 0.69 2.06 7.37
CA MET A 46 2.09 1.69 7.42
C MET A 46 2.24 0.19 7.58
N GLU A 47 1.34 -0.41 8.35
CA GLU A 47 1.39 -1.84 8.58
C GLU A 47 1.04 -2.62 7.32
N ALA A 48 -0.08 -2.27 6.71
CA ALA A 48 -0.52 -2.95 5.50
C ALA A 48 0.49 -2.77 4.37
N VAL A 49 0.99 -1.55 4.22
CA VAL A 49 1.97 -1.26 3.18
C VAL A 49 3.23 -2.07 3.39
N CYS A 50 3.69 -2.14 4.64
CA CYS A 50 4.88 -2.90 4.97
C CYS A 50 4.68 -4.37 4.66
N ALA A 51 3.48 -4.88 4.91
CA ALA A 51 3.17 -6.28 4.64
C ALA A 51 3.37 -6.63 3.18
N ILE A 52 2.98 -5.72 2.30
CA ILE A 52 3.13 -5.93 0.87
C ILE A 52 4.59 -5.96 0.47
N LEU A 53 5.38 -5.07 1.07
CA LEU A 53 6.81 -4.97 0.75
C LEU A 53 7.57 -6.16 1.29
N GLY A 54 6.85 -7.03 1.98
CA GLY A 54 7.46 -8.23 2.55
C GLY A 54 7.87 -8.01 3.99
N TYR A 55 7.35 -6.95 4.61
CA TYR A 55 7.67 -6.64 5.99
C TYR A 55 6.50 -7.03 6.89
N GLN A 56 6.79 -7.74 7.99
CA GLN A 56 5.75 -8.16 8.91
C GLN A 56 5.22 -6.97 9.71
N PHE A 57 4.61 -7.27 10.85
CA PHE A 57 4.06 -6.23 11.70
C PHE A 57 5.16 -5.55 12.50
N SER A 58 4.89 -4.34 12.97
CA SER A 58 5.88 -3.59 13.73
C SER A 58 5.19 -2.50 14.57
N ASN A 59 5.94 -1.94 15.51
CA ASN A 59 5.40 -0.89 16.37
C ASN A 59 5.50 0.46 15.69
N TRP A 60 4.80 1.45 16.24
CA TRP A 60 4.81 2.79 15.66
C TRP A 60 6.23 3.33 15.61
N ARG A 61 6.96 3.20 16.71
CA ARG A 61 8.32 3.69 16.77
C ARG A 61 9.22 2.86 15.86
N ASP A 62 8.80 1.63 15.57
CA ASP A 62 9.56 0.75 14.70
C ASP A 62 9.38 1.14 13.24
N ILE A 63 8.14 1.40 12.86
CA ILE A 63 7.84 1.81 11.49
C ILE A 63 8.52 3.14 11.19
N GLN A 64 8.51 4.05 12.15
CA GLN A 64 9.10 5.36 11.95
C GLN A 64 10.49 5.23 11.36
N GLN A 65 11.23 4.23 11.82
CA GLN A 65 12.59 4.01 11.34
C GLN A 65 12.61 3.64 9.86
N PHE A 66 11.50 3.06 9.40
CA PHE A 66 11.39 2.68 8.00
C PHE A 66 11.10 3.89 7.10
N ILE A 67 10.10 4.65 7.48
CA ILE A 67 9.71 5.83 6.71
C ILE A 67 10.78 6.90 6.76
N ARG A 68 11.52 6.94 7.88
CA ARG A 68 12.58 7.92 8.05
C ARG A 68 13.54 7.87 6.86
N LYS A 69 13.67 6.70 6.26
CA LYS A 69 14.56 6.54 5.12
C LYS A 69 14.06 7.36 3.94
N ASP A 70 14.97 8.11 3.32
CA ASP A 70 14.60 8.94 2.17
C ASP A 70 14.27 8.05 0.96
N ASP A 71 14.61 6.77 1.07
CA ASP A 71 14.33 5.84 -0.02
C ASP A 71 13.22 4.88 0.38
N PHE A 72 12.33 5.34 1.28
CA PHE A 72 11.22 4.50 1.73
C PHE A 72 10.14 4.42 0.66
N ILE A 73 9.57 5.57 0.31
CA ILE A 73 8.53 5.63 -0.71
C ILE A 73 9.06 5.09 -2.03
N HIS A 74 10.37 5.19 -2.21
CA HIS A 74 10.99 4.70 -3.44
C HIS A 74 10.71 3.22 -3.61
N ASN A 75 10.76 2.47 -2.52
CA ASN A 75 10.48 1.05 -2.57
C ASN A 75 8.99 0.79 -2.85
N ILE A 76 8.14 1.62 -2.26
CA ILE A 76 6.70 1.47 -2.44
C ILE A 76 6.32 1.64 -3.91
N VAL A 77 7.10 2.43 -4.62
CA VAL A 77 6.82 2.67 -6.04
C VAL A 77 7.65 1.73 -6.92
N HIS A 78 8.77 1.26 -6.38
CA HIS A 78 9.64 0.34 -7.12
C HIS A 78 9.08 -1.07 -7.07
N TYR A 79 8.07 -1.29 -6.21
CA TYR A 79 7.47 -2.60 -6.08
C TYR A 79 7.14 -3.18 -7.46
N ASP A 80 7.90 -4.19 -7.85
CA ASP A 80 7.69 -4.83 -9.15
C ASP A 80 6.68 -5.98 -9.03
N THR A 81 5.60 -5.89 -9.78
CA THR A 81 4.56 -6.91 -9.73
C THR A 81 5.17 -8.29 -9.92
N THR A 82 6.11 -8.40 -10.86
CA THR A 82 6.77 -9.68 -11.15
C THR A 82 6.91 -10.50 -9.87
N LEU A 83 7.42 -9.88 -8.82
CA LEU A 83 7.58 -10.56 -7.54
C LEU A 83 6.56 -10.04 -6.51
N HIS A 84 5.74 -10.94 -5.99
CA HIS A 84 4.75 -10.55 -4.99
C HIS A 84 5.24 -10.90 -3.59
N MET A 85 5.88 -12.05 -3.46
CA MET A 85 6.40 -12.49 -2.16
C MET A 85 5.27 -12.78 -1.19
N LYS A 86 4.91 -14.05 -1.07
CA LYS A 86 3.83 -14.45 -0.19
C LYS A 86 2.51 -13.79 -0.61
N PRO A 87 2.04 -14.11 -1.77
CA PRO A 87 0.76 -13.57 -2.31
C PRO A 87 -0.46 -14.02 -1.50
N GLN A 88 -0.27 -15.07 -0.71
CA GLN A 88 -1.34 -15.61 0.12
C GLN A 88 -1.64 -14.69 1.30
N ILE A 89 -0.91 -13.59 1.41
CA ILE A 89 -1.10 -12.63 2.48
C ILE A 89 -2.30 -11.72 2.18
N ARG A 90 -2.74 -11.73 0.93
CA ARG A 90 -3.85 -10.86 0.54
C ARG A 90 -5.08 -11.18 1.40
N LYS A 91 -5.42 -12.46 1.49
CA LYS A 91 -6.57 -12.88 2.29
C LYS A 91 -6.33 -12.55 3.77
N TYR A 92 -5.09 -12.68 4.20
CA TYR A 92 -4.73 -12.40 5.58
C TYR A 92 -5.13 -10.97 5.95
N MET A 93 -5.06 -10.07 4.98
CA MET A 93 -5.43 -8.67 5.20
C MET A 93 -6.93 -8.55 5.44
N GLU A 94 -7.70 -9.42 4.82
CA GLU A 94 -9.15 -9.40 4.98
C GLU A 94 -9.55 -9.91 6.37
N GLU A 95 -8.57 -10.27 7.19
CA GLU A 95 -8.83 -10.75 8.53
C GLU A 95 -9.34 -9.63 9.44
N GLU A 96 -8.74 -8.46 9.31
CA GLU A 96 -9.12 -7.31 10.13
C GLU A 96 -8.57 -6.00 9.55
N PHE A 97 -7.59 -6.11 8.66
CA PHE A 97 -6.99 -4.95 8.04
C PHE A 97 -7.99 -4.24 7.13
N LEU A 98 -8.75 -5.02 6.39
CA LEU A 98 -9.75 -4.47 5.48
C LEU A 98 -11.11 -4.35 6.17
N SER A 99 -11.17 -4.75 7.42
CA SER A 99 -12.42 -4.70 8.18
C SER A 99 -12.38 -3.57 9.21
N ASP A 100 -11.49 -2.61 9.00
CA ASP A 100 -11.37 -1.50 9.92
C ASP A 100 -12.00 -0.23 9.33
N PRO A 101 -12.79 0.48 10.11
CA PRO A 101 -13.46 1.73 9.67
C PRO A 101 -12.48 2.88 9.48
N ASN A 102 -11.29 2.74 10.08
CA ASN A 102 -10.27 3.77 9.97
C ASN A 102 -9.44 3.59 8.70
N PHE A 103 -9.66 2.47 8.01
CA PHE A 103 -8.92 2.20 6.79
C PHE A 103 -9.74 2.60 5.57
N THR A 104 -10.10 3.88 5.52
CA THR A 104 -10.88 4.40 4.40
C THR A 104 -10.15 5.56 3.73
N TYR A 105 -10.59 5.93 2.54
CA TYR A 105 -9.97 7.01 1.81
C TYR A 105 -10.09 8.33 2.53
N GLU A 106 -11.11 8.45 3.35
CA GLU A 106 -11.35 9.69 4.11
C GLU A 106 -10.51 9.74 5.39
N THR A 107 -10.66 8.74 6.23
CA THR A 107 -9.94 8.69 7.50
C THR A 107 -8.44 8.70 7.22
N ILE A 108 -8.00 7.87 6.28
CA ILE A 108 -6.59 7.80 5.96
C ILE A 108 -6.10 9.18 5.52
N ASN A 109 -6.83 9.81 4.60
CA ASN A 109 -6.42 11.12 4.11
C ASN A 109 -6.33 12.11 5.28
N ARG A 110 -7.36 12.13 6.12
CA ARG A 110 -7.38 13.02 7.26
C ARG A 110 -6.28 12.63 8.25
N ALA A 111 -5.82 11.39 8.18
CA ALA A 111 -4.77 10.92 9.07
C ALA A 111 -3.45 11.64 8.76
N SER A 112 -3.10 11.70 7.48
CA SER A 112 -1.87 12.36 7.06
C SER A 112 -1.88 12.59 5.55
N LYS A 113 -1.43 13.76 5.14
CA LYS A 113 -1.40 14.11 3.72
C LYS A 113 -0.54 13.12 2.94
N ALA A 114 0.43 12.52 3.64
CA ALA A 114 1.31 11.54 3.02
C ALA A 114 0.76 10.13 3.18
N CYS A 115 -0.22 9.96 4.06
CA CYS A 115 -0.80 8.67 4.31
C CYS A 115 -1.93 8.37 3.32
N GLY A 116 -2.48 9.42 2.73
CA GLY A 116 -3.54 9.25 1.75
C GLY A 116 -3.09 8.39 0.57
N PRO A 117 -1.99 8.75 -0.03
CA PRO A 117 -1.40 7.98 -1.17
C PRO A 117 -1.07 6.54 -0.78
N LEU A 118 -0.81 6.33 0.51
CA LEU A 118 -0.47 4.99 1.01
C LEU A 118 -1.67 4.07 0.94
N TYR A 119 -2.80 4.54 1.45
CA TYR A 119 -4.03 3.77 1.42
C TYR A 119 -4.39 3.43 -0.02
N GLN A 120 -4.30 4.40 -0.91
CA GLN A 120 -4.61 4.17 -2.31
C GLN A 120 -3.64 3.15 -2.91
N TRP A 121 -2.34 3.30 -2.59
CA TRP A 121 -1.34 2.37 -3.11
C TRP A 121 -1.57 0.96 -2.61
N VAL A 122 -1.75 0.81 -1.31
CA VAL A 122 -1.98 -0.50 -0.71
C VAL A 122 -3.25 -1.12 -1.29
N ASN A 123 -4.19 -0.28 -1.66
CA ASN A 123 -5.44 -0.74 -2.24
C ASN A 123 -5.27 -0.96 -3.76
N ALA A 124 -4.20 -0.38 -4.32
CA ALA A 124 -3.92 -0.53 -5.74
C ALA A 124 -3.33 -1.91 -6.04
N GLN A 125 -2.42 -2.35 -5.18
CA GLN A 125 -1.78 -3.65 -5.37
C GLN A 125 -2.82 -4.74 -5.29
N ILE A 126 -3.78 -4.58 -4.37
CA ILE A 126 -4.84 -5.56 -4.20
C ILE A 126 -5.63 -5.70 -5.50
N ASN A 127 -5.93 -4.56 -6.13
CA ASN A 127 -6.66 -4.56 -7.40
C ASN A 127 -5.87 -5.32 -8.45
N PHE A 128 -4.56 -5.12 -8.48
CA PHE A 128 -3.70 -5.81 -9.44
C PHE A 128 -3.82 -7.32 -9.27
N SER A 129 -3.54 -7.79 -8.06
CA SER A 129 -3.59 -9.22 -7.77
C SER A 129 -4.92 -9.80 -8.23
N LYS A 130 -5.97 -9.00 -8.16
CA LYS A 130 -7.30 -9.46 -8.56
C LYS A 130 -7.25 -10.14 -9.93
N CYS A 131 -6.46 -9.58 -10.84
CA CYS A 131 -6.31 -10.15 -12.17
C CYS A 131 -5.20 -11.19 -12.19
N LEU A 132 -4.27 -11.08 -11.25
CA LEU A 132 -3.15 -12.01 -11.18
C LEU A 132 -3.59 -13.32 -10.50
N GLU A 133 -4.84 -13.36 -10.05
CA GLU A 133 -5.38 -14.56 -9.42
C GLU A 133 -5.54 -15.67 -10.45
N ASN A 134 -5.84 -15.29 -11.69
CA ASN A 134 -6.03 -16.28 -12.74
C ASN A 134 -4.98 -16.12 -13.83
N VAL A 135 -4.63 -14.88 -14.13
CA VAL A 135 -3.63 -14.59 -15.15
C VAL A 135 -3.85 -15.45 -16.38
N ASP A 136 -5.10 -15.79 -16.63
CA ASP A 136 -5.45 -16.64 -17.76
C ASP A 136 -5.24 -15.91 -19.08
N PRO A 137 -4.92 -16.62 -20.12
CA PRO A 137 -4.69 -16.02 -21.47
C PRO A 137 -5.98 -15.65 -22.16
N LEU A 138 -5.88 -14.79 -23.18
CA LEU A 138 -7.06 -14.38 -23.93
C LEU A 138 -6.70 -14.14 -25.40
N ARG A 139 -7.34 -14.89 -26.29
CA ARG A 139 -7.08 -14.74 -27.72
C ARG A 139 -8.38 -14.91 -28.51
N GLN A 140 -8.53 -14.10 -29.55
CA GLN A 140 -9.72 -14.16 -30.39
C GLN A 140 -9.46 -14.97 -31.65
N GLU A 141 -10.48 -15.71 -32.09
CA GLU A 141 -10.34 -16.53 -33.29
C GLU A 141 -10.18 -15.65 -34.52
N GLY A 1 -13.07 -15.55 -14.36
CA GLY A 1 -12.97 -14.07 -14.48
C GLY A 1 -12.94 -13.68 -15.95
N SER A 2 -12.69 -12.39 -16.22
CA SER A 2 -12.63 -11.90 -17.58
C SER A 2 -11.22 -11.44 -17.92
N HIS A 3 -10.82 -11.63 -19.18
CA HIS A 3 -9.49 -11.24 -19.61
C HIS A 3 -9.35 -9.72 -19.59
N MET A 4 -10.47 -9.02 -19.66
CA MET A 4 -10.45 -7.56 -19.64
C MET A 4 -10.24 -7.04 -18.22
N LYS A 5 -9.89 -5.76 -18.11
CA LYS A 5 -9.65 -5.16 -16.81
C LYS A 5 -8.54 -5.90 -16.06
N CYS A 6 -7.34 -5.89 -16.65
CA CYS A 6 -6.20 -6.57 -16.04
C CYS A 6 -5.04 -5.62 -15.85
N ILE A 7 -3.89 -6.15 -15.47
CA ILE A 7 -2.71 -5.32 -15.25
C ILE A 7 -2.51 -4.33 -16.40
N GLN A 8 -3.02 -4.68 -17.58
CA GLN A 8 -2.87 -3.82 -18.73
C GLN A 8 -3.51 -2.44 -18.48
N ASP A 9 -4.82 -2.41 -18.38
CA ASP A 9 -5.54 -1.17 -18.15
C ASP A 9 -6.17 -1.15 -16.76
N ILE A 10 -5.67 -1.99 -15.87
CA ILE A 10 -6.22 -2.11 -14.53
C ILE A 10 -6.41 -0.74 -13.91
N GLU A 11 -7.41 -0.62 -13.05
CA GLU A 11 -7.72 0.64 -12.39
C GLU A 11 -6.45 1.49 -12.25
N PRO A 12 -6.50 2.72 -12.66
CA PRO A 12 -5.32 3.64 -12.62
C PRO A 12 -4.93 4.00 -11.19
N THR A 13 -5.72 3.56 -10.23
CA THR A 13 -5.45 3.84 -8.82
C THR A 13 -3.99 3.51 -8.49
N ILE A 14 -3.39 2.61 -9.26
CA ILE A 14 -2.01 2.23 -9.04
C ILE A 14 -1.06 3.38 -9.41
N LEU A 15 -1.25 3.93 -10.60
CA LEU A 15 -0.42 5.03 -11.07
C LEU A 15 -0.70 6.28 -10.26
N GLU A 16 -1.95 6.47 -9.87
CA GLU A 16 -2.36 7.63 -9.10
C GLU A 16 -1.71 7.60 -7.71
N ALA A 17 -1.50 6.39 -7.19
CA ALA A 17 -0.90 6.24 -5.87
C ALA A 17 0.62 6.41 -5.94
N GLN A 18 1.24 5.78 -6.94
CA GLN A 18 2.68 5.87 -7.08
C GLN A 18 3.12 7.30 -7.35
N ARG A 19 2.53 7.92 -8.36
CA ARG A 19 2.87 9.29 -8.71
C ARG A 19 2.82 10.18 -7.47
N GLY A 20 1.84 9.92 -6.60
CA GLY A 20 1.69 10.70 -5.38
C GLY A 20 2.77 10.36 -4.37
N VAL A 21 3.06 9.07 -4.24
CA VAL A 21 4.07 8.62 -3.30
C VAL A 21 5.37 9.38 -3.50
N LYS A 22 5.81 9.46 -4.75
CA LYS A 22 7.04 10.17 -5.07
C LYS A 22 6.82 11.68 -5.00
N ASN A 23 5.57 12.10 -5.17
CA ASN A 23 5.23 13.52 -5.12
C ASN A 23 5.14 13.99 -3.67
N ILE A 24 5.32 13.07 -2.74
CA ILE A 24 5.29 13.41 -1.32
C ILE A 24 6.64 13.91 -0.85
N LYS A 25 6.65 15.06 -0.18
CA LYS A 25 7.89 15.64 0.32
C LYS A 25 8.46 14.79 1.45
N LYS A 26 9.78 14.77 1.56
CA LYS A 26 10.44 14.00 2.60
C LYS A 26 10.02 14.47 3.99
N GLN A 27 9.57 15.71 4.07
CA GLN A 27 9.13 16.28 5.33
C GLN A 27 7.85 15.60 5.81
N GLN A 28 7.07 15.09 4.87
CA GLN A 28 5.82 14.42 5.19
C GLN A 28 6.10 13.08 5.87
N LEU A 29 7.18 12.42 5.44
CA LEU A 29 7.54 11.12 6.00
C LEU A 29 8.10 11.29 7.41
N THR A 30 8.99 12.25 7.56
CA THR A 30 9.61 12.51 8.86
C THR A 30 8.54 12.88 9.87
N GLU A 31 7.56 13.67 9.45
CA GLU A 31 6.48 14.09 10.33
C GLU A 31 5.64 12.90 10.78
N ILE A 32 5.35 11.99 9.86
CA ILE A 32 4.59 10.79 10.18
C ILE A 32 5.45 9.80 10.97
N ARG A 33 6.70 9.65 10.55
CA ARG A 33 7.62 8.75 11.23
C ARG A 33 7.93 9.28 12.62
N SER A 34 7.89 10.59 12.78
CA SER A 34 8.17 11.21 14.08
C SER A 34 6.95 11.15 14.98
N MET A 35 5.77 11.07 14.36
CA MET A 35 4.53 11.02 15.12
C MET A 35 4.60 9.94 16.20
N VAL A 36 4.39 10.34 17.44
CA VAL A 36 4.43 9.40 18.56
C VAL A 36 3.08 8.70 18.72
N ASN A 37 2.02 9.38 18.31
CA ASN A 37 0.68 8.82 18.42
C ASN A 37 -0.10 9.02 17.13
N PRO A 38 0.08 8.16 16.17
CA PRO A 38 -0.62 8.26 14.86
C PRO A 38 -2.13 8.04 14.99
N PRO A 39 -2.91 8.79 14.25
CA PRO A 39 -4.39 8.68 14.25
C PRO A 39 -4.87 7.40 13.56
N SER A 40 -6.10 6.99 13.88
CA SER A 40 -6.66 5.79 13.29
C SER A 40 -6.72 5.92 11.76
N GLY A 41 -5.66 5.48 11.09
CA GLY A 41 -5.61 5.55 9.64
C GLY A 41 -4.16 5.61 9.14
N VAL A 42 -3.31 6.29 9.90
CA VAL A 42 -1.90 6.40 9.54
C VAL A 42 -1.15 5.11 9.83
N LYS A 43 -1.36 4.58 11.03
CA LYS A 43 -0.68 3.35 11.44
C LYS A 43 -1.12 2.17 10.58
N ILE A 44 -2.43 2.06 10.34
CA ILE A 44 -2.95 0.97 9.55
C ILE A 44 -2.37 0.98 8.14
N VAL A 45 -2.33 2.16 7.53
CA VAL A 45 -1.81 2.28 6.19
C VAL A 45 -0.32 1.93 6.17
N MET A 46 0.42 2.43 7.14
CA MET A 46 1.85 2.18 7.22
C MET A 46 2.12 0.69 7.40
N GLU A 47 1.29 0.04 8.20
CA GLU A 47 1.45 -1.39 8.44
C GLU A 47 1.21 -2.19 7.17
N ALA A 48 0.10 -1.92 6.50
CA ALA A 48 -0.23 -2.64 5.28
C ALA A 48 0.78 -2.36 4.18
N VAL A 49 1.18 -1.10 4.06
CA VAL A 49 2.15 -0.72 3.04
C VAL A 49 3.49 -1.38 3.27
N CYS A 50 3.99 -1.28 4.50
CA CYS A 50 5.28 -1.86 4.83
C CYS A 50 5.24 -3.37 4.66
N ALA A 51 4.12 -3.98 5.05
CA ALA A 51 3.98 -5.43 4.94
C ALA A 51 4.13 -5.88 3.49
N ILE A 52 3.61 -5.08 2.57
CA ILE A 52 3.70 -5.39 1.15
C ILE A 52 5.15 -5.29 0.68
N LEU A 53 5.87 -4.32 1.22
CA LEU A 53 7.27 -4.09 0.83
C LEU A 53 8.18 -5.13 1.45
N GLY A 54 7.59 -6.03 2.22
CA GLY A 54 8.37 -7.09 2.85
C GLY A 54 8.66 -6.76 4.30
N TYR A 55 7.91 -5.82 4.87
CA TYR A 55 8.11 -5.44 6.26
C TYR A 55 6.76 -5.42 6.98
N GLN A 56 6.46 -6.50 7.69
CA GLN A 56 5.18 -6.60 8.40
C GLN A 56 5.39 -6.77 9.89
N PHE A 57 5.76 -5.68 10.56
CA PHE A 57 5.95 -5.72 12.01
C PHE A 57 4.66 -5.31 12.70
N SER A 58 4.73 -5.13 14.02
CA SER A 58 3.56 -4.74 14.80
C SER A 58 3.93 -3.72 15.86
N ASN A 59 5.06 -3.05 15.67
CA ASN A 59 5.49 -2.04 16.62
C ASN A 59 5.54 -0.67 15.94
N TRP A 60 4.72 0.26 16.43
CA TRP A 60 4.67 1.60 15.86
C TRP A 60 6.09 2.14 15.67
N ARG A 61 6.93 1.94 16.68
CA ARG A 61 8.31 2.40 16.62
C ARG A 61 9.05 1.68 15.50
N ASP A 62 8.77 0.39 15.35
CA ASP A 62 9.42 -0.42 14.31
C ASP A 62 9.16 0.15 12.93
N ILE A 63 7.88 0.42 12.64
CA ILE A 63 7.53 1.01 11.36
C ILE A 63 8.18 2.37 11.18
N GLN A 64 8.13 3.20 12.22
CA GLN A 64 8.71 4.53 12.15
C GLN A 64 10.12 4.47 11.55
N GLN A 65 10.90 3.51 12.00
CA GLN A 65 12.25 3.34 11.49
C GLN A 65 12.24 2.92 10.02
N PHE A 66 11.21 2.17 9.65
CA PHE A 66 11.06 1.70 8.28
C PHE A 66 10.78 2.84 7.31
N ILE A 67 9.99 3.79 7.75
CA ILE A 67 9.63 4.94 6.92
C ILE A 67 10.65 6.05 7.06
N ARG A 68 11.21 6.19 8.26
CA ARG A 68 12.19 7.24 8.54
C ARG A 68 12.97 7.57 7.28
N LYS A 69 13.49 6.53 6.62
CA LYS A 69 14.26 6.72 5.40
C LYS A 69 13.41 7.44 4.35
N ASP A 70 13.94 8.54 3.84
CA ASP A 70 13.22 9.32 2.84
C ASP A 70 13.02 8.52 1.56
N ASP A 71 13.89 7.54 1.33
CA ASP A 71 13.79 6.70 0.15
C ASP A 71 12.59 5.77 0.23
N PHE A 72 11.91 5.79 1.38
CA PHE A 72 10.76 4.93 1.57
C PHE A 72 9.79 5.02 0.40
N ILE A 73 9.33 6.23 0.12
CA ILE A 73 8.42 6.46 -0.99
C ILE A 73 9.00 5.89 -2.29
N HIS A 74 10.29 6.11 -2.49
CA HIS A 74 10.96 5.61 -3.69
C HIS A 74 10.86 4.09 -3.76
N ASN A 75 11.01 3.44 -2.61
CA ASN A 75 10.93 1.99 -2.54
C ASN A 75 9.55 1.50 -2.97
N ILE A 76 8.52 2.32 -2.69
CA ILE A 76 7.16 1.95 -3.06
C ILE A 76 7.00 1.99 -4.58
N VAL A 77 7.10 3.17 -5.17
CA VAL A 77 6.96 3.32 -6.61
C VAL A 77 7.90 2.33 -7.30
N HIS A 78 9.02 2.02 -6.65
CA HIS A 78 9.99 1.08 -7.22
C HIS A 78 9.50 -0.36 -7.12
N TYR A 79 8.48 -0.57 -6.30
CA TYR A 79 7.93 -1.90 -6.10
C TYR A 79 7.68 -2.58 -7.45
N ASP A 80 8.06 -3.85 -7.53
CA ASP A 80 7.89 -4.60 -8.77
C ASP A 80 6.81 -5.67 -8.60
N THR A 81 5.93 -5.77 -9.59
CA THR A 81 4.86 -6.76 -9.54
C THR A 81 5.41 -8.16 -9.68
N THR A 82 6.30 -8.36 -10.65
CA THR A 82 6.91 -9.67 -10.90
C THR A 82 6.53 -10.65 -9.81
N LEU A 83 7.20 -10.56 -8.66
CA LEU A 83 6.90 -11.44 -7.53
C LEU A 83 5.48 -11.20 -7.03
N HIS A 84 4.57 -12.11 -7.34
CA HIS A 84 3.18 -11.99 -6.92
C HIS A 84 3.10 -11.72 -5.44
N MET A 85 3.44 -12.73 -4.62
CA MET A 85 3.41 -12.61 -3.17
C MET A 85 2.67 -13.80 -2.55
N LYS A 86 3.02 -14.14 -1.32
CA LYS A 86 2.38 -15.24 -0.62
C LYS A 86 0.88 -14.95 -0.45
N PRO A 87 0.07 -15.96 -0.64
CA PRO A 87 -1.41 -15.83 -0.50
C PRO A 87 -1.85 -15.71 0.96
N GLN A 88 -0.89 -15.67 1.87
CA GLN A 88 -1.19 -15.55 3.28
C GLN A 88 -1.31 -14.09 3.69
N ILE A 89 -0.78 -13.20 2.86
CA ILE A 89 -0.85 -11.76 3.15
C ILE A 89 -2.28 -11.27 3.08
N ARG A 90 -2.98 -11.62 2.00
CA ARG A 90 -4.36 -11.18 1.81
C ARG A 90 -5.19 -11.59 3.02
N LYS A 91 -5.08 -12.85 3.43
CA LYS A 91 -5.83 -13.33 4.59
C LYS A 91 -5.43 -12.54 5.84
N TYR A 92 -4.14 -12.25 5.98
CA TYR A 92 -3.65 -11.49 7.11
C TYR A 92 -4.32 -10.12 7.17
N MET A 93 -4.46 -9.49 6.01
CA MET A 93 -5.09 -8.18 5.95
C MET A 93 -6.56 -8.27 6.37
N GLU A 94 -7.20 -9.38 6.03
CA GLU A 94 -8.60 -9.58 6.38
C GLU A 94 -8.75 -9.94 7.85
N GLU A 95 -7.63 -9.98 8.57
CA GLU A 95 -7.65 -10.30 9.99
C GLU A 95 -8.30 -9.18 10.80
N GLU A 96 -8.02 -7.94 10.42
CA GLU A 96 -8.57 -6.78 11.11
C GLU A 96 -8.26 -5.49 10.35
N PHE A 97 -7.37 -5.58 9.37
CA PHE A 97 -7.01 -4.42 8.57
C PHE A 97 -8.15 -4.00 7.67
N LEU A 98 -8.85 -4.98 7.11
CA LEU A 98 -9.97 -4.70 6.23
C LEU A 98 -11.27 -4.59 7.02
N SER A 99 -11.18 -4.80 8.33
CA SER A 99 -12.35 -4.72 9.20
C SER A 99 -12.36 -3.40 9.95
N ASP A 100 -11.60 -2.43 9.45
CA ASP A 100 -11.51 -1.13 10.09
C ASP A 100 -12.27 -0.06 9.30
N PRO A 101 -13.26 0.55 9.91
CA PRO A 101 -14.08 1.60 9.24
C PRO A 101 -13.28 2.87 8.97
N ASN A 102 -12.15 3.01 9.65
CA ASN A 102 -11.30 4.18 9.47
C ASN A 102 -10.30 3.96 8.34
N PHE A 103 -10.33 2.77 7.74
CA PHE A 103 -9.43 2.44 6.65
C PHE A 103 -10.08 2.77 5.31
N THR A 104 -10.36 4.05 5.09
CA THR A 104 -10.98 4.48 3.85
C THR A 104 -10.19 5.62 3.22
N TYR A 105 -10.47 5.91 1.97
CA TYR A 105 -9.75 6.95 1.26
C TYR A 105 -9.88 8.30 1.96
N GLU A 106 -11.07 8.60 2.42
CA GLU A 106 -11.31 9.89 3.06
C GLU A 106 -10.69 9.97 4.44
N THR A 107 -11.03 9.00 5.29
CA THR A 107 -10.52 9.00 6.65
C THR A 107 -9.00 8.99 6.66
N ILE A 108 -8.42 8.05 5.91
CA ILE A 108 -6.96 7.96 5.84
C ILE A 108 -6.37 9.30 5.38
N ASN A 109 -6.93 9.86 4.32
CA ASN A 109 -6.45 11.14 3.80
C ASN A 109 -6.52 12.19 4.90
N ARG A 110 -7.66 12.27 5.59
CA ARG A 110 -7.83 13.23 6.67
C ARG A 110 -6.75 13.03 7.74
N ALA A 111 -6.20 11.82 7.79
CA ALA A 111 -5.16 11.52 8.77
C ALA A 111 -3.86 12.24 8.43
N SER A 112 -3.48 12.18 7.15
CA SER A 112 -2.26 12.83 6.69
C SER A 112 -2.28 13.00 5.18
N LYS A 113 -1.87 14.17 4.72
CA LYS A 113 -1.85 14.47 3.29
C LYS A 113 -0.96 13.46 2.55
N ALA A 114 0.05 12.96 3.23
CA ALA A 114 0.95 11.98 2.63
C ALA A 114 0.49 10.56 2.90
N CYS A 115 -0.52 10.41 3.76
CA CYS A 115 -1.03 9.09 4.09
C CYS A 115 -2.22 8.74 3.23
N GLY A 116 -2.84 9.76 2.62
CA GLY A 116 -3.99 9.52 1.76
C GLY A 116 -3.63 8.63 0.58
N PRO A 117 -2.76 9.10 -0.28
CA PRO A 117 -2.31 8.33 -1.47
C PRO A 117 -1.71 6.97 -1.10
N LEU A 118 -1.32 6.85 0.17
CA LEU A 118 -0.74 5.60 0.66
C LEU A 118 -1.82 4.52 0.73
N TYR A 119 -2.95 4.86 1.33
CA TYR A 119 -4.07 3.92 1.43
C TYR A 119 -4.49 3.46 0.04
N GLN A 120 -4.61 4.41 -0.88
CA GLN A 120 -5.01 4.09 -2.25
C GLN A 120 -4.00 3.13 -2.87
N TRP A 121 -2.71 3.35 -2.57
CA TRP A 121 -1.66 2.48 -3.10
C TRP A 121 -1.89 1.04 -2.64
N VAL A 122 -2.15 0.87 -1.35
CA VAL A 122 -2.39 -0.47 -0.81
C VAL A 122 -3.55 -1.14 -1.54
N ASN A 123 -4.61 -0.36 -1.79
CA ASN A 123 -5.77 -0.87 -2.51
C ASN A 123 -5.42 -1.13 -3.98
N ALA A 124 -4.36 -0.49 -4.45
CA ALA A 124 -3.92 -0.67 -5.84
C ALA A 124 -3.26 -2.03 -6.02
N GLN A 125 -2.34 -2.37 -5.11
CA GLN A 125 -1.64 -3.64 -5.20
C GLN A 125 -2.64 -4.80 -5.13
N ILE A 126 -3.64 -4.65 -4.26
CA ILE A 126 -4.66 -5.68 -4.12
C ILE A 126 -5.39 -5.88 -5.44
N ASN A 127 -5.64 -4.78 -6.15
CA ASN A 127 -6.33 -4.85 -7.43
C ASN A 127 -5.53 -5.69 -8.43
N PHE A 128 -4.22 -5.50 -8.44
CA PHE A 128 -3.36 -6.26 -9.34
C PHE A 128 -3.49 -7.75 -9.09
N SER A 129 -3.28 -8.16 -7.85
CA SER A 129 -3.38 -9.57 -7.48
C SER A 129 -4.67 -10.17 -8.03
N LYS A 130 -5.72 -9.36 -8.08
CA LYS A 130 -7.01 -9.83 -8.58
C LYS A 130 -6.87 -10.34 -10.01
N CYS A 131 -6.16 -9.59 -10.84
CA CYS A 131 -5.96 -9.99 -12.23
C CYS A 131 -4.90 -11.07 -12.34
N LEU A 132 -3.86 -10.95 -11.54
CA LEU A 132 -2.77 -11.93 -11.56
C LEU A 132 -3.29 -13.30 -11.17
N GLU A 133 -4.44 -13.33 -10.51
CA GLU A 133 -5.04 -14.60 -10.08
C GLU A 133 -5.31 -15.48 -11.30
N ASN A 134 -5.77 -14.86 -12.39
CA ASN A 134 -6.07 -15.61 -13.61
C ASN A 134 -5.55 -14.86 -14.83
N VAL A 135 -4.39 -15.27 -15.33
CA VAL A 135 -3.80 -14.63 -16.49
C VAL A 135 -3.14 -15.66 -17.39
N ASP A 136 -2.37 -16.56 -16.79
CA ASP A 136 -1.68 -17.60 -17.54
C ASP A 136 -2.35 -18.95 -17.34
N PRO A 137 -3.05 -19.43 -18.33
CA PRO A 137 -3.76 -20.74 -18.26
C PRO A 137 -2.81 -21.89 -17.92
N LEU A 138 -3.29 -22.83 -17.11
CA LEU A 138 -2.49 -23.97 -16.72
C LEU A 138 -2.40 -24.98 -17.86
N ARG A 139 -3.29 -24.84 -18.84
CA ARG A 139 -3.30 -25.74 -19.98
C ARG A 139 -2.58 -25.12 -21.17
N GLN A 140 -1.35 -24.64 -20.93
CA GLN A 140 -0.56 -24.02 -21.98
C GLN A 140 0.56 -24.95 -22.44
N GLU A 141 0.66 -25.16 -23.74
CA GLU A 141 1.69 -26.03 -24.30
C GLU A 141 1.68 -27.39 -23.60
#